data_5J7N
# 
_entry.id   5J7N 
# 
_audit_conform.dict_name       mmcif_pdbx.dic 
_audit_conform.dict_version    5.379 
_audit_conform.dict_location   http://mmcif.pdb.org/dictionaries/ascii/mmcif_pdbx.dic 
# 
loop_
_database_2.database_id 
_database_2.database_code 
_database_2.pdbx_database_accession 
_database_2.pdbx_DOI 
PDB   5J7N         pdb_00005j7n 10.2210/pdb5j7n/pdb 
WWPDB D_1000220021 ?            ?                   
# 
_pdbx_database_status.status_code                     REL 
_pdbx_database_status.status_code_sf                  REL 
_pdbx_database_status.status_code_mr                  ? 
_pdbx_database_status.entry_id                        5J7N 
_pdbx_database_status.recvd_initial_deposition_date   2016-04-06 
_pdbx_database_status.SG_entry                        N 
_pdbx_database_status.deposit_site                    RCSB 
_pdbx_database_status.process_site                    RCSB 
_pdbx_database_status.status_code_cs                  ? 
_pdbx_database_status.methods_development_category    ? 
_pdbx_database_status.pdb_format_compatible           Y 
_pdbx_database_status.status_code_nmr_data            ? 
# 
loop_
_audit_author.name 
_audit_author.pdbx_ordinal 
_audit_author.identifier_ORCID 
'Fonseca, E.M.B.'  1 ? 
'Scorsato, V.'     2 ? 
'dos Santos, C.A.' 3 ? 
'Tomazini Jr., A.' 4 ? 
'Aparicio, R.'     5 ? 
'Polikarpov, I.'   6 ? 
# 
_citation.abstract                  ? 
_citation.abstract_id_CAS           ? 
_citation.book_id_ISBN              ? 
_citation.book_publisher            ? 
_citation.book_publisher_city       ? 
_citation.book_title                ? 
_citation.coordinate_linkage        ? 
_citation.country                   US 
_citation.database_id_Medline       ? 
_citation.details                   ? 
_citation.id                        primary 
_citation.journal_abbrev            'Acta Crystallogr F Struct Biol Commun' 
_citation.journal_id_ASTM           ACSFEN 
_citation.journal_id_CSD            ? 
_citation.journal_id_ISSN           2053-230X 
_citation.journal_full              ? 
_citation.journal_issue             ? 
_citation.journal_volume            73 
_citation.language                  ? 
_citation.page_first                222 
_citation.page_last                 227 
_citation.title                     
'Crystal structure of a small heat-shock protein from Xylella fastidiosa reveals a distinct high-order structure.' 
_citation.year                      2017 
_citation.database_id_CSD           ? 
_citation.pdbx_database_id_DOI      10.1107/S2053230X17004101 
_citation.pdbx_database_id_PubMed   28368281 
_citation.unpublished_flag          ? 
# 
loop_
_citation_author.citation_id 
_citation_author.name 
_citation_author.ordinal 
_citation_author.identifier_ORCID 
primary 'Fonseca, E.M.'    1  ? 
primary 'Scorsato, V.'     2  ? 
primary 'Dos Santos, M.L.' 3  ? 
primary 'Junior, A.T.'     4  ? 
primary 'Tada, S.F.'       5  ? 
primary 'Dos Santos, C.A.' 6  ? 
primary 'de Toledo, M.A.'  7  ? 
primary 'de Souza, A.P.'   8  ? 
primary 'Polikarpov, I.'   9  ? 
primary 'Aparicio, R.'     10 ? 
# 
_cell.entry_id           5J7N 
_cell.length_a           68.940 
_cell.length_b           68.940 
_cell.length_c           72.490 
_cell.angle_alpha        90.00 
_cell.angle_beta         90.00 
_cell.angle_gamma        90.00 
_cell.Z_PDB              8 
_cell.pdbx_unique_axis   ? 
# 
_symmetry.entry_id                         5J7N 
_symmetry.space_group_name_H-M             'P 43 2 2' 
_symmetry.pdbx_full_space_group_name_H-M   ? 
_symmetry.cell_setting                     ? 
_symmetry.Int_Tables_number                95 
# 
_entity.id                         1 
_entity.type                       polymer 
_entity.src_method                 man 
_entity.pdbx_description           'Low molecular weight heat shock protein' 
_entity.formula_weight             17880.926 
_entity.pdbx_number_of_molecules   1 
_entity.pdbx_ec                    ? 
_entity.pdbx_mutation              ? 
_entity.pdbx_fragment              ? 
_entity.details                    ? 
# 
_entity_poly.entity_id                      1 
_entity_poly.type                           'polypeptide(L)' 
_entity_poly.nstd_linkage                   no 
_entity_poly.nstd_monomer                   no 
_entity_poly.pdbx_seq_one_letter_code       
;MNVVRYTPWPGQAALQNEIKQVFDRFFEHNGDTDESAVVTAQWVPRVDIKEEPNQFVLYADLPGIDPADIEVQMDKGILS
IKGERKTESSSQTEHFSRIERRYGSFHRRFALPDSADADGITASGSHGVLSIFIPKRAATTPRRIQVGNAVSNDVALQSM
;
_entity_poly.pdbx_seq_one_letter_code_can   
;MNVVRYTPWPGQAALQNEIKQVFDRFFEHNGDTDESAVVTAQWVPRVDIKEEPNQFVLYADLPGIDPADIEVQMDKGILS
IKGERKTESSSQTEHFSRIERRYGSFHRRFALPDSADADGITASGSHGVLSIFIPKRAATTPRRIQVGNAVSNDVALQSM
;
_entity_poly.pdbx_strand_id                 A 
_entity_poly.pdbx_target_identifier         ? 
# 
loop_
_entity_poly_seq.entity_id 
_entity_poly_seq.num 
_entity_poly_seq.mon_id 
_entity_poly_seq.hetero 
1 1   MET n 
1 2   ASN n 
1 3   VAL n 
1 4   VAL n 
1 5   ARG n 
1 6   TYR n 
1 7   THR n 
1 8   PRO n 
1 9   TRP n 
1 10  PRO n 
1 11  GLY n 
1 12  GLN n 
1 13  ALA n 
1 14  ALA n 
1 15  LEU n 
1 16  GLN n 
1 17  ASN n 
1 18  GLU n 
1 19  ILE n 
1 20  LYS n 
1 21  GLN n 
1 22  VAL n 
1 23  PHE n 
1 24  ASP n 
1 25  ARG n 
1 26  PHE n 
1 27  PHE n 
1 28  GLU n 
1 29  HIS n 
1 30  ASN n 
1 31  GLY n 
1 32  ASP n 
1 33  THR n 
1 34  ASP n 
1 35  GLU n 
1 36  SER n 
1 37  ALA n 
1 38  VAL n 
1 39  VAL n 
1 40  THR n 
1 41  ALA n 
1 42  GLN n 
1 43  TRP n 
1 44  VAL n 
1 45  PRO n 
1 46  ARG n 
1 47  VAL n 
1 48  ASP n 
1 49  ILE n 
1 50  LYS n 
1 51  GLU n 
1 52  GLU n 
1 53  PRO n 
1 54  ASN n 
1 55  GLN n 
1 56  PHE n 
1 57  VAL n 
1 58  LEU n 
1 59  TYR n 
1 60  ALA n 
1 61  ASP n 
1 62  LEU n 
1 63  PRO n 
1 64  GLY n 
1 65  ILE n 
1 66  ASP n 
1 67  PRO n 
1 68  ALA n 
1 69  ASP n 
1 70  ILE n 
1 71  GLU n 
1 72  VAL n 
1 73  GLN n 
1 74  MET n 
1 75  ASP n 
1 76  LYS n 
1 77  GLY n 
1 78  ILE n 
1 79  LEU n 
1 80  SER n 
1 81  ILE n 
1 82  LYS n 
1 83  GLY n 
1 84  GLU n 
1 85  ARG n 
1 86  LYS n 
1 87  THR n 
1 88  GLU n 
1 89  SER n 
1 90  SER n 
1 91  SER n 
1 92  GLN n 
1 93  THR n 
1 94  GLU n 
1 95  HIS n 
1 96  PHE n 
1 97  SER n 
1 98  ARG n 
1 99  ILE n 
1 100 GLU n 
1 101 ARG n 
1 102 ARG n 
1 103 TYR n 
1 104 GLY n 
1 105 SER n 
1 106 PHE n 
1 107 HIS n 
1 108 ARG n 
1 109 ARG n 
1 110 PHE n 
1 111 ALA n 
1 112 LEU n 
1 113 PRO n 
1 114 ASP n 
1 115 SER n 
1 116 ALA n 
1 117 ASP n 
1 118 ALA n 
1 119 ASP n 
1 120 GLY n 
1 121 ILE n 
1 122 THR n 
1 123 ALA n 
1 124 SER n 
1 125 GLY n 
1 126 SER n 
1 127 HIS n 
1 128 GLY n 
1 129 VAL n 
1 130 LEU n 
1 131 SER n 
1 132 ILE n 
1 133 PHE n 
1 134 ILE n 
1 135 PRO n 
1 136 LYS n 
1 137 ARG n 
1 138 ALA n 
1 139 ALA n 
1 140 THR n 
1 141 THR n 
1 142 PRO n 
1 143 ARG n 
1 144 ARG n 
1 145 ILE n 
1 146 GLN n 
1 147 VAL n 
1 148 GLY n 
1 149 ASN n 
1 150 ALA n 
1 151 VAL n 
1 152 SER n 
1 153 ASN n 
1 154 ASP n 
1 155 VAL n 
1 156 ALA n 
1 157 LEU n 
1 158 GLN n 
1 159 SER n 
1 160 MET n 
# 
_entity_src_gen.entity_id                          1 
_entity_src_gen.pdbx_src_id                        1 
_entity_src_gen.pdbx_alt_source_flag               sample 
_entity_src_gen.pdbx_seq_type                      'Biological sequence' 
_entity_src_gen.pdbx_beg_seq_num                   1 
_entity_src_gen.pdbx_end_seq_num                   160 
_entity_src_gen.gene_src_common_name               ? 
_entity_src_gen.gene_src_genus                     ? 
_entity_src_gen.pdbx_gene_src_gene                 XF_2234 
_entity_src_gen.gene_src_species                   ? 
_entity_src_gen.gene_src_strain                    9a5c 
_entity_src_gen.gene_src_tissue                    ? 
_entity_src_gen.gene_src_tissue_fraction           ? 
_entity_src_gen.gene_src_details                   ? 
_entity_src_gen.pdbx_gene_src_fragment             ? 
_entity_src_gen.pdbx_gene_src_scientific_name      'Xylella fastidiosa (strain 9a5c)' 
_entity_src_gen.pdbx_gene_src_ncbi_taxonomy_id     160492 
_entity_src_gen.pdbx_gene_src_variant              ? 
_entity_src_gen.pdbx_gene_src_cell_line            ? 
_entity_src_gen.pdbx_gene_src_atcc                 ? 
_entity_src_gen.pdbx_gene_src_organ                ? 
_entity_src_gen.pdbx_gene_src_organelle            ? 
_entity_src_gen.pdbx_gene_src_cell                 ? 
_entity_src_gen.pdbx_gene_src_cellular_location    ? 
_entity_src_gen.host_org_common_name               ? 
_entity_src_gen.pdbx_host_org_scientific_name      'Escherichia coli' 
_entity_src_gen.pdbx_host_org_ncbi_taxonomy_id     562 
_entity_src_gen.host_org_genus                     ? 
_entity_src_gen.pdbx_host_org_gene                 ? 
_entity_src_gen.pdbx_host_org_organ                ? 
_entity_src_gen.host_org_species                   ? 
_entity_src_gen.pdbx_host_org_tissue               ? 
_entity_src_gen.pdbx_host_org_tissue_fraction      ? 
_entity_src_gen.pdbx_host_org_strain               ? 
_entity_src_gen.pdbx_host_org_variant              ? 
_entity_src_gen.pdbx_host_org_cell_line            ? 
_entity_src_gen.pdbx_host_org_atcc                 ? 
_entity_src_gen.pdbx_host_org_culture_collection   ? 
_entity_src_gen.pdbx_host_org_cell                 ? 
_entity_src_gen.pdbx_host_org_organelle            ? 
_entity_src_gen.pdbx_host_org_cellular_location    ? 
_entity_src_gen.pdbx_host_org_vector_type          ? 
_entity_src_gen.pdbx_host_org_vector               ? 
_entity_src_gen.host_org_details                   ? 
_entity_src_gen.expression_system_id               ? 
_entity_src_gen.plasmid_name                       ? 
_entity_src_gen.plasmid_details                    ? 
_entity_src_gen.pdbx_description                   ? 
# 
_struct_ref.id                         1 
_struct_ref.db_name                    UNP 
_struct_ref.db_code                    Q9PBB0_XYLFA 
_struct_ref.pdbx_db_accession          Q9PBB0 
_struct_ref.pdbx_db_isoform            ? 
_struct_ref.entity_id                  1 
_struct_ref.pdbx_seq_one_letter_code   
;MNVVRYTPWPGQAALQNEIKQVFDRFFEHNGDTDESAVVTAQWVPRVDIKEEPNQFVLYADLPGIDPADIEVQMDKGILS
IKGERKTESSSQTEHFSRIERRYGSFHRRFALPDSADADGITASGSHGVLSIFIPKRAATTPRRIQVGNAVSNDVALQSM

;
_struct_ref.pdbx_align_begin           1 
# 
_struct_ref_seq.align_id                      1 
_struct_ref_seq.ref_id                        1 
_struct_ref_seq.pdbx_PDB_id_code              5J7N 
_struct_ref_seq.pdbx_strand_id                A 
_struct_ref_seq.seq_align_beg                 1 
_struct_ref_seq.pdbx_seq_align_beg_ins_code   ? 
_struct_ref_seq.seq_align_end                 160 
_struct_ref_seq.pdbx_seq_align_end_ins_code   ? 
_struct_ref_seq.pdbx_db_accession             Q9PBB0 
_struct_ref_seq.db_align_beg                  1 
_struct_ref_seq.pdbx_db_align_beg_ins_code    ? 
_struct_ref_seq.db_align_end                  160 
_struct_ref_seq.pdbx_db_align_end_ins_code    ? 
_struct_ref_seq.pdbx_auth_seq_align_beg       1 
_struct_ref_seq.pdbx_auth_seq_align_end       160 
# 
loop_
_chem_comp.id 
_chem_comp.type 
_chem_comp.mon_nstd_flag 
_chem_comp.name 
_chem_comp.pdbx_synonyms 
_chem_comp.formula 
_chem_comp.formula_weight 
ALA 'L-peptide linking' y ALANINE         ? 'C3 H7 N O2'     89.093  
ARG 'L-peptide linking' y ARGININE        ? 'C6 H15 N4 O2 1' 175.209 
ASN 'L-peptide linking' y ASPARAGINE      ? 'C4 H8 N2 O3'    132.118 
ASP 'L-peptide linking' y 'ASPARTIC ACID' ? 'C4 H7 N O4'     133.103 
GLN 'L-peptide linking' y GLUTAMINE       ? 'C5 H10 N2 O3'   146.144 
GLU 'L-peptide linking' y 'GLUTAMIC ACID' ? 'C5 H9 N O4'     147.129 
GLY 'peptide linking'   y GLYCINE         ? 'C2 H5 N O2'     75.067  
HIS 'L-peptide linking' y HISTIDINE       ? 'C6 H10 N3 O2 1' 156.162 
ILE 'L-peptide linking' y ISOLEUCINE      ? 'C6 H13 N O2'    131.173 
LEU 'L-peptide linking' y LEUCINE         ? 'C6 H13 N O2'    131.173 
LYS 'L-peptide linking' y LYSINE          ? 'C6 H15 N2 O2 1' 147.195 
MET 'L-peptide linking' y METHIONINE      ? 'C5 H11 N O2 S'  149.211 
PHE 'L-peptide linking' y PHENYLALANINE   ? 'C9 H11 N O2'    165.189 
PRO 'L-peptide linking' y PROLINE         ? 'C5 H9 N O2'     115.130 
SER 'L-peptide linking' y SERINE          ? 'C3 H7 N O3'     105.093 
THR 'L-peptide linking' y THREONINE       ? 'C4 H9 N O3'     119.119 
TRP 'L-peptide linking' y TRYPTOPHAN      ? 'C11 H12 N2 O2'  204.225 
TYR 'L-peptide linking' y TYROSINE        ? 'C9 H11 N O3'    181.189 
VAL 'L-peptide linking' y VALINE          ? 'C5 H11 N O2'    117.146 
# 
_exptl.absorpt_coefficient_mu     ? 
_exptl.absorpt_correction_T_max   ? 
_exptl.absorpt_correction_T_min   ? 
_exptl.absorpt_correction_type    ? 
_exptl.absorpt_process_details    ? 
_exptl.entry_id                   5J7N 
_exptl.crystals_number            1 
_exptl.details                    ? 
_exptl.method                     'X-RAY DIFFRACTION' 
_exptl.method_details             ? 
# 
_exptl_crystal.colour                      ? 
_exptl_crystal.density_diffrn              ? 
_exptl_crystal.density_Matthews            2.41 
_exptl_crystal.density_method              ? 
_exptl_crystal.density_percent_sol         48.93 
_exptl_crystal.description                 ? 
_exptl_crystal.F_000                       ? 
_exptl_crystal.id                          1 
_exptl_crystal.preparation                 ? 
_exptl_crystal.size_max                    ? 
_exptl_crystal.size_mid                    ? 
_exptl_crystal.size_min                    ? 
_exptl_crystal.size_rad                    ? 
_exptl_crystal.colour_lustre               ? 
_exptl_crystal.colour_modifier             ? 
_exptl_crystal.colour_primary              ? 
_exptl_crystal.density_meas                ? 
_exptl_crystal.density_meas_esd            ? 
_exptl_crystal.density_meas_gt             ? 
_exptl_crystal.density_meas_lt             ? 
_exptl_crystal.density_meas_temp           ? 
_exptl_crystal.density_meas_temp_esd       ? 
_exptl_crystal.density_meas_temp_gt        ? 
_exptl_crystal.density_meas_temp_lt        ? 
_exptl_crystal.pdbx_crystal_image_url      ? 
_exptl_crystal.pdbx_crystal_image_format   ? 
_exptl_crystal.pdbx_mosaicity              ? 
_exptl_crystal.pdbx_mosaicity_esd          ? 
# 
_exptl_crystal_grow.apparatus       ? 
_exptl_crystal_grow.atmosphere      ? 
_exptl_crystal_grow.crystal_id      1 
_exptl_crystal_grow.details         ? 
_exptl_crystal_grow.method          'VAPOR DIFFUSION, HANGING DROP' 
_exptl_crystal_grow.method_ref      ? 
_exptl_crystal_grow.pH              ? 
_exptl_crystal_grow.pressure        ? 
_exptl_crystal_grow.pressure_esd    ? 
_exptl_crystal_grow.seeding         ? 
_exptl_crystal_grow.seeding_ref     ? 
_exptl_crystal_grow.temp            291 
_exptl_crystal_grow.temp_details    ? 
_exptl_crystal_grow.temp_esd        ? 
_exptl_crystal_grow.time            ? 
_exptl_crystal_grow.pdbx_details    '0.1 M HEPES sodium salt pH 7.5, 0.3 M sodium citrate, 20% 2-propanol, 15% ethylene glycol' 
_exptl_crystal_grow.pdbx_pH_range   ? 
# 
_diffrn.ambient_environment    ? 
_diffrn.ambient_temp           100 
_diffrn.ambient_temp_details   ? 
_diffrn.ambient_temp_esd       ? 
_diffrn.crystal_id             1 
_diffrn.crystal_support        ? 
_diffrn.crystal_treatment      ? 
_diffrn.details                ? 
_diffrn.id                     1 
_diffrn.ambient_pressure       ? 
_diffrn.ambient_pressure_esd   ? 
_diffrn.ambient_pressure_gt    ? 
_diffrn.ambient_pressure_lt    ? 
_diffrn.ambient_temp_gt        ? 
_diffrn.ambient_temp_lt        ? 
# 
_diffrn_detector.details                      ? 
_diffrn_detector.detector                     CCD 
_diffrn_detector.diffrn_id                    1 
_diffrn_detector.type                         'MARMOSAIC 225 mm CCD' 
_diffrn_detector.area_resol_mean              ? 
_diffrn_detector.dtime                        ? 
_diffrn_detector.pdbx_frames_total            ? 
_diffrn_detector.pdbx_collection_time_total   ? 
_diffrn_detector.pdbx_collection_date         2009-09-07 
# 
_diffrn_radiation.collimation                      ? 
_diffrn_radiation.diffrn_id                        1 
_diffrn_radiation.filter_edge                      ? 
_diffrn_radiation.inhomogeneity                    ? 
_diffrn_radiation.monochromator                    ? 
_diffrn_radiation.polarisn_norm                    ? 
_diffrn_radiation.polarisn_ratio                   ? 
_diffrn_radiation.probe                            ? 
_diffrn_radiation.type                             ? 
_diffrn_radiation.xray_symbol                      ? 
_diffrn_radiation.wavelength_id                    1 
_diffrn_radiation.pdbx_monochromatic_or_laue_m_l   M 
_diffrn_radiation.pdbx_wavelength_list             ? 
_diffrn_radiation.pdbx_wavelength                  ? 
_diffrn_radiation.pdbx_diffrn_protocol             'SINGLE WAVELENGTH' 
_diffrn_radiation.pdbx_analyzer                    ? 
_diffrn_radiation.pdbx_scattering_type             x-ray 
# 
_diffrn_radiation_wavelength.id           1 
_diffrn_radiation_wavelength.wavelength   1.45860 
_diffrn_radiation_wavelength.wt           1.0 
# 
_diffrn_source.current                     ? 
_diffrn_source.details                     ? 
_diffrn_source.diffrn_id                   1 
_diffrn_source.power                       ? 
_diffrn_source.size                        ? 
_diffrn_source.source                      SYNCHROTRON 
_diffrn_source.target                      ? 
_diffrn_source.type                        'LNLS BEAMLINE W01B-MX2' 
_diffrn_source.voltage                     ? 
_diffrn_source.take-off_angle              ? 
_diffrn_source.pdbx_wavelength_list        1.45860 
_diffrn_source.pdbx_wavelength             ? 
_diffrn_source.pdbx_synchrotron_beamline   W01B-MX2 
_diffrn_source.pdbx_synchrotron_site       LNLS 
# 
_reflns.B_iso_Wilson_estimate            ? 
_reflns.entry_id                         5J7N 
_reflns.data_reduction_details           ? 
_reflns.data_reduction_method            ? 
_reflns.d_resolution_high                2.9 
_reflns.d_resolution_low                 68.94 
_reflns.details                          ? 
_reflns.limit_h_max                      ? 
_reflns.limit_h_min                      ? 
_reflns.limit_k_max                      ? 
_reflns.limit_k_min                      ? 
_reflns.limit_l_max                      ? 
_reflns.limit_l_min                      ? 
_reflns.number_all                       ? 
_reflns.number_obs                       4089 
_reflns.observed_criterion               ? 
_reflns.observed_criterion_F_max         ? 
_reflns.observed_criterion_F_min         ? 
_reflns.observed_criterion_I_max         ? 
_reflns.observed_criterion_I_min         ? 
_reflns.observed_criterion_sigma_F       ? 
_reflns.observed_criterion_sigma_I       ? 
_reflns.percent_possible_obs             98 
_reflns.R_free_details                   ? 
_reflns.Rmerge_F_all                     ? 
_reflns.Rmerge_F_obs                     ? 
_reflns.Friedel_coverage                 ? 
_reflns.number_gt                        ? 
_reflns.threshold_expression             ? 
_reflns.pdbx_redundancy                  18.6 
_reflns.pdbx_Rmerge_I_obs                0.115 
_reflns.pdbx_Rmerge_I_all                ? 
_reflns.pdbx_Rsym_value                  ? 
_reflns.pdbx_netI_over_av_sigmaI         ? 
_reflns.pdbx_netI_over_sigmaI            17.3 
_reflns.pdbx_res_netI_over_av_sigmaI_2   ? 
_reflns.pdbx_res_netI_over_sigmaI_2      ? 
_reflns.pdbx_chi_squared                 ? 
_reflns.pdbx_scaling_rejects             ? 
_reflns.pdbx_d_res_high_opt              ? 
_reflns.pdbx_d_res_low_opt               ? 
_reflns.pdbx_d_res_opt_method            ? 
_reflns.phase_calculation_details        ? 
_reflns.pdbx_Rrim_I_all                  ? 
_reflns.pdbx_Rpim_I_all                  ? 
_reflns.pdbx_d_opt                       ? 
_reflns.pdbx_number_measured_all         ? 
_reflns.pdbx_diffrn_id                   1 
_reflns.pdbx_ordinal                     1 
_reflns.pdbx_CC_half                     ? 
_reflns.pdbx_R_split                     ? 
# 
_reflns_shell.d_res_high                  2.9 
_reflns_shell.d_res_low                   3.0 
_reflns_shell.meanI_over_sigI_all         ? 
_reflns_shell.meanI_over_sigI_obs         3.5 
_reflns_shell.number_measured_all         ? 
_reflns_shell.number_measured_obs         ? 
_reflns_shell.number_possible             ? 
_reflns_shell.number_unique_all           ? 
_reflns_shell.number_unique_obs           ? 
_reflns_shell.percent_possible_all        97.5 
_reflns_shell.percent_possible_obs        ? 
_reflns_shell.Rmerge_F_all                ? 
_reflns_shell.Rmerge_F_obs                ? 
_reflns_shell.Rmerge_I_all                ? 
_reflns_shell.Rmerge_I_obs                0.673 
_reflns_shell.meanI_over_sigI_gt          ? 
_reflns_shell.meanI_over_uI_all           ? 
_reflns_shell.meanI_over_uI_gt            ? 
_reflns_shell.number_measured_gt          ? 
_reflns_shell.number_unique_gt            ? 
_reflns_shell.percent_possible_gt         ? 
_reflns_shell.Rmerge_F_gt                 ? 
_reflns_shell.Rmerge_I_gt                 ? 
_reflns_shell.pdbx_redundancy             19.3 
_reflns_shell.pdbx_Rsym_value             ? 
_reflns_shell.pdbx_chi_squared            ? 
_reflns_shell.pdbx_netI_over_sigmaI_all   ? 
_reflns_shell.pdbx_netI_over_sigmaI_obs   ? 
_reflns_shell.pdbx_Rrim_I_all             ? 
_reflns_shell.pdbx_Rpim_I_all             ? 
_reflns_shell.pdbx_rejects                ? 
_reflns_shell.pdbx_ordinal                1 
_reflns_shell.pdbx_diffrn_id              1 
_reflns_shell.pdbx_CC_half                ? 
_reflns_shell.pdbx_R_split                ? 
# 
_refine.pdbx_refine_id                           'X-RAY DIFFRACTION' 
_refine.entry_id                                 5J7N 
_refine.pdbx_diffrn_id                           1 
_refine.pdbx_TLS_residual_ADP_flag               ? 
_refine.ls_number_reflns_obs                     4085 
_refine.ls_number_reflns_all                     ? 
_refine.pdbx_ls_sigma_I                          ? 
_refine.pdbx_ls_sigma_F                          1.39 
_refine.pdbx_data_cutoff_high_absF               ? 
_refine.pdbx_data_cutoff_low_absF                ? 
_refine.pdbx_data_cutoff_high_rms_absF           ? 
_refine.ls_d_res_low                             40.452 
_refine.ls_d_res_high                            2.900 
_refine.ls_percent_reflns_obs                    97.29 
_refine.ls_R_factor_obs                          0.2131 
_refine.ls_R_factor_all                          ? 
_refine.ls_R_factor_R_work                       0.2122 
_refine.ls_R_factor_R_free                       0.2300 
_refine.ls_R_factor_R_free_error                 ? 
_refine.ls_R_factor_R_free_error_details         ? 
_refine.ls_percent_reflns_R_free                 4.48 
_refine.ls_number_reflns_R_free                  183 
_refine.ls_number_parameters                     ? 
_refine.ls_number_restraints                     ? 
_refine.occupancy_min                            ? 
_refine.occupancy_max                            ? 
_refine.correlation_coeff_Fo_to_Fc               ? 
_refine.correlation_coeff_Fo_to_Fc_free          ? 
_refine.B_iso_mean                               ? 
_refine.aniso_B[1][1]                            ? 
_refine.aniso_B[2][2]                            ? 
_refine.aniso_B[3][3]                            ? 
_refine.aniso_B[1][2]                            ? 
_refine.aniso_B[1][3]                            ? 
_refine.aniso_B[2][3]                            ? 
_refine.solvent_model_details                    'FLAT BULK SOLVENT MODEL' 
_refine.solvent_model_param_ksol                 ? 
_refine.solvent_model_param_bsol                 ? 
_refine.pdbx_solvent_vdw_probe_radii             1.11 
_refine.pdbx_solvent_ion_probe_radii             ? 
_refine.pdbx_solvent_shrinkage_radii             0.90 
_refine.pdbx_ls_cross_valid_method               THROUGHOUT 
_refine.details                                  ? 
_refine.pdbx_starting_model                      3GLA 
_refine.pdbx_method_to_determine_struct          'MOLECULAR REPLACEMENT' 
_refine.pdbx_isotropic_thermal_model             ? 
_refine.pdbx_stereochemistry_target_values       ML 
_refine.pdbx_stereochem_target_val_spec_case     ? 
_refine.pdbx_R_Free_selection_details            RANDOM 
_refine.pdbx_overall_ESU_R                       ? 
_refine.pdbx_overall_ESU_R_Free                  ? 
_refine.overall_SU_ML                            0.00 
_refine.pdbx_overall_phase_error                 20.33 
_refine.overall_SU_B                             ? 
_refine.overall_SU_R_Cruickshank_DPI             ? 
_refine.pdbx_overall_SU_R_free_Cruickshank_DPI   ? 
_refine.pdbx_overall_SU_R_Blow_DPI               ? 
_refine.pdbx_overall_SU_R_free_Blow_DPI          ? 
# 
_refine_hist.pdbx_refine_id                   'X-RAY DIFFRACTION' 
_refine_hist.cycle_id                         LAST 
_refine_hist.pdbx_number_atoms_protein        858 
_refine_hist.pdbx_number_atoms_nucleic_acid   0 
_refine_hist.pdbx_number_atoms_ligand         0 
_refine_hist.number_atoms_solvent             0 
_refine_hist.number_atoms_total               858 
_refine_hist.d_res_high                       2.900 
_refine_hist.d_res_low                        40.452 
# 
loop_
_refine_ls_restr.type 
_refine_ls_restr.dev_ideal 
_refine_ls_restr.dev_ideal_target 
_refine_ls_restr.weight 
_refine_ls_restr.number 
_refine_ls_restr.pdbx_refine_id 
_refine_ls_restr.pdbx_restraint_function 
f_bond_d           0.010  ? ? 876  'X-RAY DIFFRACTION' ? 
f_angle_d          1.208  ? ? 1184 'X-RAY DIFFRACTION' ? 
f_dihedral_angle_d 19.037 ? ? 536  'X-RAY DIFFRACTION' ? 
f_chiral_restr     0.061  ? ? 127  'X-RAY DIFFRACTION' ? 
f_plane_restr      0.009  ? ? 159  'X-RAY DIFFRACTION' ? 
# 
_struct.entry_id                     5J7N 
_struct.title                        
'Crystal structure of a small heat-shock protein from Xylella fastidiosa reveals a distinct high order structure' 
_struct.pdbx_model_details           ? 
_struct.pdbx_formula_weight          ? 
_struct.pdbx_formula_weight_method   ? 
_struct.pdbx_model_type_details      ? 
_struct.pdbx_CASP_flag               N 
# 
_struct_keywords.entry_id        5J7N 
_struct_keywords.text            
'Small heat shock protein, Xylella fastidiosa, alpha-crystallin domain, citrus variegated chlorosis, CHAPERONE' 
_struct_keywords.pdbx_keywords   CHAPERONE 
# 
_struct_asym.id                            A 
_struct_asym.pdbx_blank_PDB_chainid_flag   N 
_struct_asym.pdbx_modified                 N 
_struct_asym.entity_id                     1 
_struct_asym.details                       ? 
# 
loop_
_struct_conf.conf_type_id 
_struct_conf.id 
_struct_conf.pdbx_PDB_helix_id 
_struct_conf.beg_label_comp_id 
_struct_conf.beg_label_asym_id 
_struct_conf.beg_label_seq_id 
_struct_conf.pdbx_beg_PDB_ins_code 
_struct_conf.end_label_comp_id 
_struct_conf.end_label_asym_id 
_struct_conf.end_label_seq_id 
_struct_conf.pdbx_end_PDB_ins_code 
_struct_conf.beg_auth_comp_id 
_struct_conf.beg_auth_asym_id 
_struct_conf.beg_auth_seq_id 
_struct_conf.end_auth_comp_id 
_struct_conf.end_auth_asym_id 
_struct_conf.end_auth_seq_id 
_struct_conf.pdbx_PDB_helix_class 
_struct_conf.details 
_struct_conf.pdbx_PDB_helix_length 
HELX_P HELX_P1 AA1 ASP A 66  ? ILE A 70  ? ASP A 66  ILE A 70  5 ? 5 
HELX_P HELX_P2 AA2 GLN A 92  ? PHE A 96  ? GLN A 92  PHE A 96  5 ? 5 
HELX_P HELX_P3 AA3 ASP A 117 ? ILE A 121 ? ASP A 117 ILE A 121 5 ? 5 
# 
_struct_conf_type.id          HELX_P 
_struct_conf_type.criteria    ? 
_struct_conf_type.reference   ? 
# 
loop_
_struct_sheet.id 
_struct_sheet.type 
_struct_sheet.number_strands 
_struct_sheet.details 
AA1 ? 4 ? 
AA2 ? 3 ? 
# 
loop_
_struct_sheet_order.sheet_id 
_struct_sheet_order.range_id_1 
_struct_sheet_order.range_id_2 
_struct_sheet_order.offset 
_struct_sheet_order.sense 
AA1 1 2 ? anti-parallel 
AA1 2 3 ? anti-parallel 
AA1 3 4 ? anti-parallel 
AA2 1 2 ? anti-parallel 
AA2 2 3 ? anti-parallel 
# 
loop_
_struct_sheet_range.sheet_id 
_struct_sheet_range.id 
_struct_sheet_range.beg_label_comp_id 
_struct_sheet_range.beg_label_asym_id 
_struct_sheet_range.beg_label_seq_id 
_struct_sheet_range.pdbx_beg_PDB_ins_code 
_struct_sheet_range.end_label_comp_id 
_struct_sheet_range.end_label_asym_id 
_struct_sheet_range.end_label_seq_id 
_struct_sheet_range.pdbx_end_PDB_ins_code 
_struct_sheet_range.beg_auth_comp_id 
_struct_sheet_range.beg_auth_asym_id 
_struct_sheet_range.beg_auth_seq_id 
_struct_sheet_range.end_auth_comp_id 
_struct_sheet_range.end_auth_asym_id 
_struct_sheet_range.end_auth_seq_id 
AA1 1 VAL A 47  ? GLU A 51  ? VAL A 47  GLU A 51  
AA1 2 GLN A 55  ? ASP A 61  ? GLN A 55  ASP A 61  
AA1 3 VAL A 129 ? PRO A 135 ? VAL A 129 PRO A 135 
AA1 4 THR A 122 ? SER A 126 ? THR A 122 SER A 126 
AA2 1 GLU A 71  ? ASP A 75  ? GLU A 71  ASP A 75  
AA2 2 ILE A 78  ? ARG A 85  ? ILE A 78  ARG A 85  
AA2 3 GLY A 104 ? ALA A 111 ? GLY A 104 ALA A 111 
# 
loop_
_pdbx_struct_sheet_hbond.sheet_id 
_pdbx_struct_sheet_hbond.range_id_1 
_pdbx_struct_sheet_hbond.range_id_2 
_pdbx_struct_sheet_hbond.range_1_label_atom_id 
_pdbx_struct_sheet_hbond.range_1_label_comp_id 
_pdbx_struct_sheet_hbond.range_1_label_asym_id 
_pdbx_struct_sheet_hbond.range_1_label_seq_id 
_pdbx_struct_sheet_hbond.range_1_PDB_ins_code 
_pdbx_struct_sheet_hbond.range_1_auth_atom_id 
_pdbx_struct_sheet_hbond.range_1_auth_comp_id 
_pdbx_struct_sheet_hbond.range_1_auth_asym_id 
_pdbx_struct_sheet_hbond.range_1_auth_seq_id 
_pdbx_struct_sheet_hbond.range_2_label_atom_id 
_pdbx_struct_sheet_hbond.range_2_label_comp_id 
_pdbx_struct_sheet_hbond.range_2_label_asym_id 
_pdbx_struct_sheet_hbond.range_2_label_seq_id 
_pdbx_struct_sheet_hbond.range_2_PDB_ins_code 
_pdbx_struct_sheet_hbond.range_2_auth_atom_id 
_pdbx_struct_sheet_hbond.range_2_auth_comp_id 
_pdbx_struct_sheet_hbond.range_2_auth_asym_id 
_pdbx_struct_sheet_hbond.range_2_auth_seq_id 
AA1 1 2 N LYS A 50  ? N LYS A 50  O VAL A 57  ? O VAL A 57  
AA1 2 3 N PHE A 56  ? N PHE A 56  O ILE A 134 ? O ILE A 134 
AA1 3 4 O PHE A 133 ? O PHE A 133 N THR A 122 ? N THR A 122 
AA2 1 2 N GLN A 73  ? N GLN A 73  O SER A 80  ? O SER A 80  
AA2 2 3 N ILE A 81  ? N ILE A 81  O ARG A 108 ? O ARG A 108 
# 
_atom_sites.entry_id                    5J7N 
_atom_sites.fract_transf_matrix[1][1]   0.00412924 
_atom_sites.fract_transf_matrix[1][2]   -0.00654686 
_atom_sites.fract_transf_matrix[1][3]   -0.01226716 
_atom_sites.fract_transf_matrix[2][1]   -0.00995555 
_atom_sites.fract_transf_matrix[2][2]   0.00754164 
_atom_sites.fract_transf_matrix[2][3]   -0.00737603 
_atom_sites.fract_transf_matrix[3][1]   0.00923213 
_atom_sites.fract_transf_matrix[3][2]   0.01000447 
_atom_sites.fract_transf_matrix[3][3]   -0.00223166 
_atom_sites.fract_transf_vector[1]      -0.202245 
_atom_sites.fract_transf_vector[2]      -0.477492 
_atom_sites.fract_transf_vector[3]      0.038634 
# 
loop_
_atom_type.symbol 
C 
N 
O 
S 
# 
loop_
_atom_site.group_PDB 
_atom_site.id 
_atom_site.type_symbol 
_atom_site.label_atom_id 
_atom_site.label_alt_id 
_atom_site.label_comp_id 
_atom_site.label_asym_id 
_atom_site.label_entity_id 
_atom_site.label_seq_id 
_atom_site.pdbx_PDB_ins_code 
_atom_site.Cartn_x 
_atom_site.Cartn_y 
_atom_site.Cartn_z 
_atom_site.occupancy 
_atom_site.B_iso_or_equiv 
_atom_site.pdbx_formal_charge 
_atom_site.auth_seq_id 
_atom_site.auth_comp_id 
_atom_site.auth_asym_id 
_atom_site.auth_atom_id 
_atom_site.pdbx_PDB_model_num 
ATOM 1   N N   . ALA A 1 41  ? 2.044   11.249  -11.996 1.00 116.57 ? 41  ALA A N   1 
ATOM 2   C CA  . ALA A 1 41  ? 1.797   9.818   -12.192 1.00 112.21 ? 41  ALA A CA  1 
ATOM 3   C C   . ALA A 1 41  ? 1.280   9.496   -13.609 1.00 115.87 ? 41  ALA A C   1 
ATOM 4   O O   . ALA A 1 41  ? 0.372   10.172  -14.110 1.00 118.82 ? 41  ALA A O   1 
ATOM 5   C CB  . ALA A 1 41  ? 0.820   9.321   -11.164 1.00 103.74 ? 41  ALA A CB  1 
ATOM 6   N N   . GLN A 1 42  ? 1.857   8.464   -14.250 1.00 112.91 ? 42  GLN A N   1 
ATOM 7   C CA  . GLN A 1 42  ? 1.426   8.047   -15.582 1.00 111.63 ? 42  GLN A CA  1 
ATOM 8   C C   . GLN A 1 42  ? 0.595   6.759   -15.603 1.00 108.18 ? 42  GLN A C   1 
ATOM 9   O O   . GLN A 1 42  ? -0.107  6.522   -16.595 1.00 109.76 ? 42  GLN A O   1 
ATOM 10  C CB  . GLN A 1 42  ? 2.629   7.873   -16.531 1.00 111.56 ? 42  GLN A CB  1 
ATOM 11  C CG  . GLN A 1 42  ? 3.695   8.976   -16.547 1.00 114.84 ? 42  GLN A CG  1 
ATOM 12  C CD  . GLN A 1 42  ? 4.978   8.565   -15.843 1.00 114.07 ? 42  GLN A CD  1 
ATOM 13  O OE1 . GLN A 1 42  ? 5.036   7.522   -15.200 1.00 111.03 ? 42  GLN A OE1 1 
ATOM 14  N NE2 . GLN A 1 42  ? 6.022   9.367   -15.995 1.00 116.91 ? 42  GLN A NE2 1 
ATOM 15  N N   . TRP A 1 43  ? 0.650   5.915   -14.566 1.00 91.54  ? 43  TRP A N   1 
ATOM 16  C CA  . TRP A 1 43  ? -0.288  4.796   -14.477 1.00 90.64  ? 43  TRP A CA  1 
ATOM 17  C C   . TRP A 1 43  ? -0.746  4.560   -13.041 1.00 88.18  ? 43  TRP A C   1 
ATOM 18  O O   . TRP A 1 43  ? -0.011  4.795   -12.073 1.00 86.45  ? 43  TRP A O   1 
ATOM 19  C CB  . TRP A 1 43  ? 0.272   3.481   -15.069 1.00 90.36  ? 43  TRP A CB  1 
ATOM 20  C CG  . TRP A 1 43  ? 1.350   2.790   -14.273 1.00 89.13  ? 43  TRP A CG  1 
ATOM 21  C CD1 . TRP A 1 43  ? 2.607   3.257   -14.030 1.00 92.32  ? 43  TRP A CD1 1 
ATOM 22  C CD2 . TRP A 1 43  ? 1.289   1.481   -13.671 1.00 85.53  ? 43  TRP A CD2 1 
ATOM 23  N NE1 . TRP A 1 43  ? 3.324   2.337   -13.290 1.00 89.89  ? 43  TRP A NE1 1 
ATOM 24  C CE2 . TRP A 1 43  ? 2.537   1.243   -13.058 1.00 84.93  ? 43  TRP A CE2 1 
ATOM 25  C CE3 . TRP A 1 43  ? 0.299   0.502   -13.574 1.00 83.52  ? 43  TRP A CE3 1 
ATOM 26  C CZ2 . TRP A 1 43  ? 2.819   0.066   -12.361 1.00 79.45  ? 43  TRP A CZ2 1 
ATOM 27  C CZ3 . TRP A 1 43  ? 0.580   -0.665  -12.874 1.00 77.88  ? 43  TRP A CZ3 1 
ATOM 28  C CH2 . TRP A 1 43  ? 1.829   -0.871  -12.277 1.00 76.65  ? 43  TRP A CH2 1 
ATOM 29  N N   . VAL A 1 44  ? -1.984  4.084   -12.928 1.00 83.42  ? 44  VAL A N   1 
ATOM 30  C CA  . VAL A 1 44  ? -2.681  3.842   -11.671 1.00 81.64  ? 44  VAL A CA  1 
ATOM 31  C C   . VAL A 1 44  ? -2.730  2.330   -11.439 1.00 79.58  ? 44  VAL A C   1 
ATOM 32  O O   . VAL A 1 44  ? -3.419  1.599   -12.161 1.00 84.40  ? 44  VAL A O   1 
ATOM 33  C CB  . VAL A 1 44  ? -4.078  4.483   -11.668 1.00 83.49  ? 44  VAL A CB  1 
ATOM 34  C CG1 . VAL A 1 44  ? -3.968  5.953   -12.053 1.00 84.31  ? 44  VAL A CG1 1 
ATOM 35  C CG2 . VAL A 1 44  ? -5.043  3.804   -12.652 1.00 88.18  ? 44  VAL A CG2 1 
ATOM 36  N N   . PRO A 1 45  ? -1.971  1.810   -10.493 1.00 74.59  ? 45  PRO A N   1 
ATOM 37  C CA  . PRO A 1 45  ? -2.065  0.385   -10.182 1.00 71.47  ? 45  PRO A CA  1 
ATOM 38  C C   . PRO A 1 45  ? -3.382  0.053   -9.508  1.00 72.28  ? 45  PRO A C   1 
ATOM 39  O O   . PRO A 1 45  ? -3.865  0.793   -8.648  1.00 76.43  ? 45  PRO A O   1 
ATOM 40  C CB  . PRO A 1 45  ? -0.890  0.153   -9.230  1.00 67.99  ? 45  PRO A CB  1 
ATOM 41  C CG  . PRO A 1 45  ? 0.024   1.283   -9.453  1.00 71.44  ? 45  PRO A CG  1 
ATOM 42  C CD  . PRO A 1 45  ? -0.819  2.446   -9.851  1.00 75.00  ? 45  PRO A CD  1 
ATOM 43  N N   . ARG A 1 46  ? -3.940  -1.094  -9.881  1.00 75.50  ? 46  ARG A N   1 
ATOM 44  C CA  . ARG A 1 46  ? -5.209  -1.543  -9.324  1.00 79.24  ? 46  ARG A CA  1 
ATOM 45  C C   . ARG A 1 46  ? -5.053  -1.959  -7.868  1.00 73.70  ? 46  ARG A C   1 
ATOM 46  O O   . ARG A 1 46  ? -4.041  -2.527  -7.480  1.00 70.10  ? 46  ARG A O   1 
ATOM 47  C CB  . ARG A 1 46  ? -5.731  -2.699  -10.157 1.00 79.74  ? 46  ARG A CB  1 
ATOM 48  C CG  . ARG A 1 46  ? -5.666  -2.390  -11.635 1.00 81.70  ? 46  ARG A CG  1 
ATOM 49  C CD  . ARG A 1 46  ? -6.898  -2.892  -12.289 1.00 86.10  ? 46  ARG A CD  1 
ATOM 50  N NE  . ARG A 1 46  ? -7.394  -2.029  -13.359 1.00 91.46  ? 46  ARG A NE  1 
ATOM 51  C CZ  . ARG A 1 46  ? -8.682  -1.930  -13.704 1.00 93.22  ? 46  ARG A CZ  1 
ATOM 52  N NH1 . ARG A 1 46  ? -9.595  -2.620  -13.036 1.00 91.18  ? 46  ARG A NH1 1 
ATOM 53  N NH2 . ARG A 1 46  ? -9.044  -1.131  -14.695 1.00 95.38  ? 46  ARG A NH2 1 
ATOM 54  N N   . VAL A 1 47  ? -6.059  -1.680  -7.051  1.00 59.86  ? 47  VAL A N   1 
ATOM 55  C CA  . VAL A 1 47  ? -5.949  -1.924  -5.609  1.00 57.41  ? 47  VAL A CA  1 
ATOM 56  C C   . VAL A 1 47  ? -7.269  -2.449  -5.049  1.00 58.19  ? 47  VAL A C   1 
ATOM 57  O O   . VAL A 1 47  ? -8.335  -1.888  -5.311  1.00 59.97  ? 47  VAL A O   1 
ATOM 58  C CB  . VAL A 1 47  ? -5.520  -0.654  -4.847  1.00 54.06  ? 47  VAL A CB  1 
ATOM 59  C CG1 . VAL A 1 47  ? -5.629  -0.886  -3.379  1.00 50.89  ? 47  VAL A CG1 1 
ATOM 60  C CG2 . VAL A 1 47  ? -4.098  -0.275  -5.215  1.00 53.75  ? 47  VAL A CG2 1 
ATOM 61  N N   . ASP A 1 48  ? -7.192  -3.526  -4.287  1.00 71.94  ? 48  ASP A N   1 
ATOM 62  C CA  . ASP A 1 48  ? -8.298  -3.969  -3.461  1.00 74.06  ? 48  ASP A CA  1 
ATOM 63  C C   . ASP A 1 48  ? -8.056  -3.527  -2.027  1.00 72.39  ? 48  ASP A C   1 
ATOM 64  O O   . ASP A 1 48  ? -6.917  -3.497  -1.556  1.00 69.91  ? 48  ASP A O   1 
ATOM 65  C CB  . ASP A 1 48  ? -8.439  -5.487  -3.513  1.00 75.71  ? 48  ASP A CB  1 
ATOM 66  C CG  . ASP A 1 48  ? -8.891  -5.967  -4.854  1.00 78.95  ? 48  ASP A CG  1 
ATOM 67  O OD1 . ASP A 1 48  ? -9.344  -5.097  -5.634  1.00 79.54  ? 48  ASP A OD1 1 
ATOM 68  O OD2 . ASP A 1 48  ? -8.794  -7.193  -5.127  1.00 80.38  ? 48  ASP A OD2 1 
ATOM 69  N N   . ILE A 1 49  ? -9.131  -3.198  -1.320  1.00 64.12  ? 49  ILE A N   1 
ATOM 70  C CA  . ILE A 1 49  ? -9.028  -2.935  0.112   1.00 59.38  ? 49  ILE A CA  1 
ATOM 71  C C   . ILE A 1 49  ? -10.064 -3.790  0.832   1.00 58.51  ? 49  ILE A C   1 
ATOM 72  O O   . ILE A 1 49  ? -11.241 -3.788  0.460   1.00 62.97  ? 49  ILE A O   1 
ATOM 73  C CB  . ILE A 1 49  ? -9.197  -1.442  0.437   1.00 56.68  ? 49  ILE A CB  1 
ATOM 74  C CG1 . ILE A 1 49  ? -8.034  -0.667  -0.197  1.00 56.39  ? 49  ILE A CG1 1 
ATOM 75  C CG2 . ILE A 1 49  ? -9.151  -1.266  1.917   1.00 50.76  ? 49  ILE A CG2 1 
ATOM 76  C CD1 . ILE A 1 49  ? -8.138  0.821   -0.141  1.00 53.24  ? 49  ILE A CD1 1 
ATOM 77  N N   . LYS A 1 50  ? -9.623  -4.538  1.832   1.00 68.36  ? 50  LYS A N   1 
ATOM 78  C CA  . LYS A 1 50  ? -10.469 -5.489  2.530   1.00 72.10  ? 50  LYS A CA  1 
ATOM 79  C C   . LYS A 1 50  ? -10.596 -5.072  3.993   1.00 70.69  ? 50  LYS A C   1 
ATOM 80  O O   . LYS A 1 50  ? -9.704  -4.408  4.526   1.00 68.53  ? 50  LYS A O   1 
ATOM 81  C CB  . LYS A 1 50  ? -9.870  -6.889  2.428   1.00 72.87  ? 50  LYS A CB  1 
ATOM 82  C CG  . LYS A 1 50  ? -10.853 -8.020  2.607   1.00 78.67  ? 50  LYS A CG  1 
ATOM 83  C CD  . LYS A 1 50  ? -10.119 -9.349  2.785   1.00 85.18  ? 50  LYS A CD  1 
ATOM 84  C CE  . LYS A 1 50  ? -10.950 -10.334 3.608   1.00 89.44  ? 50  LYS A CE  1 
ATOM 85  N NZ  . LYS A 1 50  ? -10.123 -11.464 4.123   1.00 92.37  ? 50  LYS A NZ  1 
ATOM 86  N N   . GLU A 1 51  ? -11.711 -5.437  4.647   1.00 64.96  ? 51  GLU A N   1 
ATOM 87  C CA  . GLU A 1 51  ? -11.851 -5.230  6.092   1.00 63.08  ? 51  GLU A CA  1 
ATOM 88  C C   . GLU A 1 51  ? -12.062 -6.570  6.782   1.00 65.81  ? 51  GLU A C   1 
ATOM 89  O O   . GLU A 1 51  ? -13.155 -7.138  6.749   1.00 73.13  ? 51  GLU A O   1 
ATOM 90  C CB  . GLU A 1 51  ? -12.984 -4.271  6.450   1.00 63.92  ? 51  GLU A CB  1 
ATOM 91  C CG  . GLU A 1 51  ? -12.728 -3.594  7.801   1.00 64.76  ? 51  GLU A CG  1 
ATOM 92  C CD  . GLU A 1 51  ? -13.883 -2.757  8.353   1.00 66.91  ? 51  GLU A CD  1 
ATOM 93  O OE1 . GLU A 1 51  ? -14.425 -1.887  7.624   1.00 65.67  ? 51  GLU A OE1 1 
ATOM 94  O OE2 . GLU A 1 51  ? -14.221 -2.947  9.542   1.00 68.61  ? 51  GLU A OE2 1 
ATOM 95  N N   . GLU A 1 52  ? -11.038 -7.056  7.437   1.00 60.82  ? 52  GLU A N   1 
ATOM 96  C CA  . GLU A 1 52  ? -11.181 -8.256  8.255   1.00 65.21  ? 52  GLU A CA  1 
ATOM 97  C C   . GLU A 1 52  ? -11.639 -7.865  9.663   1.00 65.80  ? 52  GLU A C   1 
ATOM 98  O O   . GLU A 1 52  ? -11.908 -6.683  9.908   1.00 62.46  ? 52  GLU A O   1 
ATOM 99  C CB  . GLU A 1 52  ? -9.872  -9.039  8.244   1.00 65.54  ? 52  GLU A CB  1 
ATOM 100 C CG  . GLU A 1 52  ? -9.653  -9.847  6.985   1.00 68.04  ? 52  GLU A CG  1 
ATOM 101 C CD  . GLU A 1 52  ? -8.302  -10.542 6.984   1.00 72.24  ? 52  GLU A CD  1 
ATOM 102 O OE1 . GLU A 1 52  ? -7.648  -10.564 8.054   1.00 70.19  ? 52  GLU A OE1 1 
ATOM 103 O OE2 . GLU A 1 52  ? -7.876  -11.046 5.914   1.00 75.13  ? 52  GLU A OE2 1 
ATOM 104 N N   . PRO A 1 53  ? -11.827 -8.798  10.596  1.00 67.39  ? 53  PRO A N   1 
ATOM 105 C CA  . PRO A 1 53  ? -12.312 -8.358  11.901  1.00 64.87  ? 53  PRO A CA  1 
ATOM 106 C C   . PRO A 1 53  ? -11.326 -7.486  12.667  1.00 63.06  ? 53  PRO A C   1 
ATOM 107 O O   . PRO A 1 53  ? -11.781 -6.619  13.424  1.00 64.82  ? 53  PRO A O   1 
ATOM 108 C CB  . PRO A 1 53  ? -12.602 -9.663  12.652  1.00 68.81  ? 53  PRO A CB  1 
ATOM 109 C CG  . PRO A 1 53  ? -12.330 -10.727 11.724  1.00 69.05  ? 53  PRO A CG  1 
ATOM 110 C CD  . PRO A 1 53  ? -12.191 -10.190 10.355  1.00 69.60  ? 53  PRO A CD  1 
ATOM 111 N N   . ASN A 1 54  ? -10.004 -7.669  12.503  1.00 73.68  ? 54  ASN A N   1 
ATOM 112 C CA  . ASN A 1 54  ? -9.022  -6.917  13.276  1.00 67.40  ? 54  ASN A CA  1 
ATOM 113 C C   . ASN A 1 54  ? -7.999  -6.179  12.437  1.00 65.12  ? 54  ASN A C   1 
ATOM 114 O O   . ASN A 1 54  ? -7.114  -5.530  13.005  1.00 63.18  ? 54  ASN A O   1 
ATOM 115 C CB  . ASN A 1 54  ? -8.269  -7.820  14.249  1.00 67.51  ? 54  ASN A CB  1 
ATOM 116 C CG  . ASN A 1 54  ? -9.197  -8.574  15.165  1.00 72.94  ? 54  ASN A CG  1 
ATOM 117 O OD1 . ASN A 1 54  ? -9.788  -9.579  14.774  1.00 78.03  ? 54  ASN A OD1 1 
ATOM 118 N ND2 . ASN A 1 54  ? -9.340  -8.089  16.400  1.00 74.35  ? 54  ASN A ND2 1 
ATOM 119 N N   . GLN A 1 55  ? -8.081  -6.253  11.118  1.00 67.67  ? 55  GLN A N   1 
ATOM 120 C CA  . GLN A 1 55  ? -7.197  -5.470  10.284  1.00 64.76  ? 55  GLN A CA  1 
ATOM 121 C C   . GLN A 1 55  ? -7.942  -5.039  9.038   1.00 65.53  ? 55  GLN A C   1 
ATOM 122 O O   . GLN A 1 55  ? -8.953  -5.629  8.653   1.00 65.42  ? 55  GLN A O   1 
ATOM 123 C CB  . GLN A 1 55  ? -5.941  -6.255  9.897   1.00 65.21  ? 55  GLN A CB  1 
ATOM 124 C CG  . GLN A 1 55  ? -6.192  -7.460  8.997   1.00 67.37  ? 55  GLN A CG  1 
ATOM 125 C CD  . GLN A 1 55  ? -4.909  -8.248  8.713   1.00 64.92  ? 55  GLN A CD  1 
ATOM 126 O OE1 . GLN A 1 55  ? -3.802  -7.848  9.107   1.00 60.37  ? 55  GLN A OE1 1 
ATOM 127 N NE2 . GLN A 1 55  ? -5.056  -9.373  8.025   1.00 68.98  ? 55  GLN A NE2 1 
ATOM 128 N N   . PHE A 1 56  ? -7.434  -3.991  8.420   1.00 52.77  ? 56  PHE A N   1 
ATOM 129 C CA  . PHE A 1 56  ? -7.687  -3.811  7.008   1.00 52.85  ? 56  PHE A CA  1 
ATOM 130 C C   . PHE A 1 56  ? -6.525  -4.437  6.261   1.00 51.00  ? 56  PHE A C   1 
ATOM 131 O O   . PHE A 1 56  ? -5.434  -4.589  6.811   1.00 51.54  ? 56  PHE A O   1 
ATOM 132 C CB  . PHE A 1 56  ? -7.847  -2.338  6.662   1.00 51.90  ? 56  PHE A CB  1 
ATOM 133 C CG  . PHE A 1 56  ? -8.816  -1.629  7.543   1.00 53.54  ? 56  PHE A CG  1 
ATOM 134 C CD1 . PHE A 1 56  ? -10.095 -1.381  7.126   1.00 52.97  ? 56  PHE A CD1 1 
ATOM 135 C CD2 . PHE A 1 56  ? -8.450  -1.215  8.802   1.00 54.20  ? 56  PHE A CD2 1 
ATOM 136 C CE1 . PHE A 1 56  ? -10.974 -0.712  7.942   1.00 53.95  ? 56  PHE A CE1 1 
ATOM 137 C CE2 . PHE A 1 56  ? -9.340  -0.562  9.620   1.00 55.85  ? 56  PHE A CE2 1 
ATOM 138 C CZ  . PHE A 1 56  ? -10.599 -0.311  9.183   1.00 52.71  ? 56  PHE A CZ  1 
ATOM 139 N N   . VAL A 1 57  ? -6.794  -4.893  5.042   1.00 56.79  ? 57  VAL A N   1 
ATOM 140 C CA  . VAL A 1 57  ? -5.774  -5.423  4.142   1.00 54.12  ? 57  VAL A CA  1 
ATOM 141 C C   . VAL A 1 57  ? -5.910  -4.703  2.820   1.00 54.56  ? 57  VAL A C   1 
ATOM 142 O O   . VAL A 1 57  ? -7.012  -4.637  2.261   1.00 58.73  ? 57  VAL A O   1 
ATOM 143 C CB  . VAL A 1 57  ? -5.902  -6.937  3.922   1.00 56.88  ? 57  VAL A CB  1 
ATOM 144 C CG1 . VAL A 1 57  ? -4.697  -7.442  3.149   1.00 54.30  ? 57  VAL A CG1 1 
ATOM 145 C CG2 . VAL A 1 57  ? -6.046  -7.658  5.258   1.00 57.43  ? 57  VAL A CG2 1 
ATOM 146 N N   . LEU A 1 58  ? -4.807  -4.143  2.340   1.00 56.71  ? 58  LEU A N   1 
ATOM 147 C CA  . LEU A 1 58  ? -4.741  -3.515  1.033   1.00 56.06  ? 58  LEU A CA  1 
ATOM 148 C C   . LEU A 1 58  ? -3.902  -4.403  0.137   1.00 57.23  ? 58  LEU A C   1 
ATOM 149 O O   . LEU A 1 58  ? -2.771  -4.740  0.502   1.00 55.65  ? 58  LEU A O   1 
ATOM 150 C CB  . LEU A 1 58  ? -4.115  -2.124  1.130   1.00 57.27  ? 58  LEU A CB  1 
ATOM 151 C CG  . LEU A 1 58  ? -3.980  -1.365  -0.189  1.00 61.08  ? 58  LEU A CG  1 
ATOM 152 C CD1 . LEU A 1 58  ? -4.026  0.136   0.116   1.00 61.19  ? 58  LEU A CD1 1 
ATOM 153 C CD2 . LEU A 1 58  ? -2.750  -1.718  -1.042  1.00 58.42  ? 58  LEU A CD2 1 
ATOM 154 N N   . TYR A 1 59  ? -4.448  -4.794  -1.016  1.00 67.81  ? 59  TYR A N   1 
ATOM 155 C CA  . TYR A 1 59  ? -3.696  -5.516  -2.036  1.00 67.45  ? 59  TYR A CA  1 
ATOM 156 C C   . TYR A 1 59  ? -3.486  -4.601  -3.240  1.00 69.80  ? 59  TYR A C   1 
ATOM 157 O O   . TYR A 1 59  ? -4.422  -3.938  -3.700  1.00 73.14  ? 59  TYR A O   1 
ATOM 158 C CB  . TYR A 1 59  ? -4.407  -6.802  -2.484  1.00 70.24  ? 59  TYR A CB  1 
ATOM 159 C CG  . TYR A 1 59  ? -4.848  -7.726  -1.366  1.00 71.71  ? 59  TYR A CG  1 
ATOM 160 C CD1 . TYR A 1 59  ? -6.178  -7.762  -0.964  1.00 73.61  ? 59  TYR A CD1 1 
ATOM 161 C CD2 . TYR A 1 59  ? -3.955  -8.583  -0.731  1.00 71.36  ? 59  TYR A CD2 1 
ATOM 162 C CE1 . TYR A 1 59  ? -6.615  -8.602  0.057   1.00 77.49  ? 59  TYR A CE1 1 
ATOM 163 C CE2 . TYR A 1 59  ? -4.383  -9.445  0.294   1.00 75.22  ? 59  TYR A CE2 1 
ATOM 164 C CZ  . TYR A 1 59  ? -5.719  -9.445  0.682   1.00 78.19  ? 59  TYR A CZ  1 
ATOM 165 O OH  . TYR A 1 59  ? -6.173  -10.272 1.695   1.00 79.38  ? 59  TYR A OH  1 
ATOM 166 N N   . ALA A 1 60  ? -2.256  -4.555  -3.741  1.00 58.44  ? 60  ALA A N   1 
ATOM 167 C CA  . ALA A 1 60  ? -1.949  -3.821  -4.958  1.00 59.55  ? 60  ALA A CA  1 
ATOM 168 C C   . ALA A 1 60  ? -1.317  -4.753  -5.992  1.00 60.26  ? 60  ALA A C   1 
ATOM 169 O O   . ALA A 1 60  ? -0.717  -5.776  -5.644  1.00 60.89  ? 60  ALA A O   1 
ATOM 170 C CB  . ALA A 1 60  ? -1.032  -2.639  -4.656  1.00 58.26  ? 60  ALA A CB  1 
ATOM 171 N N   . ASP A 1 61  ? -1.459  -4.389  -7.271  1.00 59.23  ? 61  ASP A N   1 
ATOM 172 C CA  . ASP A 1 61  ? -0.940  -5.145  -8.416  1.00 61.60  ? 61  ASP A CA  1 
ATOM 173 C C   . ASP A 1 61  ? 0.236   -4.387  -9.031  1.00 62.71  ? 61  ASP A C   1 
ATOM 174 O O   . ASP A 1 61  ? 0.054   -3.571  -9.940  1.00 64.15  ? 61  ASP A O   1 
ATOM 175 C CB  . ASP A 1 61  ? -2.017  -5.352  -9.458  1.00 65.70  ? 61  ASP A CB  1 
ATOM 176 C CG  . ASP A 1 61  ? -2.851  -6.589  -9.212  1.00 66.52  ? 61  ASP A CG  1 
ATOM 177 O OD1 . ASP A 1 61  ? -2.647  -7.290  -8.199  1.00 65.67  ? 61  ASP A OD1 1 
ATOM 178 O OD2 . ASP A 1 61  ? -3.746  -6.848  -10.042 1.00 72.07  ? 61  ASP A OD2 1 
ATOM 179 N N   . LEU A 1 62  ? 1.453   -4.695  -8.546  1.00 59.48  ? 62  LEU A N   1 
ATOM 180 C CA  . LEU A 1 62  ? 2.708   -4.082  -8.989  1.00 59.28  ? 62  LEU A CA  1 
ATOM 181 C C   . LEU A 1 62  ? 3.698   -5.133  -9.486  1.00 59.58  ? 62  LEU A C   1 
ATOM 182 O O   . LEU A 1 62  ? 4.635   -5.504  -8.760  1.00 60.69  ? 62  LEU A O   1 
ATOM 183 C CB  . LEU A 1 62  ? 3.336   -3.271  -7.863  1.00 57.35  ? 62  LEU A CB  1 
ATOM 184 C CG  . LEU A 1 62  ? 2.403   -2.340  -7.075  1.00 58.86  ? 62  LEU A CG  1 
ATOM 185 C CD1 . LEU A 1 62  ? 3.028   -1.864  -5.758  1.00 59.99  ? 62  LEU A CD1 1 
ATOM 186 C CD2 . LEU A 1 62  ? 2.026   -1.129  -7.909  1.00 60.95  ? 62  LEU A CD2 1 
ATOM 187 N N   . PRO A 1 63  ? 3.538   -5.628  -10.711 1.00 56.53  ? 63  PRO A N   1 
ATOM 188 C CA  . PRO A 1 63  ? 4.445   -6.666  -11.205 1.00 58.90  ? 63  PRO A CA  1 
ATOM 189 C C   . PRO A 1 63  ? 5.757   -6.087  -11.726 1.00 62.61  ? 63  PRO A C   1 
ATOM 190 O O   . PRO A 1 63  ? 5.855   -4.919  -12.096 1.00 64.04  ? 63  PRO A O   1 
ATOM 191 C CB  . PRO A 1 63  ? 3.654   -7.340  -12.331 1.00 59.95  ? 63  PRO A CB  1 
ATOM 192 C CG  . PRO A 1 63  ? 2.505   -6.464  -12.610 1.00 58.90  ? 63  PRO A CG  1 
ATOM 193 C CD  . PRO A 1 63  ? 2.531   -5.268  -11.717 1.00 57.19  ? 63  PRO A CD  1 
ATOM 194 N N   . GLY A 1 64  ? 6.782   -6.937  -11.748 1.00 78.90  ? 64  GLY A N   1 
ATOM 195 C CA  . GLY A 1 64  ? 8.067   -6.519  -12.297 1.00 79.84  ? 64  GLY A CA  1 
ATOM 196 C C   . GLY A 1 64  ? 8.742   -5.378  -11.569 1.00 81.63  ? 64  GLY A C   1 
ATOM 197 O O   . GLY A 1 64  ? 9.606   -4.710  -12.150 1.00 86.64  ? 64  GLY A O   1 
ATOM 198 N N   . ILE A 1 65  ? 8.375   -5.126  -10.314 1.00 77.91  ? 65  ILE A N   1 
ATOM 199 C CA  . ILE A 1 65  ? 9.008   -4.068  -9.539  1.00 79.23  ? 65  ILE A CA  1 
ATOM 200 C C   . ILE A 1 65  ? 9.362   -4.621  -8.164  1.00 81.64  ? 65  ILE A C   1 
ATOM 201 O O   . ILE A 1 65  ? 8.480   -5.049  -7.413  1.00 81.42  ? 65  ILE A O   1 
ATOM 202 C CB  . ILE A 1 65  ? 8.133   -2.799  -9.454  1.00 79.55  ? 65  ILE A CB  1 
ATOM 203 C CG1 . ILE A 1 65  ? 8.625   -1.846  -8.383  1.00 79.98  ? 65  ILE A CG1 1 
ATOM 204 C CG2 . ILE A 1 65  ? 6.713   -3.113  -9.196  1.00 76.99  ? 65  ILE A CG2 1 
ATOM 205 C CD1 . ILE A 1 65  ? 7.848   -0.554  -8.377  1.00 83.18  ? 65  ILE A CD1 1 
ATOM 206 N N   . ASP A 1 66  ? 10.659  -4.622  -7.853  1.00 93.57  ? 66  ASP A N   1 
ATOM 207 C CA  . ASP A 1 66  ? 11.174  -5.277  -6.661  1.00 92.73  ? 66  ASP A CA  1 
ATOM 208 C C   . ASP A 1 66  ? 10.599  -4.640  -5.398  1.00 91.44  ? 66  ASP A C   1 
ATOM 209 O O   . ASP A 1 66  ? 10.543  -3.409  -5.292  1.00 92.51  ? 66  ASP A O   1 
ATOM 210 C CB  . ASP A 1 66  ? 12.702  -5.184  -6.643  1.00 97.76  ? 66  ASP A CB  1 
ATOM 211 C CG  . ASP A 1 66  ? 13.324  -5.940  -5.487  1.00 99.25  ? 66  ASP A CG  1 
ATOM 212 O OD1 . ASP A 1 66  ? 14.132  -6.863  -5.741  1.00 101.40 ? 66  ASP A OD1 1 
ATOM 213 O OD2 . ASP A 1 66  ? 13.015  -5.604  -4.325  1.00 99.91  ? 66  ASP A OD2 1 
ATOM 214 N N   . PRO A 1 67  ? 10.183  -5.447  -4.421  1.00 73.71  ? 67  PRO A N   1 
ATOM 215 C CA  . PRO A 1 67  ? 9.674   -4.889  -3.156  1.00 71.70  ? 67  PRO A CA  1 
ATOM 216 C C   . PRO A 1 67  ? 10.600  -3.879  -2.509  1.00 76.99  ? 67  PRO A C   1 
ATOM 217 O O   . PRO A 1 67  ? 10.128  -2.861  -1.988  1.00 79.71  ? 67  PRO A O   1 
ATOM 218 C CB  . PRO A 1 67  ? 9.505   -6.138  -2.286  1.00 69.15  ? 67  PRO A CB  1 
ATOM 219 C CG  . PRO A 1 67  ? 9.158   -7.203  -3.260  1.00 66.79  ? 67  PRO A CG  1 
ATOM 220 C CD  . PRO A 1 67  ? 10.008  -6.907  -4.487  1.00 69.63  ? 67  PRO A CD  1 
ATOM 221 N N   . ALA A 1 68  ? 11.911  -4.116  -2.551  1.00 83.01  ? 68  ALA A N   1 
ATOM 222 C CA  . ALA A 1 68  ? 12.857  -3.142  -2.024  1.00 88.46  ? 68  ALA A CA  1 
ATOM 223 C C   . ALA A 1 68  ? 12.726  -1.780  -2.697  1.00 90.33  ? 68  ALA A C   1 
ATOM 224 O O   . ALA A 1 68  ? 13.207  -0.784  -2.141  1.00 94.63  ? 68  ALA A O   1 
ATOM 225 C CB  . ALA A 1 68  ? 14.287  -3.661  -2.178  1.00 90.93  ? 68  ALA A CB  1 
ATOM 226 N N   . ASP A 1 69  ? 12.096  -1.708  -3.875  1.00 84.63  ? 69  ASP A N   1 
ATOM 227 C CA  . ASP A 1 69  ? 11.937  -0.454  -4.596  1.00 86.57  ? 69  ASP A CA  1 
ATOM 228 C C   . ASP A 1 69  ? 10.518  0.115   -4.507  1.00 85.66  ? 69  ASP A C   1 
ATOM 229 O O   . ASP A 1 69  ? 10.149  0.959   -5.335  1.00 89.29  ? 69  ASP A O   1 
ATOM 230 C CB  . ASP A 1 69  ? 12.354  -0.628  -6.054  1.00 86.60  ? 69  ASP A CB  1 
ATOM 231 C CG  . ASP A 1 69  ? 13.868  -0.640  -6.228  1.00 92.78  ? 69  ASP A CG  1 
ATOM 232 O OD1 . ASP A 1 69  ? 14.382  -1.438  -7.050  1.00 93.01  ? 69  ASP A OD1 1 
ATOM 233 O OD2 . ASP A 1 69  ? 14.550  0.159   -5.543  1.00 95.70  ? 69  ASP A OD2 1 
ATOM 234 N N   . ILE A 1 70  ? 9.725   -0.324  -3.517  1.00 67.66  ? 70  ILE A N   1 
ATOM 235 C CA  . ILE A 1 70  ? 8.372   0.178   -3.267  1.00 66.04  ? 70  ILE A CA  1 
ATOM 236 C C   . ILE A 1 70  ? 8.417   1.026   -2.005  1.00 67.93  ? 70  ILE A C   1 
ATOM 237 O O   . ILE A 1 70  ? 8.605   0.497   -0.909  1.00 70.68  ? 70  ILE A O   1 
ATOM 238 C CB  . ILE A 1 70  ? 7.336   -0.951  -3.096  1.00 61.81  ? 70  ILE A CB  1 
ATOM 239 C CG1 . ILE A 1 70  ? 7.435   -2.037  -4.157  1.00 58.48  ? 70  ILE A CG1 1 
ATOM 240 C CG2 . ILE A 1 70  ? 5.889   -0.417  -3.102  1.00 58.10  ? 70  ILE A CG2 1 
ATOM 241 C CD1 . ILE A 1 70  ? 6.287   -3.019  -4.064  1.00 54.50  ? 70  ILE A CD1 1 
ATOM 242 N N   . GLU A 1 71  ? 8.203   2.330   -2.135  1.00 89.63  ? 71  GLU A N   1 
ATOM 243 C CA  . GLU A 1 71  ? 8.095   3.218   -0.983  1.00 94.29  ? 71  GLU A CA  1 
ATOM 244 C C   . GLU A 1 71  ? 6.637   3.245   -0.534  1.00 94.28  ? 71  GLU A C   1 
ATOM 245 O O   . GLU A 1 71  ? 5.802   3.928   -1.126  1.00 94.98  ? 71  GLU A O   1 
ATOM 246 C CB  . GLU A 1 71  ? 8.625   4.605   -1.335  1.00 98.32  ? 71  GLU A CB  1 
ATOM 247 C CG  . GLU A 1 71  ? 10.076  4.582   -1.843  1.00 106.37 ? 71  GLU A CG  1 
ATOM 248 C CD  . GLU A 1 71  ? 10.333  5.434   -3.110  1.00 110.51 ? 71  GLU A CD  1 
ATOM 249 O OE1 . GLU A 1 71  ? 9.490   5.437   -4.038  1.00 108.66 ? 71  GLU A OE1 1 
ATOM 250 O OE2 . GLU A 1 71  ? 11.398  6.095   -3.200  1.00 113.66 ? 71  GLU A OE2 1 
ATOM 251 N N   . VAL A 1 72  ? 6.315   2.467   0.498   1.00 70.32  ? 72  VAL A N   1 
ATOM 252 C CA  . VAL A 1 72  ? 5.027   2.574   1.183   1.00 70.25  ? 72  VAL A CA  1 
ATOM 253 C C   . VAL A 1 72  ? 5.270   3.281   2.516   1.00 71.32  ? 72  VAL A C   1 
ATOM 254 O O   . VAL A 1 72  ? 5.728   2.684   3.496   1.00 67.13  ? 72  VAL A O   1 
ATOM 255 C CB  . VAL A 1 72  ? 4.312   1.215   1.341   1.00 61.18  ? 72  VAL A CB  1 
ATOM 256 C CG1 . VAL A 1 72  ? 5.168   0.176   1.987   1.00 57.70  ? 72  VAL A CG1 1 
ATOM 257 C CG2 . VAL A 1 72  ? 3.026   1.369   2.157   1.00 60.88  ? 72  VAL A CG2 1 
ATOM 258 N N   . GLN A 1 73  ? 4.952   4.569   2.548   1.00 78.18  ? 73  GLN A N   1 
ATOM 259 C CA  . GLN A 1 73  ? 5.112   5.409   3.726   1.00 80.08  ? 73  GLN A CA  1 
ATOM 260 C C   . GLN A 1 73  ? 3.763   5.736   4.349   1.00 79.29  ? 73  GLN A C   1 
ATOM 261 O O   . GLN A 1 73  ? 2.768   5.942   3.647   1.00 78.66  ? 73  GLN A O   1 
ATOM 262 C CB  . GLN A 1 73  ? 5.816   6.707   3.374   1.00 85.93  ? 73  GLN A CB  1 
ATOM 263 C CG  . GLN A 1 73  ? 7.162   6.497   2.778   1.00 89.44  ? 73  GLN A CG  1 
ATOM 264 C CD  . GLN A 1 73  ? 8.126   7.486   3.310   1.00 93.23  ? 73  GLN A CD  1 
ATOM 265 O OE1 . GLN A 1 73  ? 7.858   8.117   4.339   1.00 93.57  ? 73  GLN A OE1 1 
ATOM 266 N NE2 . GLN A 1 73  ? 9.265   7.650   2.626   1.00 96.99  ? 73  GLN A NE2 1 
ATOM 267 N N   . MET A 1 74  ? 3.757   5.812   5.674   1.00 92.44  ? 74  MET A N   1 
ATOM 268 C CA  . MET A 1 74  ? 2.587   6.140   6.481   1.00 89.86  ? 74  MET A CA  1 
ATOM 269 C C   . MET A 1 74  ? 2.902   7.409   7.252   1.00 90.20  ? 74  MET A C   1 
ATOM 270 O O   . MET A 1 74  ? 3.807   7.424   8.086   1.00 91.69  ? 74  MET A O   1 
ATOM 271 C CB  . MET A 1 74  ? 2.258   4.997   7.427   1.00 86.55  ? 74  MET A CB  1 
ATOM 272 C CG  . MET A 1 74  ? 1.501   5.362   8.670   1.00 87.66  ? 74  MET A CG  1 
ATOM 273 S SD  . MET A 1 74  ? -0.167  5.663   8.053   1.00 87.64  ? 74  MET A SD  1 
ATOM 274 C CE  . MET A 1 74  ? -0.521  4.238   7.038   1.00 81.14  ? 74  MET A CE  1 
ATOM 275 N N   . ASP A 1 75  ? 2.152   8.468   7.000   1.00 108.81 ? 75  ASP A N   1 
ATOM 276 C CA  . ASP A 1 75  ? 2.522   9.764   7.539   1.00 114.82 ? 75  ASP A CA  1 
ATOM 277 C C   . ASP A 1 75  ? 1.245   10.552  7.811   1.00 112.60 ? 75  ASP A C   1 
ATOM 278 O O   . ASP A 1 75  ? 0.326   10.549  6.985   1.00 110.18 ? 75  ASP A O   1 
ATOM 279 C CB  . ASP A 1 75  ? 3.471   10.468  6.541   1.00 118.12 ? 75  ASP A CB  1 
ATOM 280 C CG  . ASP A 1 75  ? 3.704   11.940  6.850   1.00 121.04 ? 75  ASP A CG  1 
ATOM 281 O OD1 . ASP A 1 75  ? 2.735   12.722  6.848   1.00 119.38 ? 75  ASP A OD1 1 
ATOM 282 O OD2 . ASP A 1 75  ? 4.869   12.327  7.065   1.00 126.25 ? 75  ASP A OD2 1 
ATOM 283 N N   . LYS A 1 76  ? 1.175   11.199  8.980   1.00 92.86  ? 76  LYS A N   1 
ATOM 284 C CA  . LYS A 1 76  ? 0.036   12.063  9.303   1.00 90.51  ? 76  LYS A CA  1 
ATOM 285 C C   . LYS A 1 76  ? -1.293  11.362  9.002   1.00 87.38  ? 76  LYS A C   1 
ATOM 286 O O   . LYS A 1 76  ? -2.216  11.949  8.441   1.00 88.65  ? 76  LYS A O   1 
ATOM 287 C CB  . LYS A 1 76  ? 0.150   13.392  8.546   1.00 95.16  ? 76  LYS A CB  1 
ATOM 288 C CG  . LYS A 1 76  ? 0.511   14.627  9.393   1.00 102.05 ? 76  LYS A CG  1 
ATOM 289 C CD  . LYS A 1 76  ? 1.849   14.520  10.153  1.00 102.86 ? 76  LYS A CD  1 
ATOM 290 C CE  . LYS A 1 76  ? 3.079   14.388  9.240   1.00 104.11 ? 76  LYS A CE  1 
ATOM 291 N NZ  . LYS A 1 76  ? 4.365   14.100  9.973   1.00 104.12 ? 76  LYS A NZ  1 
ATOM 292 N N   . GLY A 1 77  ? -1.379  10.079  9.351   1.00 82.55  ? 77  GLY A N   1 
ATOM 293 C CA  . GLY A 1 77  ? -2.606  9.337   9.160   1.00 80.30  ? 77  GLY A CA  1 
ATOM 294 C C   . GLY A 1 77  ? -2.914  8.930   7.731   1.00 84.36  ? 77  GLY A C   1 
ATOM 295 O O   . GLY A 1 77  ? -4.043  8.511   7.461   1.00 80.62  ? 77  GLY A O   1 
ATOM 296 N N   . ILE A 1 78  ? -1.955  9.019   6.796   1.00 102.21 ? 78  ILE A N   1 
ATOM 297 C CA  . ILE A 1 78  ? -2.236  8.766   5.380   1.00 105.65 ? 78  ILE A CA  1 
ATOM 298 C C   . ILE A 1 78  ? -1.233  7.759   4.812   1.00 104.23 ? 78  ILE A C   1 
ATOM 299 O O   . ILE A 1 78  ? -0.017  7.960   4.906   1.00 105.26 ? 78  ILE A O   1 
ATOM 300 C CB  . ILE A 1 78  ? -2.266  10.078  4.555   1.00 107.90 ? 78  ILE A CB  1 
ATOM 301 C CG1 . ILE A 1 78  ? -3.272  9.951   3.427   1.00 108.25 ? 78  ILE A CG1 1 
ATOM 302 C CG2 . ILE A 1 78  ? -0.880  10.541  3.987   1.00 112.71 ? 78  ILE A CG2 1 
ATOM 303 C CD1 . ILE A 1 78  ? -4.628  9.725   3.865   1.00 107.98 ? 78  ILE A CD1 1 
ATOM 304 N N   . LEU A 1 79  ? -1.745  6.660   4.239   1.00 68.98  ? 79  LEU A N   1 
ATOM 305 C CA  . LEU A 1 79  ? -0.921  5.565   3.716   1.00 62.57  ? 79  LEU A CA  1 
ATOM 306 C C   . LEU A 1 79  ? -0.659  5.805   2.240   1.00 69.33  ? 79  LEU A C   1 
ATOM 307 O O   . LEU A 1 79  ? -1.604  5.898   1.444   1.00 69.94  ? 79  LEU A O   1 
ATOM 308 C CB  . LEU A 1 79  ? -1.602  4.202   3.900   1.00 59.37  ? 79  LEU A CB  1 
ATOM 309 C CG  . LEU A 1 79  ? -0.931  2.911   3.387   1.00 55.97  ? 79  LEU A CG  1 
ATOM 310 C CD1 . LEU A 1 79  ? 0.332   2.545   4.171   1.00 55.58  ? 79  LEU A CD1 1 
ATOM 311 C CD2 . LEU A 1 79  ? -1.915  1.763   3.423   1.00 51.96  ? 79  LEU A CD2 1 
ATOM 312 N N   . SER A 1 80  ? 0.622   5.895   1.878   1.00 81.49  ? 80  SER A N   1 
ATOM 313 C CA  . SER A 1 80  ? 1.046   6.285   0.540   1.00 85.19  ? 80  SER A CA  1 
ATOM 314 C C   . SER A 1 80  ? 1.831   5.149   -0.099  1.00 83.31  ? 80  SER A C   1 
ATOM 315 O O   . SER A 1 80  ? 2.711   4.568   0.541   1.00 82.78  ? 80  SER A O   1 
ATOM 316 C CB  . SER A 1 80  ? 1.901   7.556   0.607   1.00 86.37  ? 80  SER A CB  1 
ATOM 317 O OG  . SER A 1 80  ? 2.699   7.679   -0.552  1.00 94.32  ? 80  SER A OG  1 
ATOM 318 N N   . ILE A 1 81  ? 1.519   4.829   -1.353  1.00 67.03  ? 81  ILE A N   1 
ATOM 319 C CA  . ILE A 1 81  ? 2.187   3.758   -2.093  1.00 63.05  ? 81  ILE A CA  1 
ATOM 320 C C   . ILE A 1 81  ? 2.887   4.384   -3.293  1.00 66.05  ? 81  ILE A C   1 
ATOM 321 O O   . ILE A 1 81  ? 2.233   4.973   -4.162  1.00 64.86  ? 81  ILE A O   1 
ATOM 322 C CB  . ILE A 1 81  ? 1.193   2.674   -2.539  1.00 58.16  ? 81  ILE A CB  1 
ATOM 323 C CG1 . ILE A 1 81  ? 0.922   1.685   -1.418  1.00 52.76  ? 81  ILE A CG1 1 
ATOM 324 C CG2 . ILE A 1 81  ? 1.745   1.880   -3.699  1.00 56.67  ? 81  ILE A CG2 1 
ATOM 325 C CD1 . ILE A 1 81  ? -0.307  0.838   -1.700  1.00 49.79  ? 81  ILE A CD1 1 
ATOM 326 N N   . LYS A 1 82  ? 4.211   4.267   -3.348  1.00 72.06  ? 82  LYS A N   1 
ATOM 327 C CA  . LYS A 1 82  ? 4.971   5.091   -4.280  1.00 76.65  ? 82  LYS A CA  1 
ATOM 328 C C   . LYS A 1 82  ? 6.071   4.263   -4.932  1.00 73.21  ? 82  LYS A C   1 
ATOM 329 O O   . LYS A 1 82  ? 6.502   3.233   -4.416  1.00 68.76  ? 82  LYS A O   1 
ATOM 330 C CB  . LYS A 1 82  ? 5.550   6.355   -3.582  1.00 78.75  ? 82  LYS A CB  1 
ATOM 331 C CG  . LYS A 1 82  ? 5.976   7.463   -4.542  1.00 85.67  ? 82  LYS A CG  1 
ATOM 332 C CD  . LYS A 1 82  ? 6.669   8.696   -3.904  1.00 90.47  ? 82  LYS A CD  1 
ATOM 333 C CE  . LYS A 1 82  ? 8.155   8.471   -3.575  1.00 94.51  ? 82  LYS A CE  1 
ATOM 334 N NZ  . LYS A 1 82  ? 9.145   8.791   -4.684  1.00 99.01  ? 82  LYS A NZ  1 
ATOM 335 N N   . GLY A 1 83  ? 6.507   4.726   -6.088  1.00 80.84  ? 83  GLY A N   1 
ATOM 336 C CA  . GLY A 1 83  ? 7.618   4.109   -6.776  1.00 81.19  ? 83  GLY A CA  1 
ATOM 337 C C   . GLY A 1 83  ? 7.511   4.367   -8.265  1.00 82.52  ? 83  GLY A C   1 
ATOM 338 O O   . GLY A 1 83  ? 6.716   5.192   -8.724  1.00 82.86  ? 83  GLY A O   1 
ATOM 339 N N   . GLU A 1 84  ? 8.327   3.639   -9.008  1.00 99.08  ? 84  GLU A N   1 
ATOM 340 C CA  . GLU A 1 84  ? 8.211   3.730   -10.447 1.00 100.38 ? 84  GLU A CA  1 
ATOM 341 C C   . GLU A 1 84  ? 8.634   2.400   -11.046 1.00 99.43  ? 84  GLU A C   1 
ATOM 342 O O   . GLU A 1 84  ? 9.464   1.679   -10.481 1.00 99.72  ? 84  GLU A O   1 
ATOM 343 C CB  . GLU A 1 84  ? 9.014   4.918   -11.010 1.00 104.67 ? 84  GLU A CB  1 
ATOM 344 C CG  . GLU A 1 84  ? 10.464  4.684   -11.370 1.00 110.84 ? 84  GLU A CG  1 
ATOM 345 C CD  . GLU A 1 84  ? 11.028  5.865   -12.165 1.00 119.03 ? 84  GLU A CD  1 
ATOM 346 O OE1 . GLU A 1 84  ? 12.270  5.978   -12.329 1.00 127.54 ? 84  GLU A OE1 1 
ATOM 347 O OE2 . GLU A 1 84  ? 10.210  6.692   -12.633 1.00 116.48 ? 84  GLU A OE2 1 
ATOM 348 N N   . ARG A 1 85  ? 7.994   2.061   -12.162 1.00 98.50  ? 85  ARG A N   1 
ATOM 349 C CA  . ARG A 1 85  ? 8.253   0.836   -12.905 1.00 97.94  ? 85  ARG A CA  1 
ATOM 350 C C   . ARG A 1 85  ? 8.792   1.174   -14.292 1.00 101.74 ? 85  ARG A C   1 
ATOM 351 O O   . ARG A 1 85  ? 8.228   2.016   -15.001 1.00 104.61 ? 85  ARG A O   1 
ATOM 352 C CB  . ARG A 1 85  ? 6.981   0.007   -13.032 1.00 93.86  ? 85  ARG A CB  1 
ATOM 353 C CG  . ARG A 1 85  ? 7.002   -0.911  -14.232 1.00 92.31  ? 85  ARG A CG  1 
ATOM 354 C CD  . ARG A 1 85  ? 5.933   -1.953  -14.072 1.00 92.85  ? 85  ARG A CD  1 
ATOM 355 N NE  . ARG A 1 85  ? 5.689   -2.695  -15.301 1.00 91.02  ? 85  ARG A NE  1 
ATOM 356 C CZ  . ARG A 1 85  ? 4.899   -3.757  -15.368 1.00 86.44  ? 85  ARG A CZ  1 
ATOM 357 N NH1 . ARG A 1 85  ? 4.312   -4.204  -14.276 1.00 86.95  ? 85  ARG A NH1 1 
ATOM 358 N NH2 . ARG A 1 85  ? 4.731   -4.391  -16.509 1.00 87.89  ? 85  ARG A NH2 1 
ATOM 359 N N   . LYS A 1 86  ? 9.872   0.514   -14.687 1.00 110.85 ? 86  LYS A N   1 
ATOM 360 C CA  . LYS A 1 86  ? 10.482  0.765   -15.984 1.00 112.20 ? 86  LYS A CA  1 
ATOM 361 C C   . LYS A 1 86  ? 10.494  -0.540  -16.767 1.00 110.70 ? 86  LYS A C   1 
ATOM 362 O O   . LYS A 1 86  ? 11.172  -1.497  -16.374 1.00 111.45 ? 86  LYS A O   1 
ATOM 363 C CB  . LYS A 1 86  ? 11.887  1.336   -15.813 1.00 118.04 ? 86  LYS A CB  1 
ATOM 364 C CG  . LYS A 1 86  ? 11.958  2.491   -14.812 1.00 123.44 ? 86  LYS A CG  1 
ATOM 365 C CD  . LYS A 1 86  ? 12.243  3.832   -15.500 1.00 126.79 ? 86  LYS A CD  1 
ATOM 366 C CE  . LYS A 1 86  ? 13.749  4.023   -15.748 1.00 131.26 ? 86  LYS A CE  1 
ATOM 367 N NZ  . LYS A 1 86  ? 14.082  4.854   -16.949 1.00 132.32 ? 86  LYS A NZ  1 
ATOM 368 N N   . THR A 1 87  ? 9.729   -0.587  -17.858 1.00 120.39 ? 87  THR A N   1 
ATOM 369 C CA  . THR A 1 87  ? 9.813   -1.686  -18.811 1.00 116.88 ? 87  THR A CA  1 
ATOM 370 C C   . THR A 1 87  ? 10.739  -1.268  -19.948 1.00 120.95 ? 87  THR A C   1 
ATOM 371 O O   . THR A 1 87  ? 10.793  -0.088  -20.326 1.00 121.18 ? 87  THR A O   1 
ATOM 372 C CB  . THR A 1 87  ? 8.426   -2.118  -19.339 1.00 112.45 ? 87  THR A CB  1 
ATOM 373 O OG1 . THR A 1 87  ? 7.993   -1.305  -20.435 1.00 115.33 ? 87  THR A OG1 1 
ATOM 374 C CG2 . THR A 1 87  ? 7.397   -2.032  -18.243 1.00 108.75 ? 87  THR A CG2 1 
ATOM 375 N N   . GLU A 1 88  ? 11.486  -2.246  -20.478 1.00 144.72 ? 88  GLU A N   1 
ATOM 376 C CA  . GLU A 1 88  ? 12.536  -2.028  -21.474 1.00 149.53 ? 88  GLU A CA  1 
ATOM 377 C C   . GLU A 1 88  ? 11.967  -1.423  -22.753 1.00 150.89 ? 88  GLU A C   1 
ATOM 378 O O   . GLU A 1 88  ? 12.630  -1.381  -23.792 1.00 155.66 ? 88  GLU A O   1 
ATOM 379 C CB  . GLU A 1 88  ? 13.253  -3.357  -21.766 1.00 147.45 ? 88  GLU A CB  1 
ATOM 380 C CG  . GLU A 1 88  ? 14.514  -3.243  -22.625 1.00 153.27 ? 88  GLU A CG  1 
ATOM 381 C CD  . GLU A 1 88  ? 15.335  -4.514  -22.657 1.00 154.64 ? 88  GLU A CD  1 
ATOM 382 O OE1 . GLU A 1 88  ? 16.427  -4.524  -22.044 1.00 158.32 ? 88  GLU A OE1 1 
ATOM 383 O OE2 . GLU A 1 88  ? 14.885  -5.498  -23.288 1.00 151.85 ? 88  GLU A OE2 1 
ATOM 384 N N   . SER A 1 89  ? 10.744  -0.907  -22.667 1.00 113.53 ? 89  SER A N   1 
ATOM 385 C CA  . SER A 1 89  ? 9.923   -0.581  -23.823 1.00 111.55 ? 89  SER A CA  1 
ATOM 386 C C   . SER A 1 89  ? 9.991   0.894   -24.227 1.00 119.49 ? 89  SER A C   1 
ATOM 387 O O   . SER A 1 89  ? 8.998   1.437   -24.736 1.00 118.47 ? 89  SER A O   1 
ATOM 388 C CB  . SER A 1 89  ? 8.484   -1.011  -23.545 1.00 103.70 ? 89  SER A CB  1 
ATOM 389 O OG  . SER A 1 89  ? 7.597   -0.404  -24.456 1.00 102.58 ? 89  SER A OG  1 
ATOM 390 N N   . SER A 1 90  ? 11.132  1.558   -24.020 1.00 153.08 ? 90  SER A N   1 
ATOM 391 C CA  . SER A 1 90  ? 11.370  2.873   -24.611 1.00 157.29 ? 90  SER A CA  1 
ATOM 392 C C   . SER A 1 90  ? 12.861  3.110   -24.828 1.00 162.95 ? 90  SER A C   1 
ATOM 393 O O   . SER A 1 90  ? 13.243  3.909   -25.690 1.00 164.49 ? 90  SER A O   1 
ATOM 394 C CB  . SER A 1 90  ? 10.762  3.991   -23.753 1.00 154.38 ? 90  SER A CB  1 
ATOM 395 O OG  . SER A 1 90  ? 9.369   4.123   -23.993 1.00 148.48 ? 90  SER A OG  1 
ATOM 396 N N   . SER A 1 91  ? 13.712  2.413   -24.062 1.00 143.82 ? 91  SER A N   1 
ATOM 397 C CA  . SER A 1 91  ? 15.150  2.479   -24.321 1.00 150.20 ? 91  SER A CA  1 
ATOM 398 C C   . SER A 1 91  ? 15.527  1.710   -25.588 1.00 149.09 ? 91  SER A C   1 
ATOM 399 O O   . SER A 1 91  ? 16.518  2.052   -26.251 1.00 150.45 ? 91  SER A O   1 
ATOM 400 C CB  . SER A 1 91  ? 15.938  1.971   -23.104 1.00 148.24 ? 91  SER A CB  1 
ATOM 401 O OG  . SER A 1 91  ? 15.405  0.769   -22.581 1.00 139.91 ? 91  SER A OG  1 
ATOM 402 N N   . GLN A 1 92  ? 14.747  0.679   -25.941 1.00 162.61 ? 92  GLN A N   1 
ATOM 403 C CA  . GLN A 1 92  ? 14.907  -0.058  -27.194 1.00 157.21 ? 92  GLN A CA  1 
ATOM 404 C C   . GLN A 1 92  ? 13.520  -0.330  -27.790 1.00 147.86 ? 92  GLN A C   1 
ATOM 405 O O   . GLN A 1 92  ? 13.128  -1.468  -28.028 1.00 143.33 ? 92  GLN A O   1 
ATOM 406 C CB  . GLN A 1 92  ? 15.671  -1.369  -26.990 1.00 155.70 ? 92  GLN A CB  1 
ATOM 407 C CG  . GLN A 1 92  ? 16.588  -1.424  -25.768 1.00 159.09 ? 92  GLN A CG  1 
ATOM 408 C CD  . GLN A 1 92  ? 17.518  -2.634  -25.768 1.00 159.21 ? 92  GLN A CD  1 
ATOM 409 O OE1 . GLN A 1 92  ? 17.843  -3.187  -26.819 1.00 157.52 ? 92  GLN A OE1 1 
ATOM 410 N NE2 . GLN A 1 92  ? 17.945  -3.050  -24.579 1.00 159.88 ? 92  GLN A NE2 1 
ATOM 411 N N   . THR A 1 93  ? 12.767  0.742   -28.068 1.00 110.46 ? 93  THR A N   1 
ATOM 412 C CA  . THR A 1 93  ? 11.356  0.596   -28.434 1.00 102.94 ? 93  THR A CA  1 
ATOM 413 C C   . THR A 1 93  ? 11.163  0.015   -29.840 1.00 98.50  ? 93  THR A C   1 
ATOM 414 O O   . THR A 1 93  ? 10.208  -0.738  -30.070 1.00 89.79  ? 93  THR A O   1 
ATOM 415 C CB  . THR A 1 93  ? 10.634  1.949   -28.309 1.00 104.17 ? 93  THR A CB  1 
ATOM 416 O OG1 . THR A 1 93  ? 9.690   2.103   -29.382 1.00 96.41  ? 93  THR A OG1 1 
ATOM 417 C CG2 . THR A 1 93  ? 11.635  3.139   -28.321 1.00 110.13 ? 93  THR A CG2 1 
ATOM 418 N N   . GLU A 1 94  ? 12.046  0.341   -30.793 1.00 138.00 ? 94  GLU A N   1 
ATOM 419 C CA  . GLU A 1 94  ? 11.846  -0.098  -32.178 1.00 133.02 ? 94  GLU A CA  1 
ATOM 420 C C   . GLU A 1 94  ? 11.930  -1.618  -32.342 1.00 128.31 ? 94  GLU A C   1 
ATOM 421 O O   . GLU A 1 94  ? 11.433  -2.149  -33.340 1.00 122.16 ? 94  GLU A O   1 
ATOM 422 C CB  . GLU A 1 94  ? 12.855  0.593   -33.110 1.00 134.91 ? 94  GLU A CB  1 
ATOM 423 C CG  . GLU A 1 94  ? 14.334  0.338   -32.803 1.00 141.97 ? 94  GLU A CG  1 
ATOM 424 C CD  . GLU A 1 94  ? 14.852  1.115   -31.597 1.00 148.45 ? 94  GLU A CD  1 
ATOM 425 O OE1 . GLU A 1 94  ? 14.128  1.999   -31.086 1.00 148.35 ? 94  GLU A OE1 1 
ATOM 426 O OE2 . GLU A 1 94  ? 15.988  0.831   -31.156 1.00 152.95 ? 94  GLU A OE2 1 
ATOM 427 N N   . HIS A 1 95  ? 12.525  -2.328  -31.386 1.00 98.78  ? 95  HIS A N   1 
ATOM 428 C CA  . HIS A 1 95  ? 12.614  -3.779  -31.441 1.00 93.65  ? 95  HIS A CA  1 
ATOM 429 C C   . HIS A 1 95  ? 11.337  -4.470  -30.968 1.00 90.97  ? 95  HIS A C   1 
ATOM 430 O O   . HIS A 1 95  ? 11.251  -5.701  -31.054 1.00 87.29  ? 95  HIS A O   1 
ATOM 431 C CB  . HIS A 1 95  ? 13.807  -4.249  -30.603 1.00 97.17  ? 95  HIS A CB  1 
ATOM 432 C CG  . HIS A 1 95  ? 15.117  -3.676  -31.047 1.00 105.79 ? 95  HIS A CG  1 
ATOM 433 N ND1 . HIS A 1 95  ? 16.050  -3.176  -30.165 1.00 112.16 ? 95  HIS A ND1 1 
ATOM 434 C CD2 . HIS A 1 95  ? 15.648  -3.519  -32.283 1.00 108.52 ? 95  HIS A CD2 1 
ATOM 435 C CE1 . HIS A 1 95  ? 17.097  -2.729  -30.837 1.00 117.07 ? 95  HIS A CE1 1 
ATOM 436 N NE2 . HIS A 1 95  ? 16.878  -2.927  -32.124 1.00 114.86 ? 95  HIS A NE2 1 
ATOM 437 N N   . PHE A 1 96  ? 10.350  -3.716  -30.472 1.00 85.97  ? 96  PHE A N   1 
ATOM 438 C CA  . PHE A 1 96  ? 9.158   -4.291  -29.855 1.00 80.41  ? 96  PHE A CA  1 
ATOM 439 C C   . PHE A 1 96  ? 8.049   -4.412  -30.883 1.00 77.51  ? 96  PHE A C   1 
ATOM 440 O O   . PHE A 1 96  ? 7.487   -3.407  -31.312 1.00 78.43  ? 96  PHE A O   1 
ATOM 441 C CB  . PHE A 1 96  ? 8.691   -3.437  -28.692 1.00 80.65  ? 96  PHE A CB  1 
ATOM 442 C CG  . PHE A 1 96  ? 9.337   -3.790  -27.414 1.00 84.46  ? 96  PHE A CG  1 
ATOM 443 C CD1 . PHE A 1 96  ? 10.513  -3.181  -27.030 1.00 87.44  ? 96  PHE A CD1 1 
ATOM 444 C CD2 . PHE A 1 96  ? 8.774   -4.750  -26.591 1.00 82.80  ? 96  PHE A CD2 1 
ATOM 445 C CE1 . PHE A 1 96  ? 11.117  -3.512  -25.843 1.00 89.91  ? 96  PHE A CE1 1 
ATOM 446 C CE2 . PHE A 1 96  ? 9.361   -5.084  -25.400 1.00 83.77  ? 96  PHE A CE2 1 
ATOM 447 C CZ  . PHE A 1 96  ? 10.545  -4.469  -25.026 1.00 87.86  ? 96  PHE A CZ  1 
ATOM 448 N N   . SER A 1 97  ? 7.717   -5.643  -31.257 1.00 87.40  ? 97  SER A N   1 
ATOM 449 C CA  . SER A 1 97  ? 6.626   -5.863  -32.188 1.00 85.37  ? 97  SER A CA  1 
ATOM 450 C C   . SER A 1 97  ? 5.285   -5.537  -31.575 1.00 83.80  ? 97  SER A C   1 
ATOM 451 O O   . SER A 1 97  ? 4.308   -5.384  -32.305 1.00 84.92  ? 97  SER A O   1 
ATOM 452 C CB  . SER A 1 97  ? 6.590   -7.317  -32.629 1.00 84.70  ? 97  SER A CB  1 
ATOM 453 O OG  . SER A 1 97  ? 6.401   -8.174  -31.509 1.00 86.51  ? 97  SER A OG  1 
ATOM 454 N N   . ARG A 1 98  ? 5.204   -5.464  -30.254 1.00 83.89  ? 98  ARG A N   1 
ATOM 455 C CA  . ARG A 1 98  ? 3.909   -5.412  -29.586 1.00 81.40  ? 98  ARG A CA  1 
ATOM 456 C C   . ARG A 1 98  ? 4.098   -4.851  -28.189 1.00 83.74  ? 98  ARG A C   1 
ATOM 457 O O   . ARG A 1 98  ? 4.823   -5.435  -27.378 1.00 85.26  ? 98  ARG A O   1 
ATOM 458 C CB  . ARG A 1 98  ? 3.294   -6.798  -29.523 1.00 83.49  ? 98  ARG A CB  1 
ATOM 459 C CG  . ARG A 1 98  ? 2.355   -7.053  -28.324 1.00 81.46  ? 98  ARG A CG  1 
ATOM 460 C CD  . ARG A 1 98  ? 0.922   -6.775  -28.662 1.00 82.55  ? 98  ARG A CD  1 
ATOM 461 N NE  . ARG A 1 98  ? 0.496   -7.635  -29.760 1.00 84.04  ? 98  ARG A NE  1 
ATOM 462 C CZ  . ARG A 1 98  ? -0.408  -8.603  -29.666 1.00 81.52  ? 98  ARG A CZ  1 
ATOM 463 N NH1 . ARG A 1 98  ? -0.995  -8.829  -28.499 1.00 79.16  ? 98  ARG A NH1 1 
ATOM 464 N NH2 . ARG A 1 98  ? -0.711  -9.320  -30.743 1.00 80.71  ? 98  ARG A NH2 1 
ATOM 465 N N   . ILE A 1 99  ? 3.436   -3.744  -27.895 1.00 75.20  ? 99  ILE A N   1 
ATOM 466 C CA  . ILE A 1 99  ? 3.499   -3.128  -26.580 1.00 76.38  ? 99  ILE A CA  1 
ATOM 467 C C   . ILE A 1 99  ? 2.124   -3.202  -25.948 1.00 74.94  ? 99  ILE A C   1 
ATOM 468 O O   . ILE A 1 99  ? 1.133   -2.799  -26.560 1.00 74.17  ? 99  ILE A O   1 
ATOM 469 C CB  . ILE A 1 99  ? 3.950   -1.666  -26.653 1.00 79.01  ? 99  ILE A CB  1 
ATOM 470 C CG1 . ILE A 1 99  ? 5.347   -1.561  -27.260 1.00 81.31  ? 99  ILE A CG1 1 
ATOM 471 C CG2 . ILE A 1 99  ? 3.884   -1.067  -25.276 1.00 80.72  ? 99  ILE A CG2 1 
ATOM 472 C CD1 . ILE A 1 99  ? 6.446   -1.829  -26.283 1.00 82.60  ? 99  ILE A CD1 1 
ATOM 473 N N   . GLU A 1 100 ? 2.059   -3.677  -24.735 1.00 73.94  ? 100 GLU A N   1 
ATOM 474 C CA  . GLU A 1 100 ? 0.811   -3.540  -23.998 1.00 73.51  ? 100 GLU A CA  1 
ATOM 475 C C   . GLU A 1 100 ? 1.000   -3.178  -22.537 1.00 74.94  ? 100 GLU A C   1 
ATOM 476 O O   . GLU A 1 100 ? 0.119   -2.527  -21.979 1.00 75.37  ? 100 GLU A O   1 
ATOM 477 C CB  . GLU A 1 100 ? -0.012  -4.828  -24.066 1.00 72.31  ? 100 GLU A CB  1 
ATOM 478 C CG  . GLU A 1 100 ? -0.537  -5.250  -25.419 1.00 71.63  ? 100 GLU A CG  1 
ATOM 479 C CD  . GLU A 1 100 ? -1.261  -6.597  -25.324 1.00 71.38  ? 100 GLU A CD  1 
ATOM 480 O OE1 . GLU A 1 100 ? -1.183  -7.240  -24.246 1.00 71.87  ? 100 GLU A OE1 1 
ATOM 481 O OE2 . GLU A 1 100 ? -1.895  -7.015  -26.329 1.00 70.96  ? 100 GLU A OE2 1 
ATOM 482 N N   . ARG A 1 101 ? 2.096   -3.579  -21.896 1.00 72.30  ? 101 ARG A N   1 
ATOM 483 C CA  . ARG A 1 101 ? 2.249   -3.405  -20.462 1.00 73.59  ? 101 ARG A CA  1 
ATOM 484 C C   . ARG A 1 101 ? 2.415   -1.942  -20.105 1.00 75.90  ? 101 ARG A C   1 
ATOM 485 O O   . ARG A 1 101 ? 3.115   -1.197  -20.794 1.00 76.75  ? 101 ARG A O   1 
ATOM 486 C CB  . ARG A 1 101 ? 3.447   -4.197  -19.955 1.00 73.38  ? 101 ARG A CB  1 
ATOM 487 C CG  . ARG A 1 101 ? 3.418   -5.650  -20.317 1.00 71.49  ? 101 ARG A CG  1 
ATOM 488 C CD  . ARG A 1 101 ? 4.805   -6.174  -20.352 1.00 71.50  ? 101 ARG A CD  1 
ATOM 489 N NE  . ARG A 1 101 ? 5.283   -6.454  -19.018 1.00 72.66  ? 101 ARG A NE  1 
ATOM 490 C CZ  . ARG A 1 101 ? 6.538   -6.298  -18.625 1.00 73.99  ? 101 ARG A CZ  1 
ATOM 491 N NH1 . ARG A 1 101 ? 7.439   -5.840  -19.480 1.00 74.46  ? 101 ARG A NH1 1 
ATOM 492 N NH2 . ARG A 1 101 ? 6.863   -6.598  -17.376 1.00 75.27  ? 101 ARG A NH2 1 
ATOM 493 N N   . ARG A 1 102 ? 1.776   -1.540  -19.012 1.00 111.69 ? 102 ARG A N   1 
ATOM 494 C CA  . ARG A 1 102 ? 1.830   -0.161  -18.564 1.00 114.92 ? 102 ARG A CA  1 
ATOM 495 C C   . ARG A 1 102 ? 3.141   0.090   -17.823 1.00 117.89 ? 102 ARG A C   1 
ATOM 496 O O   . ARG A 1 102 ? 3.639   -0.780  -17.105 1.00 120.20 ? 102 ARG A O   1 
ATOM 497 C CB  . ARG A 1 102 ? 0.626   0.152   -17.667 1.00 113.53 ? 102 ARG A CB  1 
ATOM 498 C CG  . ARG A 1 102 ? -0.669  -0.689  -17.915 1.00 110.28 ? 102 ARG A CG  1 
ATOM 499 C CD  . ARG A 1 102 ? -1.860  -0.006  -17.213 1.00 111.26 ? 102 ARG A CD  1 
ATOM 500 N NE  . ARG A 1 102 ? -3.084  -0.789  -16.957 1.00 109.89 ? 102 ARG A NE  1 
ATOM 501 C CZ  . ARG A 1 102 ? -3.345  -1.447  -15.818 1.00 110.07 ? 102 ARG A CZ  1 
ATOM 502 N NH1 . ARG A 1 102 ? -2.459  -1.475  -14.830 1.00 110.99 ? 102 ARG A NH1 1 
ATOM 503 N NH2 . ARG A 1 102 ? -4.499  -2.083  -15.650 1.00 110.15 ? 102 ARG A NH2 1 
ATOM 504 N N   . TYR A 1 103 ? 3.711   1.279   -18.012 1.00 90.79  ? 103 TYR A N   1 
ATOM 505 C CA  . TYR A 1 103 ? 5.009   1.609   -17.439 1.00 94.37  ? 103 TYR A CA  1 
ATOM 506 C C   . TYR A 1 103 ? 4.988   3.018   -16.868 1.00 97.63  ? 103 TYR A C   1 
ATOM 507 O O   . TYR A 1 103 ? 4.113   3.825   -17.182 1.00 97.20  ? 103 TYR A O   1 
ATOM 508 C CB  . TYR A 1 103 ? 6.140   1.507   -18.471 1.00 95.46  ? 103 TYR A CB  1 
ATOM 509 C CG  . TYR A 1 103 ? 6.091   2.518   -19.609 1.00 96.47  ? 103 TYR A CG  1 
ATOM 510 C CD1 . TYR A 1 103 ? 6.819   3.699   -19.542 1.00 101.17 ? 103 TYR A CD1 1 
ATOM 511 C CD2 . TYR A 1 103 ? 5.360   2.265   -20.771 1.00 94.54  ? 103 TYR A CD2 1 
ATOM 512 C CE1 . TYR A 1 103 ? 6.796   4.616   -20.576 1.00 105.21 ? 103 TYR A CE1 1 
ATOM 513 C CE2 . TYR A 1 103 ? 5.336   3.171   -21.820 1.00 98.19  ? 103 TYR A CE2 1 
ATOM 514 C CZ  . TYR A 1 103 ? 6.056   4.353   -21.714 1.00 103.10 ? 103 TYR A CZ  1 
ATOM 515 O OH  . TYR A 1 103 ? 6.051   5.280   -22.743 1.00 103.78 ? 103 TYR A OH  1 
ATOM 516 N N   . GLY A 1 104 ? 5.975   3.313   -16.026 1.00 90.56  ? 104 GLY A N   1 
ATOM 517 C CA  . GLY A 1 104 ? 6.088   4.649   -15.474 1.00 93.54  ? 104 GLY A CA  1 
ATOM 518 C C   . GLY A 1 104 ? 5.997   4.785   -13.963 1.00 87.42  ? 104 GLY A C   1 
ATOM 519 O O   . GLY A 1 104 ? 6.161   3.805   -13.227 1.00 85.64  ? 104 GLY A O   1 
ATOM 520 N N   . SER A 1 105 ? 5.744   6.004   -13.486 1.00 92.13  ? 105 SER A N   1 
ATOM 521 C CA  . SER A 1 105 ? 5.716   6.328   -12.066 1.00 89.87  ? 105 SER A CA  1 
ATOM 522 C C   . SER A 1 105 ? 4.302   6.206   -11.516 1.00 85.09  ? 105 SER A C   1 
ATOM 523 O O   . SER A 1 105 ? 3.321   6.371   -12.241 1.00 85.96  ? 105 SER A O   1 
ATOM 524 C CB  . SER A 1 105 ? 6.239   7.744   -11.837 1.00 94.70  ? 105 SER A CB  1 
ATOM 525 O OG  . SER A 1 105 ? 5.544   8.671   -12.660 1.00 99.31  ? 105 SER A OG  1 
ATOM 526 N N   . PHE A 1 106 ? 4.194   5.913   -10.226 1.00 76.87  ? 106 PHE A N   1 
ATOM 527 C CA  . PHE A 1 106 ? 2.877   5.770   -9.616  1.00 74.44  ? 106 PHE A CA  1 
ATOM 528 C C   . PHE A 1 106 ? 2.889   6.311   -8.198  1.00 74.74  ? 106 PHE A C   1 
ATOM 529 O O   . PHE A 1 106 ? 3.932   6.381   -7.543  1.00 76.89  ? 106 PHE A O   1 
ATOM 530 C CB  . PHE A 1 106 ? 2.389   4.315   -9.591  1.00 72.66  ? 106 PHE A CB  1 
ATOM 531 C CG  . PHE A 1 106 ? 3.279   3.385   -8.813  1.00 70.30  ? 106 PHE A CG  1 
ATOM 532 C CD1 . PHE A 1 106 ? 4.369   2.769   -9.423  1.00 70.06  ? 106 PHE A CD1 1 
ATOM 533 C CD2 . PHE A 1 106 ? 3.027   3.123   -7.478  1.00 66.33  ? 106 PHE A CD2 1 
ATOM 534 C CE1 . PHE A 1 106 ? 5.187   1.913   -8.714  1.00 69.46  ? 106 PHE A CE1 1 
ATOM 535 C CE2 . PHE A 1 106 ? 3.843   2.262   -6.770  1.00 67.01  ? 106 PHE A CE2 1 
ATOM 536 C CZ  . PHE A 1 106 ? 4.923   1.656   -7.390  1.00 68.68  ? 106 PHE A CZ  1 
ATOM 537 N N   . HIS A 1 107 ? 1.696   6.667   -7.724  1.00 88.80  ? 107 HIS A N   1 
ATOM 538 C CA  . HIS A 1 107 ? 1.555   7.278   -6.414  1.00 88.43  ? 107 HIS A CA  1 
ATOM 539 C C   . HIS A 1 107 ? 0.102   7.252   -5.963  1.00 86.70  ? 107 HIS A C   1 
ATOM 540 O O   . HIS A 1 107 ? -0.676  8.132   -6.334  1.00 90.85  ? 107 HIS A O   1 
ATOM 541 C CB  . HIS A 1 107 ? 2.080   8.707   -6.461  1.00 91.81  ? 107 HIS A CB  1 
ATOM 542 C CG  . HIS A 1 107 ? 2.146   9.376   -5.125  1.00 97.57  ? 107 HIS A CG  1 
ATOM 543 N ND1 . HIS A 1 107 ? 2.882   8.872   -4.074  1.00 98.02  ? 107 HIS A ND1 1 
ATOM 544 C CD2 . HIS A 1 107 ? 1.586   10.524  -4.676  1.00 99.93  ? 107 HIS A CD2 1 
ATOM 545 C CE1 . HIS A 1 107 ? 2.765   9.676   -3.034  1.00 98.99  ? 107 HIS A CE1 1 
ATOM 546 N NE2 . HIS A 1 107 ? 1.984   10.685  -3.373  1.00 100.25 ? 107 HIS A NE2 1 
ATOM 547 N N   . ARG A 1 108 ? -0.279  6.240   -5.188  1.00 70.50  ? 108 ARG A N   1 
ATOM 548 C CA  . ARG A 1 108 ? -1.618  6.129   -4.632  1.00 69.21  ? 108 ARG A CA  1 
ATOM 549 C C   . ARG A 1 108 ? -1.572  6.475   -3.156  1.00 70.53  ? 108 ARG A C   1 
ATOM 550 O O   . ARG A 1 108 ? -0.678  6.014   -2.442  1.00 73.17  ? 108 ARG A O   1 
ATOM 551 C CB  . ARG A 1 108 ? -2.188  4.712   -4.782  1.00 67.29  ? 108 ARG A CB  1 
ATOM 552 C CG  . ARG A 1 108 ? -2.539  4.272   -6.196  1.00 67.14  ? 108 ARG A CG  1 
ATOM 553 C CD  . ARG A 1 108 ? -3.713  5.053   -6.750  1.00 70.17  ? 108 ARG A CD  1 
ATOM 554 N NE  . ARG A 1 108 ? -5.040  4.609   -6.299  1.00 68.40  ? 108 ARG A NE  1 
ATOM 555 C CZ  . ARG A 1 108 ? -5.674  3.533   -6.765  1.00 65.92  ? 108 ARG A CZ  1 
ATOM 556 N NH1 . ARG A 1 108 ? -6.891  3.219   -6.340  1.00 63.65  ? 108 ARG A NH1 1 
ATOM 557 N NH2 . ARG A 1 108 ? -5.078  2.761   -7.660  1.00 66.49  ? 108 ARG A NH2 1 
ATOM 558 N N   . ARG A 1 109 ? -2.552  7.251   -2.688  1.00 67.88  ? 109 ARG A N   1 
ATOM 559 C CA  . ARG A 1 109 ? -2.658  7.628   -1.280  1.00 68.45  ? 109 ARG A CA  1 
ATOM 560 C C   . ARG A 1 109 ? -4.044  7.284   -0.737  1.00 67.12  ? 109 ARG A C   1 
ATOM 561 O O   . ARG A 1 109 ? -5.056  7.619   -1.359  1.00 68.69  ? 109 ARG A O   1 
ATOM 562 C CB  . ARG A 1 109 ? -2.375  9.119   -1.095  1.00 73.65  ? 109 ARG A CB  1 
ATOM 563 C CG  . ARG A 1 109 ? -1.047  9.575   -1.666  1.00 78.00  ? 109 ARG A CG  1 
ATOM 564 C CD  . ARG A 1 109 ? -0.441  10.678  -0.826  1.00 81.32  ? 109 ARG A CD  1 
ATOM 565 N NE  . ARG A 1 109 ? -1.112  11.960  -1.001  1.00 83.63  ? 109 ARG A NE  1 
ATOM 566 C CZ  . ARG A 1 109 ? -1.137  12.914  -0.069  1.00 90.80  ? 109 ARG A CZ  1 
ATOM 567 N NH1 . ARG A 1 109 ? -0.540  12.714  1.109   1.00 87.66  ? 109 ARG A NH1 1 
ATOM 568 N NH2 . ARG A 1 109 ? -1.764  14.069  -0.301  1.00 98.14  ? 109 ARG A NH2 1 
ATOM 569 N N   . PHE A 1 110 ? -4.092  6.668   0.447   1.00 67.86  ? 110 PHE A N   1 
ATOM 570 C CA  . PHE A 1 110 ? -5.333  6.164   1.011   1.00 67.81  ? 110 PHE A CA  1 
ATOM 571 C C   . PHE A 1 110 ? -5.524  6.642   2.438   1.00 69.94  ? 110 PHE A C   1 
ATOM 572 O O   . PHE A 1 110 ? -4.601  6.543   3.255   1.00 71.12  ? 110 PHE A O   1 
ATOM 573 C CB  . PHE A 1 110 ? -5.350  4.637   0.981   1.00 65.05  ? 110 PHE A CB  1 
ATOM 574 C CG  . PHE A 1 110 ? -5.254  4.088   -0.393  1.00 65.87  ? 110 PHE A CG  1 
ATOM 575 C CD1 . PHE A 1 110 ? -4.016  3.824   -0.951  1.00 66.59  ? 110 PHE A CD1 1 
ATOM 576 C CD2 . PHE A 1 110 ? -6.389  3.884   -1.158  1.00 65.18  ? 110 PHE A CD2 1 
ATOM 577 C CE1 . PHE A 1 110 ? -3.895  3.328   -2.233  1.00 64.89  ? 110 PHE A CE1 1 
ATOM 578 C CE2 . PHE A 1 110 ? -6.276  3.381   -2.472  1.00 66.44  ? 110 PHE A CE2 1 
ATOM 579 C CZ  . PHE A 1 110 ? -5.018  3.111   -3.003  1.00 67.13  ? 110 PHE A CZ  1 
ATOM 580 N N   . ALA A 1 111 ? -6.751  7.096   2.751   1.00 74.18  ? 111 ALA A N   1 
ATOM 581 C CA  . ALA A 1 111 ? -7.057  7.665   4.065   1.00 75.05  ? 111 ALA A CA  1 
ATOM 582 C C   . ALA A 1 111 ? -7.358  6.565   5.074   1.00 72.61  ? 111 ALA A C   1 
ATOM 583 O O   . ALA A 1 111 ? -8.269  5.748   4.871   1.00 74.60  ? 111 ALA A O   1 
ATOM 584 C CB  . ALA A 1 111 ? -8.238  8.609   3.982   1.00 76.43  ? 111 ALA A CB  1 
ATOM 585 N N   . LEU A 1 112 ? -6.648  6.553   6.159   1.00 71.39  ? 112 LEU A N   1 
ATOM 586 C CA  . LEU A 1 112 ? -6.996  5.430   7.015   1.00 70.90  ? 112 LEU A CA  1 
ATOM 587 C C   . LEU A 1 112 ? -8.087  5.786   8.010   1.00 69.59  ? 112 LEU A C   1 
ATOM 588 O O   . LEU A 1 112 ? -8.026  6.842   8.638   1.00 72.07  ? 112 LEU A O   1 
ATOM 589 C CB  . LEU A 1 112 ? -5.825  4.962   7.812   1.00 72.60  ? 112 LEU A CB  1 
ATOM 590 C CG  . LEU A 1 112 ? -4.531  4.516   7.215   1.00 74.43  ? 112 LEU A CG  1 
ATOM 591 C CD1 . LEU A 1 112 ? -3.623  4.422   8.431   1.00 75.63  ? 112 LEU A CD1 1 
ATOM 592 C CD2 . LEU A 1 112 ? -4.760  3.164   6.476   1.00 73.22  ? 112 LEU A CD2 1 
ATOM 593 N N   . PRO A 1 113 ? -8.999  4.848   8.267   1.00 71.72  ? 113 PRO A N   1 
ATOM 594 C CA  . PRO A 1 113 ? -9.993  5.032   9.329   1.00 70.44  ? 113 PRO A CA  1 
ATOM 595 C C   . PRO A 1 113 ? -9.300  5.231   10.659  1.00 72.42  ? 113 PRO A C   1 
ATOM 596 O O   . PRO A 1 113 ? -8.184  4.755   10.871  1.00 74.61  ? 113 PRO A O   1 
ATOM 597 C CB  . PRO A 1 113 ? -10.777 3.715   9.325   1.00 68.52  ? 113 PRO A CB  1 
ATOM 598 C CG  . PRO A 1 113 ? -10.447 3.064   8.020   1.00 69.20  ? 113 PRO A CG  1 
ATOM 599 C CD  . PRO A 1 113 ? -9.055  3.496   7.691   1.00 68.72  ? 113 PRO A CD  1 
ATOM 600 N N   . ASP A 1 114 ? -9.984  5.944   11.564  1.00 85.70  ? 114 ASP A N   1 
ATOM 601 C CA  . ASP A 1 114 ? -9.426  6.166   12.888  1.00 86.64  ? 114 ASP A CA  1 
ATOM 602 C C   . ASP A 1 114 ? -9.378  4.916   13.726  1.00 85.40  ? 114 ASP A C   1 
ATOM 603 O O   . ASP A 1 114 ? -8.848  4.972   14.841  1.00 93.11  ? 114 ASP A O   1 
ATOM 604 C CB  . ASP A 1 114 ? -10.201 7.232   13.635  1.00 91.50  ? 114 ASP A CB  1 
ATOM 605 C CG  . ASP A 1 114 ? -10.534 8.402   12.769  1.00 99.58  ? 114 ASP A CG  1 
ATOM 606 O OD1 . ASP A 1 114 ? -11.520 8.321   12.006  1.00 100.74 ? 114 ASP A OD1 1 
ATOM 607 O OD2 . ASP A 1 114 ? -9.781  9.398   12.816  1.00 104.53 ? 114 ASP A OD2 1 
ATOM 608 N N   . SER A 1 115 ? -9.890  3.794   13.237  1.00 78.59  ? 115 SER A N   1 
ATOM 609 C CA  . SER A 1 115 ? -9.654  2.537   13.929  1.00 78.73  ? 115 SER A CA  1 
ATOM 610 C C   . SER A 1 115 ? -8.363  1.863   13.494  1.00 74.38  ? 115 SER A C   1 
ATOM 611 O O   . SER A 1 115 ? -7.924  0.926   14.159  1.00 76.12  ? 115 SER A O   1 
ATOM 612 C CB  . SER A 1 115 ? -10.843 1.581   13.739  1.00 78.86  ? 115 SER A CB  1 
ATOM 613 O OG  . SER A 1 115 ? -10.980 1.197   12.386  1.00 77.10  ? 115 SER A OG  1 
ATOM 614 N N   . ALA A 1 116 ? -7.734  2.320   12.420  1.00 64.26  ? 116 ALA A N   1 
ATOM 615 C CA  . ALA A 1 116 ? -6.444  1.762   12.033  1.00 62.34  ? 116 ALA A CA  1 
ATOM 616 C C   . ALA A 1 116 ? -5.345  2.188   13.001  1.00 64.48  ? 116 ALA A C   1 
ATOM 617 O O   . ALA A 1 116 ? -5.322  3.322   13.486  1.00 69.25  ? 116 ALA A O   1 
ATOM 618 C CB  . ALA A 1 116 ? -6.076  2.209   10.630  1.00 59.95  ? 116 ALA A CB  1 
ATOM 619 N N   . ASP A 1 117 ? -4.423  1.280   13.277  1.00 75.19  ? 117 ASP A N   1 
ATOM 620 C CA  . ASP A 1 117 ? -3.352  1.516   14.241  1.00 80.76  ? 117 ASP A CA  1 
ATOM 621 C C   . ASP A 1 117 ? -2.043  1.664   13.473  1.00 82.18  ? 117 ASP A C   1 
ATOM 622 O O   . ASP A 1 117 ? -1.297  0.701   13.309  1.00 83.20  ? 117 ASP A O   1 
ATOM 623 C CB  . ASP A 1 117 ? -3.300  0.383   15.242  1.00 82.16  ? 117 ASP A CB  1 
ATOM 624 C CG  . ASP A 1 117 ? -2.052  0.401   16.099  1.00 86.00  ? 117 ASP A CG  1 
ATOM 625 O OD1 . ASP A 1 117 ? -1.322  1.418   16.117  1.00 89.07  ? 117 ASP A OD1 1 
ATOM 626 O OD2 . ASP A 1 117 ? -1.817  -0.628  16.769  1.00 88.69  ? 117 ASP A OD2 1 
ATOM 627 N N   . ALA A 1 118 ? -1.739  2.904   13.084  1.00 80.54  ? 118 ALA A N   1 
ATOM 628 C CA  . ALA A 1 118 ? -0.720  3.162   12.069  1.00 81.18  ? 118 ALA A CA  1 
ATOM 629 C C   . ALA A 1 118 ? 0.650   2.647   12.477  1.00 85.57  ? 118 ALA A C   1 
ATOM 630 O O   . ALA A 1 118 ? 1.452   2.263   11.620  1.00 83.65  ? 118 ALA A O   1 
ATOM 631 C CB  . ALA A 1 118 ? -0.656  4.660   11.778  1.00 81.76  ? 118 ALA A CB  1 
ATOM 632 N N   . ASP A 1 119 ? 0.939   2.632   13.772  1.00 91.06  ? 119 ASP A N   1 
ATOM 633 C CA  . ASP A 1 119 ? 2.234   2.181   14.252  1.00 95.93  ? 119 ASP A CA  1 
ATOM 634 C C   . ASP A 1 119 ? 2.402   0.673   14.162  1.00 95.25  ? 119 ASP A C   1 
ATOM 635 O O   . ASP A 1 119 ? 3.490   0.172   14.446  1.00 101.65 ? 119 ASP A O   1 
ATOM 636 C CB  . ASP A 1 119 ? 2.448   2.658   15.697  1.00 99.43  ? 119 ASP A CB  1 
ATOM 637 C CG  . ASP A 1 119 ? 2.569   4.173   15.804  1.00 99.42  ? 119 ASP A CG  1 
ATOM 638 O OD1 . ASP A 1 119 ? 2.571   4.825   14.740  1.00 98.02  ? 119 ASP A OD1 1 
ATOM 639 O OD2 . ASP A 1 119 ? 2.694   4.704   16.939  1.00 101.70 ? 119 ASP A OD2 1 
ATOM 640 N N   . GLY A 1 120 ? 1.366   -0.065  13.771  1.00 69.28  ? 120 GLY A N   1 
ATOM 641 C CA  . GLY A 1 120 ? 1.471   -1.506  13.607  1.00 70.03  ? 120 GLY A CA  1 
ATOM 642 C C   . GLY A 1 120 ? 1.395   -2.015  12.186  1.00 69.64  ? 120 GLY A C   1 
ATOM 643 O O   . GLY A 1 120 ? 1.329   -3.245  11.981  1.00 64.31  ? 120 GLY A O   1 
ATOM 644 N N   . ILE A 1 121 ? 1.411   -1.136  11.185  1.00 68.39  ? 121 ILE A N   1 
ATOM 645 C CA  . ILE A 1 121 ? 1.317   -1.541  9.792   1.00 64.24  ? 121 ILE A CA  1 
ATOM 646 C C   . ILE A 1 121 ? 2.513   -2.385  9.381   1.00 68.53  ? 121 ILE A C   1 
ATOM 647 O O   . ILE A 1 121 ? 3.666   -2.059  9.686   1.00 72.25  ? 121 ILE A O   1 
ATOM 648 C CB  . ILE A 1 121 ? 1.165   -0.296  8.905   1.00 63.06  ? 121 ILE A CB  1 
ATOM 649 C CG1 . ILE A 1 121 ? -0.005  0.503   9.454   1.00 61.05  ? 121 ILE A CG1 1 
ATOM 650 C CG2 . ILE A 1 121 ? 1.008   -0.660  7.428   1.00 57.41  ? 121 ILE A CG2 1 
ATOM 651 C CD1 . ILE A 1 121 ? -0.543  1.517   8.524   1.00 54.66  ? 121 ILE A CD1 1 
ATOM 652 N N   . THR A 1 122 ? 2.225   -3.481  8.680   1.00 81.57  ? 122 THR A N   1 
ATOM 653 C CA  . THR A 1 122 ? 3.221   -4.346  8.066   1.00 81.99  ? 122 THR A CA  1 
ATOM 654 C C   . THR A 1 122 ? 2.853   -4.579  6.605   1.00 78.98  ? 122 THR A C   1 
ATOM 655 O O   . THR A 1 122 ? 1.682   -4.497  6.212   1.00 77.53  ? 122 THR A O   1 
ATOM 656 C CB  . THR A 1 122 ? 3.338   -5.694  8.815   1.00 80.60  ? 122 THR A CB  1 
ATOM 657 O OG1 . THR A 1 122 ? 2.043   -6.096  9.283   1.00 83.87  ? 122 THR A OG1 1 
ATOM 658 C CG2 . THR A 1 122 ? 4.251   -5.561  9.992   1.00 80.50  ? 122 THR A CG2 1 
ATOM 659 N N   . ALA A 1 123 ? 3.870   -4.866  5.801   1.00 78.58  ? 123 ALA A N   1 
ATOM 660 C CA  . ALA A 1 123 ? 3.683   -5.074  4.377   1.00 77.27  ? 123 ALA A CA  1 
ATOM 661 C C   . ALA A 1 123 ? 4.619   -6.177  3.914   1.00 80.04  ? 123 ALA A C   1 
ATOM 662 O O   . ALA A 1 123 ? 5.698   -6.370  4.480   1.00 83.67  ? 123 ALA A O   1 
ATOM 663 C CB  . ALA A 1 123 ? 3.936   -3.788  3.590   1.00 73.01  ? 123 ALA A CB  1 
ATOM 664 N N   . SER A 1 124 ? 4.179   -6.921  2.897   1.00 70.04  ? 124 SER A N   1 
ATOM 665 C CA  . SER A 1 124 ? 4.979   -7.981  2.295   1.00 72.99  ? 124 SER A CA  1 
ATOM 666 C C   . SER A 1 124 ? 4.545   -8.127  0.843   1.00 74.24  ? 124 SER A C   1 
ATOM 667 O O   . SER A 1 124 ? 3.512   -7.598  0.425   1.00 71.20  ? 124 SER A O   1 
ATOM 668 C CB  . SER A 1 124 ? 4.858   -9.304  3.060   1.00 72.79  ? 124 SER A CB  1 
ATOM 669 O OG  . SER A 1 124 ? 3.581   -9.881  2.894   1.00 78.18  ? 124 SER A OG  1 
ATOM 670 N N   . GLY A 1 125 ? 5.368   -8.825  0.065   1.00 72.19  ? 125 GLY A N   1 
ATOM 671 C CA  . GLY A 1 125 ? 5.187   -8.904  -1.372  1.00 69.55  ? 125 GLY A CA  1 
ATOM 672 C C   . GLY A 1 125 ? 5.616   -10.241 -1.928  1.00 71.81  ? 125 GLY A C   1 
ATOM 673 O O   . GLY A 1 125 ? 6.613   -10.821 -1.489  1.00 73.83  ? 125 GLY A O   1 
ATOM 674 N N   . SER A 1 126 ? 4.857   -10.759 -2.883  1.00 67.69  ? 126 SER A N   1 
ATOM 675 C CA  . SER A 1 126 ? 5.140   -12.071 -3.446  1.00 69.00  ? 126 SER A CA  1 
ATOM 676 C C   . SER A 1 126 ? 4.457   -12.138 -4.797  1.00 70.56  ? 126 SER A C   1 
ATOM 677 O O   . SER A 1 126 ? 3.293   -11.741 -4.924  1.00 69.63  ? 126 SER A O   1 
ATOM 678 C CB  . SER A 1 126 ? 4.667   -13.210 -2.517  1.00 74.40  ? 126 SER A CB  1 
ATOM 679 O OG  . SER A 1 126 ? 3.340   -13.642 -2.793  1.00 77.15  ? 126 SER A OG  1 
ATOM 680 N N   . HIS A 1 127 ? 5.196   -12.590 -5.804  1.00 81.88  ? 127 HIS A N   1 
ATOM 681 C CA  . HIS A 1 127 ? 4.651   -12.777 -7.140  1.00 82.11  ? 127 HIS A CA  1 
ATOM 682 C C   . HIS A 1 127 ? 4.066   -11.484 -7.701  1.00 77.84  ? 127 HIS A C   1 
ATOM 683 O O   . HIS A 1 127 ? 3.070   -11.494 -8.425  1.00 80.03  ? 127 HIS A O   1 
ATOM 684 C CB  . HIS A 1 127 ? 3.626   -13.900 -7.128  1.00 87.32  ? 127 HIS A CB  1 
ATOM 685 C CG  . HIS A 1 127 ? 4.220   -15.231 -6.802  1.00 94.93  ? 127 HIS A CG  1 
ATOM 686 N ND1 . HIS A 1 127 ? 5.521   -15.562 -7.120  1.00 96.00  ? 127 HIS A ND1 1 
ATOM 687 C CD2 . HIS A 1 127 ? 3.699   -16.314 -6.178  1.00 99.46  ? 127 HIS A CD2 1 
ATOM 688 C CE1 . HIS A 1 127 ? 5.772   -16.797 -6.719  1.00 99.53  ? 127 HIS A CE1 1 
ATOM 689 N NE2 . HIS A 1 127 ? 4.682   -17.276 -6.144  1.00 101.92 ? 127 HIS A NE2 1 
ATOM 690 N N   . GLY A 1 128 ? 4.704   -10.361 -7.376  1.00 66.93  ? 128 GLY A N   1 
ATOM 691 C CA  . GLY A 1 128 ? 4.276   -9.087  -7.909  1.00 65.08  ? 128 GLY A CA  1 
ATOM 692 C C   . GLY A 1 128 ? 3.057   -8.461  -7.260  1.00 62.89  ? 128 GLY A C   1 
ATOM 693 O O   . GLY A 1 128 ? 2.514   -7.497  -7.810  1.00 61.26  ? 128 GLY A O   1 
ATOM 694 N N   . VAL A 1 129 ? 2.599   -8.956  -6.107  1.00 63.25  ? 129 VAL A N   1 
ATOM 695 C CA  . VAL A 1 129 ? 1.465   -8.359  -5.408  1.00 61.28  ? 129 VAL A CA  1 
ATOM 696 C C   . VAL A 1 129 ? 1.951   -7.754  -4.102  1.00 58.51  ? 129 VAL A C   1 
ATOM 697 O O   . VAL A 1 129 ? 2.710   -8.384  -3.363  1.00 61.11  ? 129 VAL A O   1 
ATOM 698 C CB  . VAL A 1 129 ? 0.344   -9.378  -5.149  1.00 64.60  ? 129 VAL A CB  1 
ATOM 699 C CG1 . VAL A 1 129 ? -0.686  -8.780  -4.205  1.00 59.46  ? 129 VAL A CG1 1 
ATOM 700 C CG2 . VAL A 1 129 ? -0.312  -9.759  -6.430  1.00 65.79  ? 129 VAL A CG2 1 
ATOM 701 N N   . LEU A 1 130 ? 1.519   -6.541  -3.818  1.00 64.61  ? 130 LEU A N   1 
ATOM 702 C CA  . LEU A 1 130 ? 1.840   -5.883  -2.566  1.00 64.86  ? 130 LEU A CA  1 
ATOM 703 C C   . LEU A 1 130 ? 0.680   -6.074  -1.602  1.00 65.53  ? 130 LEU A C   1 
ATOM 704 O O   . LEU A 1 130 ? -0.438  -5.628  -1.880  1.00 63.47  ? 130 LEU A O   1 
ATOM 705 C CB  . LEU A 1 130 ? 2.113   -4.398  -2.787  1.00 62.30  ? 130 LEU A CB  1 
ATOM 706 C CG  . LEU A 1 130 ? 2.221   -3.515  -1.538  1.00 60.97  ? 130 LEU A CG  1 
ATOM 707 C CD1 . LEU A 1 130 ? 3.363   -3.946  -0.647  1.00 63.49  ? 130 LEU A CD1 1 
ATOM 708 C CD2 . LEU A 1 130 ? 2.389   -2.073  -1.972  1.00 59.20  ? 130 LEU A CD2 1 
ATOM 709 N N   . SER A 1 131 ? 0.943   -6.735  -0.479  1.00 70.10  ? 131 SER A N   1 
ATOM 710 C CA  . SER A 1 131 ? -0.002  -6.802  0.629   1.00 70.14  ? 131 SER A CA  1 
ATOM 711 C C   . SER A 1 131 ? 0.445   -5.840  1.731   1.00 69.29  ? 131 SER A C   1 
ATOM 712 O O   . SER A 1 131 ? 1.597   -5.885  2.178   1.00 71.98  ? 131 SER A O   1 
ATOM 713 C CB  . SER A 1 131 ? -0.112  -8.227  1.169   1.00 75.07  ? 131 SER A CB  1 
ATOM 714 O OG  . SER A 1 131 ? -0.242  -9.163  0.120   1.00 80.37  ? 131 SER A OG  1 
ATOM 715 N N   . ILE A 1 132 ? -0.457  -4.955  2.151   1.00 59.22  ? 132 ILE A N   1 
ATOM 716 C CA  . ILE A 1 132 ? -0.230  -4.075  3.294   1.00 55.56  ? 132 ILE A CA  1 
ATOM 717 C C   . ILE A 1 132 ? -1.224  -4.482  4.381   1.00 56.24  ? 132 ILE A C   1 
ATOM 718 O O   . ILE A 1 132 ? -2.445  -4.488  4.163   1.00 52.06  ? 132 ILE A O   1 
ATOM 719 C CB  . ILE A 1 132 ? -0.366  -2.590  2.906   1.00 52.41  ? 132 ILE A CB  1 
ATOM 720 C CG1 . ILE A 1 132 ? 0.711   -2.186  1.894   1.00 52.39  ? 132 ILE A CG1 1 
ATOM 721 C CG2 . ILE A 1 132 ? -0.243  -1.692  4.115   1.00 51.63  ? 132 ILE A CG2 1 
ATOM 722 C CD1 . ILE A 1 132 ? 0.465   -0.797  1.296   1.00 51.65  ? 132 ILE A CD1 1 
ATOM 723 N N   . PHE A 1 133 ? -0.708  -4.852  5.539   1.00 65.37  ? 133 PHE A N   1 
ATOM 724 C CA  . PHE A 1 133 ? -1.561  -5.269  6.640   1.00 64.55  ? 133 PHE A CA  1 
ATOM 725 C C   . PHE A 1 133 ? -1.650  -4.140  7.658   1.00 63.23  ? 133 PHE A C   1 
ATOM 726 O O   . PHE A 1 133 ? -0.628  -3.671  8.171   1.00 67.37  ? 133 PHE A O   1 
ATOM 727 C CB  . PHE A 1 133 ? -1.031  -6.552  7.269   1.00 66.24  ? 133 PHE A CB  1 
ATOM 728 C CG  . PHE A 1 133 ? -0.834  -7.634  6.284   1.00 66.86  ? 133 PHE A CG  1 
ATOM 729 C CD1 . PHE A 1 133 ? -1.876  -8.469  5.941   1.00 65.27  ? 133 PHE A CD1 1 
ATOM 730 C CD2 . PHE A 1 133 ? 0.372   -7.787  5.657   1.00 69.04  ? 133 PHE A CD2 1 
ATOM 731 C CE1 . PHE A 1 133 ? -1.698  -9.462  5.006   1.00 66.29  ? 133 PHE A CE1 1 
ATOM 732 C CE2 . PHE A 1 133 ? 0.551   -8.774  4.732   1.00 69.65  ? 133 PHE A CE2 1 
ATOM 733 C CZ  . PHE A 1 133 ? -0.480  -9.609  4.404   1.00 69.80  ? 133 PHE A CZ  1 
ATOM 734 N N   . ILE A 1 134 ? -2.874  -3.722  7.940   1.00 49.39  ? 134 ILE A N   1 
ATOM 735 C CA  . ILE A 1 134 ? -3.183  -2.541  8.728   1.00 50.10  ? 134 ILE A CA  1 
ATOM 736 C C   . ILE A 1 134 ? -3.987  -2.981  9.943   1.00 51.78  ? 134 ILE A C   1 
ATOM 737 O O   . ILE A 1 134 ? -5.209  -3.142  9.866   1.00 51.61  ? 134 ILE A O   1 
ATOM 738 C CB  . ILE A 1 134 ? -3.972  -1.523  7.891   1.00 48.81  ? 134 ILE A CB  1 
ATOM 739 C CG1 . ILE A 1 134 ? -3.186  -1.206  6.637   1.00 47.64  ? 134 ILE A CG1 1 
ATOM 740 C CG2 . ILE A 1 134 ? -4.228  -0.285  8.683   1.00 50.11  ? 134 ILE A CG2 1 
ATOM 741 C CD1 . ILE A 1 134 ? -3.999  -0.562  5.581   1.00 46.62  ? 134 ILE A CD1 1 
ATOM 742 N N   . PRO A 1 135 ? -3.322  -3.216  11.078  1.00 53.97  ? 135 PRO A N   1 
ATOM 743 C CA  . PRO A 1 135 ? -4.026  -3.559  12.329  1.00 56.31  ? 135 PRO A CA  1 
ATOM 744 C C   . PRO A 1 135 ? -5.086  -2.551  12.727  1.00 56.91  ? 135 PRO A C   1 
ATOM 745 O O   . PRO A 1 135 ? -4.999  -1.365  12.413  1.00 56.29  ? 135 PRO A O   1 
ATOM 746 C CB  . PRO A 1 135 ? -2.904  -3.569  13.365  1.00 58.91  ? 135 PRO A CB  1 
ATOM 747 C CG  . PRO A 1 135 ? -1.679  -3.845  12.593  1.00 58.00  ? 135 PRO A CG  1 
ATOM 748 C CD  . PRO A 1 135 ? -1.862  -3.244  11.229  1.00 54.98  ? 135 PRO A CD  1 
ATOM 749 N N   . LYS A 1 136 ? -6.085  -3.021  13.464  1.00 70.54  ? 136 LYS A N   1 
ATOM 750 C CA  . LYS A 1 136 ? -7.078  -2.117  14.028  1.00 70.49  ? 136 LYS A CA  1 
ATOM 751 C C   . LYS A 1 136 ? -6.723  -1.802  15.475  1.00 72.59  ? 136 LYS A C   1 
ATOM 752 O O   . LYS A 1 136 ? -6.181  -2.651  16.182  1.00 74.80  ? 136 LYS A O   1 
ATOM 753 C CB  . LYS A 1 136 ? -8.481  -2.720  13.943  1.00 65.56  ? 136 LYS A CB  1 
ATOM 754 C CG  . LYS A 1 136 ? -9.066  -2.807  12.528  1.00 63.09  ? 136 LYS A CG  1 
ATOM 755 C CD  . LYS A 1 136 ? -10.611 -2.809  12.547  1.00 60.80  ? 136 LYS A CD  1 
ATOM 756 C CE  . LYS A 1 136 ? -11.187 -3.852  11.564  1.00 55.14  ? 136 LYS A CE  1 
ATOM 757 N NZ  . LYS A 1 136 ? -12.648 -4.101  11.787  1.00 55.31  ? 136 LYS A NZ  1 
ATOM 758 N N   . ARG A 1 137 ? -6.994  -0.563  15.902  1.00 67.60  ? 137 ARG A N   1 
ATOM 759 C CA  . ARG A 1 137 ? -6.778  -0.208  17.303  1.00 69.02  ? 137 ARG A CA  1 
ATOM 760 C C   . ARG A 1 137 ? -7.574  -1.147  18.194  1.00 65.40  ? 137 ARG A C   1 
ATOM 761 O O   . ARG A 1 137 ? -8.660  -1.615  17.834  1.00 63.89  ? 137 ARG A O   1 
ATOM 762 C CB  . ARG A 1 137 ? -7.187  1.236   17.615  1.00 68.05  ? 137 ARG A CB  1 
ATOM 763 C CG  . ARG A 1 137 ? -6.561  2.293   16.767  1.00 75.98  ? 137 ARG A CG  1 
ATOM 764 C CD  . ARG A 1 137 ? -6.602  3.654   17.460  1.00 80.49  ? 137 ARG A CD  1 
ATOM 765 N NE  . ARG A 1 137 ? -5.507  3.748   18.417  1.00 92.66  ? 137 ARG A NE  1 
ATOM 766 C CZ  . ARG A 1 137 ? -4.317  4.283   18.139  1.00 99.88  ? 137 ARG A CZ  1 
ATOM 767 N NH1 . ARG A 1 137 ? -3.364  4.307   19.074  1.00 104.75 ? 137 ARG A NH1 1 
ATOM 768 N NH2 . ARG A 1 137 ? -4.084  4.795   16.925  1.00 98.31  ? 137 ARG A NH2 1 
ATOM 769 N N   . ALA A 1 138 ? -7.022  -1.435  19.363  1.00 55.87  ? 138 ALA A N   1 
ATOM 770 C CA  . ALA A 1 138 ? -7.780  -2.195  20.341  1.00 54.99  ? 138 ALA A CA  1 
ATOM 771 C C   . ALA A 1 138 ? -8.928  -1.352  20.869  1.00 53.92  ? 138 ALA A C   1 
ATOM 772 O O   . ALA A 1 138 ? -8.817  -0.134  21.016  1.00 54.90  ? 138 ALA A O   1 
ATOM 773 C CB  . ALA A 1 138 ? -6.887  -2.653  21.497  1.00 58.16  ? 138 ALA A CB  1 
ATOM 774 N N   . ALA A 1 139 ? -10.031 -2.019  21.169  1.00 60.79  ? 139 ALA A N   1 
ATOM 775 C CA  . ALA A 1 139 ? -11.209 -1.328  21.665  1.00 61.67  ? 139 ALA A CA  1 
ATOM 776 C C   . ALA A 1 139 ? -10.990 -0.824  23.089  1.00 64.71  ? 139 ALA A C   1 
ATOM 777 O O   . ALA A 1 139 ? -10.507 -1.557  23.952  1.00 69.43  ? 139 ALA A O   1 
ATOM 778 C CB  . ALA A 1 139 ? -12.408 -2.268  21.609  1.00 62.57  ? 139 ALA A CB  1 
ATOM 779 N N   . THR A 1 140 ? -11.380 0.416   23.343  1.00 61.77  ? 140 THR A N   1 
ATOM 780 C CA  . THR A 1 140 ? -11.127 1.040   24.635  1.00 65.89  ? 140 THR A CA  1 
ATOM 781 C C   . THR A 1 140 ? -11.863 0.330   25.755  1.00 65.07  ? 140 THR A C   1 
ATOM 782 O O   . THR A 1 140 ? -13.090 0.275   25.776  1.00 65.76  ? 140 THR A O   1 
ATOM 783 C CB  . THR A 1 140 ? -11.526 2.509   24.600  1.00 67.79  ? 140 THR A CB  1 
ATOM 784 O OG1 . THR A 1 140 ? -10.901 3.130   23.490  1.00 71.94  ? 140 THR A OG1 1 
ATOM 785 C CG2 . THR A 1 140 ? -11.061 3.181   25.834  1.00 73.26  ? 140 THR A CG2 1 
ATOM 786 N N   . THR A 1 141 ? -11.118 -0.141  26.698  1.00 66.29  ? 141 THR A N   1 
ATOM 787 C CA  . THR A 1 141 ? -11.678 -0.904  27.790  1.00 69.89  ? 141 THR A CA  1 
ATOM 788 C C   . THR A 1 141 ? -12.409 0.023   28.767  1.00 73.08  ? 141 THR A C   1 
ATOM 789 O O   . THR A 1 141 ? -11.848 1.036   29.210  1.00 74.46  ? 141 THR A O   1 
ATOM 790 C CB  . THR A 1 141 ? -10.556 -1.707  28.465  1.00 70.15  ? 141 THR A CB  1 
ATOM 791 O OG1 . THR A 1 141 ? -10.979 -2.206  29.718  1.00 72.20  ? 141 THR A OG1 1 
ATOM 792 C CG2 . THR A 1 141 ? -9.311  -0.865  28.620  1.00 69.43  ? 141 THR A CG2 1 
ATOM 793 N N   . PRO A 1 142 ? -13.667 -0.290  29.111  1.00 78.31  ? 142 PRO A N   1 
ATOM 794 C CA  . PRO A 1 142 ? -14.525 0.627   29.878  1.00 78.86  ? 142 PRO A CA  1 
ATOM 795 C C   . PRO A 1 142 ? -14.241 0.604   31.370  1.00 81.33  ? 142 PRO A C   1 
ATOM 796 O O   . PRO A 1 142 ? -14.495 -0.386  32.062  1.00 83.05  ? 142 PRO A O   1 
ATOM 797 C CB  . PRO A 1 142 ? -15.938 0.113   29.558  1.00 77.37  ? 142 PRO A CB  1 
ATOM 798 C CG  . PRO A 1 142 ? -15.760 -1.329  29.304  1.00 75.99  ? 142 PRO A CG  1 
ATOM 799 C CD  . PRO A 1 142 ? -14.410 -1.467  28.641  1.00 75.31  ? 142 PRO A CD  1 
ATOM 800 N N   . ARG A 1 143 ? -13.756 1.715   31.878  1.00 92.84  ? 143 ARG A N   1 
ATOM 801 C CA  . ARG A 1 143 ? -13.276 1.787   33.242  1.00 97.52  ? 143 ARG A CA  1 
ATOM 802 C C   . ARG A 1 143 ? -14.274 2.566   34.085  1.00 100.44 ? 143 ARG A C   1 
ATOM 803 O O   . ARG A 1 143 ? -15.237 3.158   33.586  1.00 100.53 ? 143 ARG A O   1 
ATOM 804 C CB  . ARG A 1 143 ? -11.899 2.469   33.290  1.00 101.31 ? 143 ARG A CB  1 
ATOM 805 C CG  . ARG A 1 143 ? -11.165 2.495   31.946  1.00 102.25 ? 143 ARG A CG  1 
ATOM 806 C CD  . ARG A 1 143 ? -9.806  3.152   32.003  1.00 105.68 ? 143 ARG A CD  1 
ATOM 807 N NE  . ARG A 1 143 ? -9.835  4.500   32.575  1.00 107.31 ? 143 ARG A NE  1 
ATOM 808 C CZ  . ARG A 1 143 ? -9.029  4.957   33.533  1.00 111.39 ? 143 ARG A CZ  1 
ATOM 809 N NH1 . ARG A 1 143 ? -8.124  4.163   34.074  1.00 112.97 ? 143 ARG A NH1 1 
ATOM 810 N NH2 . ARG A 1 143 ? -9.156  6.207   33.920  1.00 116.52 ? 143 ARG A NH2 1 
ATOM 811 N N   . ARG A 1 144 ? -14.030 2.550   35.388  1.00 88.30  ? 144 ARG A N   1 
ATOM 812 C CA  . ARG A 1 144 ? -14.576 3.543   36.299  1.00 89.90  ? 144 ARG A CA  1 
ATOM 813 C C   . ARG A 1 144 ? -13.400 4.108   37.064  1.00 92.67  ? 144 ARG A C   1 
ATOM 814 O O   . ARG A 1 144 ? -12.708 3.361   37.759  1.00 94.66  ? 144 ARG A O   1 
ATOM 815 C CB  . ARG A 1 144 ? -15.592 2.960   37.278  1.00 92.62  ? 144 ARG A CB  1 
ATOM 816 C CG  . ARG A 1 144 ? -15.733 3.853   38.527  1.00 99.81  ? 144 ARG A CG  1 
ATOM 817 C CD  . ARG A 1 144 ? -16.604 3.267   39.632  1.00 100.52 ? 144 ARG A CD  1 
ATOM 818 N NE  . ARG A 1 144 ? -16.567 4.101   40.835  1.00 101.87 ? 144 ARG A NE  1 
ATOM 819 C CZ  . ARG A 1 144 ? -17.529 4.143   41.756  1.00 100.23 ? 144 ARG A CZ  1 
ATOM 820 N NH1 . ARG A 1 144 ? -18.608 3.401   41.590  1.00 99.41  ? 144 ARG A NH1 1 
ATOM 821 N NH2 . ARG A 1 144 ? -17.400 4.931   42.809  1.00 102.93 ? 144 ARG A NH2 1 
ATOM 822 N N   . ILE A 1 145 ? -13.171 5.408   36.940  1.00 78.88  ? 145 ILE A N   1 
ATOM 823 C CA  . ILE A 1 145 ? -11.980 6.033   37.500  1.00 80.48  ? 145 ILE A CA  1 
ATOM 824 C C   . ILE A 1 145 ? -12.228 6.329   38.975  1.00 84.54  ? 145 ILE A C   1 
ATOM 825 O O   . ILE A 1 145 ? -13.153 7.068   39.325  1.00 86.21  ? 145 ILE A O   1 
ATOM 826 C CB  . ILE A 1 145 ? -11.609 7.305   36.722  1.00 79.32  ? 145 ILE A CB  1 
ATOM 827 C CG1 . ILE A 1 145 ? -11.346 6.988   35.236  1.00 75.54  ? 145 ILE A CG1 1 
ATOM 828 C CG2 . ILE A 1 145 ? -10.389 7.978   37.351  1.00 81.37  ? 145 ILE A CG2 1 
ATOM 829 C CD1 . ILE A 1 145 ? -12.502 7.278   34.290  1.00 73.57  ? 145 ILE A CD1 1 
ATOM 830 N N   . GLN A 1 146 ? -11.430 5.736   39.853  1.00 109.24 ? 146 GLN A N   1 
ATOM 831 C CA  . GLN A 1 146 ? -11.572 6.067   41.261  1.00 110.97 ? 146 GLN A CA  1 
ATOM 832 C C   . GLN A 1 146 ? -10.806 7.352   41.543  1.00 113.45 ? 146 GLN A C   1 
ATOM 833 O O   . GLN A 1 146 ? -9.848  7.693   40.845  1.00 115.30 ? 146 GLN A O   1 
ATOM 834 C CB  . GLN A 1 146 ? -11.113 4.909   42.154  1.00 112.02 ? 146 GLN A CB  1 
ATOM 835 C CG  . GLN A 1 146 ? -11.807 3.573   41.805  1.00 110.40 ? 146 GLN A CG  1 
ATOM 836 C CD  . GLN A 1 146 ? -12.781 3.069   42.883  1.00 111.85 ? 146 GLN A CD  1 
ATOM 837 O OE1 . GLN A 1 146 ? -12.935 3.688   43.948  1.00 114.41 ? 146 GLN A OE1 1 
ATOM 838 N NE2 . GLN A 1 146 ? -13.454 1.945   42.598  1.00 110.31 ? 146 GLN A NE2 1 
ATOM 839 N N   . VAL A 1 147 ? -11.267 8.091   42.542  1.00 95.64  ? 147 VAL A N   1 
ATOM 840 C CA  . VAL A 1 147 ? -10.863 9.472   42.750  1.00 97.35  ? 147 VAL A CA  1 
ATOM 841 C C   . VAL A 1 147 ? -9.918  9.524   43.944  1.00 100.83 ? 147 VAL A C   1 
ATOM 842 O O   . VAL A 1 147 ? -10.285 9.102   45.046  1.00 103.92 ? 147 VAL A O   1 
ATOM 843 C CB  . VAL A 1 147 ? -12.089 10.369  42.963  1.00 99.24  ? 147 VAL A CB  1 
ATOM 844 C CG1 . VAL A 1 147 ? -11.689 11.812  43.030  1.00 100.89 ? 147 VAL A CG1 1 
ATOM 845 C CG2 . VAL A 1 147 ? -13.098 10.148  41.858  1.00 96.13  ? 147 VAL A CG2 1 
ATOM 846 N N   . GLY A 1 148 ? -8.710  10.059  43.737  1.00 113.47 ? 148 GLY A N   1 
ATOM 847 C CA  . GLY A 1 148 ? -7.746  10.234  44.810  1.00 116.35 ? 148 GLY A CA  1 
ATOM 848 C C   . GLY A 1 148 ? -7.959  11.512  45.619  1.00 119.14 ? 148 GLY A C   1 
ATOM 849 O O   . GLY A 1 148 ? -8.788  12.364  45.301  1.00 118.92 ? 148 GLY A O   1 
ATOM 850 N N   . ASN A 1 149 ? -7.170  11.651  46.686  1.00 132.78 ? 149 ASN A N   1 
ATOM 851 C CA  . ASN A 1 149 ? -7.380  12.737  47.646  1.00 135.82 ? 149 ASN A CA  1 
ATOM 852 C C   . ASN A 1 149 ? -6.159  13.628  47.877  1.00 138.44 ? 149 ASN A C   1 
ATOM 853 O O   . ASN A 1 149 ? -5.665  13.674  49.014  1.00 140.63 ? 149 ASN A O   1 
ATOM 854 C CB  . ASN A 1 149 ? -7.842  12.159  48.985  1.00 137.29 ? 149 ASN A CB  1 
ATOM 855 C CG  . ASN A 1 149 ? -9.155  11.425  48.872  1.00 136.10 ? 149 ASN A CG  1 
ATOM 856 O OD1 . ASN A 1 149 ? -10.206 11.960  49.222  1.00 138.95 ? 149 ASN A OD1 1 
ATOM 857 N ND2 . ASN A 1 149 ? -9.112  10.202  48.355  1.00 133.05 ? 149 ASN A ND2 1 
# 
loop_
_atom_site_anisotrop.id 
_atom_site_anisotrop.type_symbol 
_atom_site_anisotrop.pdbx_label_atom_id 
_atom_site_anisotrop.pdbx_label_alt_id 
_atom_site_anisotrop.pdbx_label_comp_id 
_atom_site_anisotrop.pdbx_label_asym_id 
_atom_site_anisotrop.pdbx_label_seq_id 
_atom_site_anisotrop.pdbx_PDB_ins_code 
_atom_site_anisotrop.U[1][1] 
_atom_site_anisotrop.U[2][2] 
_atom_site_anisotrop.U[3][3] 
_atom_site_anisotrop.U[1][2] 
_atom_site_anisotrop.U[1][3] 
_atom_site_anisotrop.U[2][3] 
_atom_site_anisotrop.pdbx_auth_seq_id 
_atom_site_anisotrop.pdbx_auth_comp_id 
_atom_site_anisotrop.pdbx_auth_asym_id 
_atom_site_anisotrop.pdbx_auth_atom_id 
1   N N   . ALA A 41  ? 1.8760 1.3688 1.1842 -0.1884 0.2412  0.2224  41  ALA A N   
2   C CA  . ALA A 41  ? 1.7752 1.3673 1.1208 -0.1533 0.2311  0.1968  41  ALA A CA  
3   C C   . ALA A 41  ? 1.8575 1.4305 1.1147 -0.1228 0.2329  0.2156  41  ALA A C   
4   O O   . ALA A 41  ? 1.9525 1.4352 1.1269 -0.0957 0.2125  0.2392  41  ALA A O   
5   C CB  . ALA A 41  ? 1.6436 1.2574 1.0405 -0.1127 0.1880  0.1697  41  ALA A CB  
6   N N   . GLN A 42  ? 1.7877 1.4438 1.0588 -0.1227 0.2543  0.2028  42  GLN A N   
7   C CA  . GLN A 42  ? 1.8042 1.4482 0.9893 -0.0913 0.2542  0.2144  42  GLN A CA  
8   C C   . GLN A 42  ? 1.7308 1.4348 0.9449 -0.0416 0.2163  0.1824  42  GLN A C   
9   O O   . GLN A 42  ? 1.7844 1.4622 0.9238 -0.0063 0.1989  0.1889  42  GLN A O   
10  C CB  . GLN A 42  ? 1.8004 1.4818 0.9564 -0.1237 0.3095  0.2253  42  GLN A CB  
11  C CG  . GLN A 42  ? 1.8572 1.5026 1.0038 -0.1862 0.3586  0.2538  42  GLN A CG  
12  C CD  . GLN A 42  ? 1.7735 1.5250 1.0357 -0.2288 0.3892  0.2273  42  GLN A CD  
13  O OE1 . GLN A 42  ? 1.6772 1.5176 1.0239 -0.2083 0.3694  0.1888  42  GLN A OE1 
14  N NE2 . GLN A 42  ? 1.8112 1.5538 1.0772 -0.2881 0.4376  0.2477  42  GLN A NE2 
15  N N   . TRP A 43  ? 1.4616 1.2400 0.7766 -0.0383 0.2016  0.1482  43  TRP A N   
16  C CA  . TRP A 43  ? 1.4275 1.2458 0.7704 0.0045  0.1629  0.1208  43  TRP A CA  
17  C C   . TRP A 43  ? 1.3595 1.2013 0.7896 0.0094  0.1378  0.0997  43  TRP A C   
18  O O   . TRP A 43  ? 1.3126 1.1733 0.7987 -0.0192 0.1524  0.0939  43  TRP A O   
19  C CB  . TRP A 43  ? 1.3938 1.2886 0.7509 0.0130  0.1747  0.0963  43  TRP A CB  
20  C CG  . TRP A 43  ? 1.3222 1.2965 0.7677 -0.0090 0.1947  0.0715  43  TRP A CG  
21  C CD1 . TRP A 43  ? 1.3441 1.3446 0.8190 -0.0494 0.2338  0.0770  43  TRP A CD1 
22  C CD2 . TRP A 43  ? 1.2327 1.2700 0.7470 0.0097  0.1752  0.0364  43  TRP A CD2 
23  N NE1 . TRP A 43  ? 1.2585 1.3390 0.8181 -0.0521 0.2358  0.0456  43  TRP A NE1 
24  C CE2 . TRP A 43  ? 1.1837 1.2810 0.7623 -0.0152 0.2006  0.0223  43  TRP A CE2 
25  C CE3 . TRP A 43  ? 1.1996 1.2453 0.7284 0.0434  0.1378  0.0159  43  TRP A CE3 
26  C CZ2 . TRP A 43  ? 1.0722 1.2286 0.7179 -0.0018 0.1880  -0.0097 43  TRP A CZ2 
27  C CZ3 . TRP A 43  ? 1.0878 1.1878 0.6836 0.0503  0.1293  -0.0140 43  TRP A CZ3 
28  C CH2 . TRP A 43  ? 1.0381 1.1883 0.6862 0.0306  0.1534  -0.0255 43  TRP A CH2 
29  N N   . VAL A 44  ? 1.2961 1.1378 0.7355 0.0460  0.0995  0.0874  44  VAL A N   
30  C CA  . VAL A 44  ? 1.2445 1.1033 0.7542 0.0566  0.0761  0.0702  44  VAL A CA  
31  C C   . VAL A 44  ? 1.1759 1.1054 0.7422 0.0675  0.0662  0.0399  44  VAL A C   
32  O O   . VAL A 44  ? 1.2375 1.1801 0.7892 0.0920  0.0452  0.0294  44  VAL A O   
33  C CB  . VAL A 44  ? 1.2920 1.1017 0.7785 0.0878  0.0437  0.0789  44  VAL A CB  
34  C CG1 . VAL A 44  ? 1.3550 1.0792 0.7691 0.0806  0.0521  0.1106  44  VAL A CG1 
35  C CG2 . VAL A 44  ? 1.3556 1.1782 0.8167 0.1228  0.0139  0.0702  44  VAL A CG2 
36  N N   . PRO A 45  ? 1.0786 1.0503 0.7051 0.0503  0.0787  0.0244  45  PRO A N   
37  C CA  . PRO A 45  ? 1.0061 1.0294 0.6800 0.0624  0.0671  -0.0023 45  PRO A CA  
38  C C   . PRO A 45  ? 1.0065 1.0259 0.7140 0.0816  0.0392  -0.0103 45  PRO A C   
39  O O   . PRO A 45  ? 1.0618 1.0575 0.7846 0.0809  0.0356  -0.0025 45  PRO A O   
40  C CB  . PRO A 45  ? 0.9345 0.9923 0.6566 0.0413  0.0857  -0.0130 45  PRO A CB  
41  C CG  . PRO A 45  ? 0.9915 1.0322 0.6906 0.0137  0.1117  0.0047  45  PRO A CG  
42  C CD  . PRO A 45  ? 1.0765 1.0502 0.7228 0.0177  0.1045  0.0296  45  PRO A CD  
43  N N   . ARG A 46  ? 1.0341 1.0786 0.7558 0.0976  0.0210  -0.0282 46  ARG A N   
44  C CA  . ARG A 46  ? 1.0658 1.1164 0.8287 0.1107  -0.0024 -0.0375 46  ARG A CA  
45  C C   . ARG A 46  ? 0.9732 1.0377 0.7895 0.1004  0.0062  -0.0443 46  ARG A C   
46  O O   . ARG A 46  ? 0.9185 0.9989 0.7462 0.0902  0.0190  -0.0524 46  ARG A O   
47  C CB  . ARG A 46  ? 1.0647 1.1356 0.8294 0.1241  -0.0241 -0.0568 46  ARG A CB  
48  C CG  . ARG A 46  ? 1.1173 1.1727 0.8143 0.1369  -0.0315 -0.0521 46  ARG A CG  
49  C CD  . ARG A 46  ? 1.1699 1.2311 0.8706 0.1572  -0.0681 -0.0667 46  ARG A CD  
50  N NE  . ARG A 46  ? 1.2689 1.3007 0.9056 0.1772  -0.0849 -0.0540 46  ARG A NE  
51  C CZ  . ARG A 46  ? 1.2874 1.3209 0.9335 0.1989  -0.1217 -0.0609 46  ARG A CZ  
52  N NH1 . ARG A 46  ? 1.2233 1.2924 0.9489 0.1973  -0.1395 -0.0797 46  ARG A NH1 
53  N NH2 . ARG A 46  ? 1.3492 1.3491 0.9259 0.2219  -0.1397 -0.0485 46  ARG A NH2 
54  N N   . VAL A 47  ? 0.7896 0.8488 0.6359 0.1061  -0.0009 -0.0419 47  VAL A N   
55  C CA  . VAL A 47  ? 0.7453 0.8086 0.6275 0.0982  0.0103  -0.0449 47  VAL A CA  
56  C C   . VAL A 47  ? 0.7359 0.8136 0.6614 0.1057  0.0016  -0.0509 47  VAL A C   
57  O O   . VAL A 47  ? 0.7550 0.8345 0.6891 0.1185  -0.0095 -0.0479 47  VAL A O   
58  C CB  . VAL A 47  ? 0.7170 0.7526 0.5844 0.0924  0.0234  -0.0325 47  VAL A CB  
59  C CG1 . VAL A 47  ? 0.6676 0.7037 0.5622 0.0908  0.0309  -0.0369 47  VAL A CG1 
60  C CG2 . VAL A 47  ? 0.7237 0.7543 0.5643 0.0759  0.0362  -0.0288 47  VAL A CG2 
61  N N   . ASP A 48  ? 0.8977 0.9854 0.8503 0.0979  0.0071  -0.0592 48  ASP A N   
62  C CA  . ASP A 48  ? 0.9068 1.0056 0.9014 0.0973  0.0099  -0.0612 48  ASP A CA  
63  C C   . ASP A 48  ? 0.8923 0.9748 0.8835 0.0957  0.0299  -0.0534 48  ASP A C   
64  O O   . ASP A 48  ? 0.8747 0.9407 0.8407 0.0912  0.0368  -0.0524 48  ASP A O   
65  C CB  . ASP A 48  ? 0.9172 1.0242 0.9353 0.0875  0.0045  -0.0729 48  ASP A CB  
66  C CG  . ASP A 48  ? 0.9510 1.0734 0.9751 0.0906  -0.0193 -0.0855 48  ASP A CG  
67  O OD1 . ASP A 48  ? 0.9589 1.0899 0.9735 0.1028  -0.0317 -0.0831 48  ASP A OD1 
68  O OD2 . ASP A 48  ? 0.9674 1.0870 0.9996 0.0833  -0.0282 -0.0984 48  ASP A OD2 
69  N N   . ILE A 49  ? 0.7760 0.8670 0.7933 0.1013  0.0385  -0.0503 49  ILE A N   
70  C CA  . ILE A 49  ? 0.7246 0.7985 0.7329 0.1023  0.0590  -0.0450 49  ILE A CA  
71  C C   . ILE A 49  ? 0.6948 0.7870 0.7413 0.0964  0.0740  -0.0450 49  ILE A C   
72  O O   . ILE A 49  ? 0.7249 0.8514 0.8163 0.0987  0.0718  -0.0486 49  ILE A O   
73  C CB  . ILE A 49  ? 0.7018 0.7598 0.6918 0.1174  0.0623  -0.0405 49  ILE A CB  
74  C CG1 . ILE A 49  ? 0.7201 0.7520 0.6702 0.1141  0.0519  -0.0379 49  ILE A CG1 
75  C CG2 . ILE A 49  ? 0.6378 0.6776 0.6134 0.1211  0.0820  -0.0388 49  ILE A CG2 
76  C CD1 . ILE A 49  ? 0.6983 0.7005 0.6239 0.1259  0.0503  -0.0327 49  ILE A CD1 
77  N N   . LYS A 50  ? 0.8326 0.9029 0.8619 0.0883  0.0888  -0.0410 50  LYS A N   
78  C CA  . LYS A 50  ? 0.8690 0.9457 0.9250 0.0764  0.1081  -0.0369 50  LYS A CA  
79  C C   . LYS A 50  ? 0.8665 0.9242 0.8954 0.0843  0.1356  -0.0281 50  LYS A C   
80  O O   . LYS A 50  ? 0.8648 0.8930 0.8459 0.0964  0.1331  -0.0277 50  LYS A O   
81  C CB  . LYS A 50  ? 0.8909 0.9424 0.9353 0.0617  0.1018  -0.0375 50  LYS A CB  
82  C CG  . LYS A 50  ? 0.9495 1.0069 1.0326 0.0405  0.1145  -0.0348 50  LYS A CG  
83  C CD  . LYS A 50  ? 1.0585 1.0674 1.1105 0.0305  0.1096  -0.0328 50  LYS A CD  
84  C CE  . LYS A 50  ? 1.1146 1.1034 1.1803 0.0076  0.1358  -0.0204 50  LYS A CE  
85  N NZ  . LYS A 50  ? 1.1925 1.1127 1.2042 0.0054  0.1339  -0.0129 50  LYS A NZ  
86  N N   . GLU A 51  ? 0.7774 0.8538 0.8369 0.0769  0.1627  -0.0226 51  GLU A N   
87  C CA  . GLU A 51  ? 0.7729 0.8272 0.7963 0.0847  0.1943  -0.0131 51  GLU A CA  
88  C C   . GLU A 51  ? 0.8181 0.8491 0.8334 0.0635  0.2176  -0.0001 51  GLU A C   
89  O O   . GLU A 51  ? 0.8820 0.9454 0.9512 0.0440  0.2383  0.0035  51  GLU A O   
90  C CB  . GLU A 51  ? 0.7597 0.8541 0.8150 0.0998  0.2156  -0.0165 51  GLU A CB  
91  C CG  . GLU A 51  ? 0.8026 0.8623 0.7955 0.1201  0.2378  -0.0128 51  GLU A CG  
92  C CD  . GLU A 51  ? 0.8090 0.9059 0.8272 0.1394  0.2660  -0.0175 51  GLU A CD  
93  O OE1 . GLU A 51  ? 0.7671 0.9004 0.8277 0.1552  0.2515  -0.0291 51  GLU A OE1 
94  O OE2 . GLU A 51  ? 0.8440 0.9300 0.8327 0.1428  0.3032  -0.0099 51  GLU A OE2 
95  N N   . GLU A 52  ? 0.7964 0.7700 0.7446 0.0669  0.2142  0.0071  52  GLU A N   
96  C CA  . GLU A 52  ? 0.8756 0.8073 0.7949 0.0512  0.2377  0.0239  52  GLU A CA  
97  C C   . GLU A 52  ? 0.9027 0.8187 0.7788 0.0615  0.2773  0.0364  52  GLU A C   
98  O O   . GLU A 52  ? 0.8505 0.7938 0.7290 0.0813  0.2838  0.0280  52  GLU A O   
99  C CB  . GLU A 52  ? 0.9173 0.7916 0.7812 0.0561  0.2110  0.0247  52  GLU A CB  
100 C CG  . GLU A 52  ? 0.9333 0.8155 0.8365 0.0418  0.1834  0.0150  52  GLU A CG  
101 C CD  . GLU A 52  ? 1.0211 0.8526 0.8713 0.0547  0.1565  0.0118  52  GLU A CD  
102 O OE1 . GLU A 52  ? 1.0323 0.8184 0.8160 0.0717  0.1597  0.0199  52  GLU A OE1 
103 O OE2 . GLU A 52  ? 1.0477 0.8864 0.9205 0.0518  0.1303  -0.0012 52  GLU A OE2 
104 N N   . PRO A 53  ? 0.9523 0.8226 0.7856 0.0495  0.3068  0.0563  53  PRO A N   
105 C CA  . PRO A 53  ? 0.9402 0.7986 0.7260 0.0618  0.3484  0.0677  53  PRO A CA  
106 C C   . PRO A 53  ? 0.9583 0.7777 0.6601 0.0983  0.3317  0.0603  53  PRO A C   
107 O O   . PRO A 53  ? 0.9842 0.8148 0.6638 0.1169  0.3564  0.0575  53  PRO A O   
108 C CB  . PRO A 53  ? 1.0216 0.8256 0.7674 0.0383  0.3821  0.0945  53  PRO A CB  
109 C CG  . PRO A 53  ? 1.0191 0.8067 0.7979 0.0141  0.3556  0.0946  53  PRO A CG  
110 C CD  . PRO A 53  ? 0.9808 0.8288 0.8348 0.0165  0.3160  0.0694  53  PRO A CD  
111 N N   . ASN A 54  ? 1.1214 0.8992 0.7791 0.1103  0.2900  0.0538  54  ASN A N   
112 C CA  . ASN A 54  ? 1.0786 0.8209 0.6613 0.1417  0.2700  0.0438  54  ASN A CA  
113 C C   . ASN A 54  ? 1.0346 0.7977 0.6421 0.1506  0.2233  0.0210  54  ASN A C   
114 O O   . ASN A 54  ? 1.0353 0.7737 0.5915 0.1722  0.2017  0.0089  54  ASN A O   
115 C CB  . ASN A 54  ? 1.1375 0.8022 0.6252 0.1530  0.2654  0.0578  54  ASN A CB  
116 C CG  . ASN A 54  ? 1.2322 0.8615 0.6779 0.1422  0.3160  0.0854  54  ASN A CG  
117 O OD1 . ASN A 54  ? 1.2851 0.9127 0.7670 0.1126  0.3348  0.1016  54  ASN A OD1 
118 N ND2 . ASN A 54  ? 1.2868 0.8850 0.6531 0.1647  0.3400  0.0904  54  ASN A ND2 
119 N N   . GLN A 55  ? 1.0274 0.8344 0.7094 0.1337  0.2076  0.0141  55  GLN A N   
120 C CA  . GLN A 55  ? 0.9756 0.8046 0.6803 0.1388  0.1718  -0.0046 55  GLN A CA  
121 C C   . GLN A 55  ? 0.9419 0.8251 0.7229 0.1255  0.1718  -0.0092 55  GLN A C   
122 O O   . GLN A 55  ? 0.9175 0.8252 0.7431 0.1101  0.1897  -0.0014 55  GLN A O   
123 C CB  . GLN A 55  ? 0.9911 0.8032 0.6834 0.1390  0.1398  -0.0100 55  GLN A CB  
124 C CG  . GLN A 55  ? 1.0030 0.8230 0.7339 0.1208  0.1382  -0.0040 55  GLN A CG  
125 C CD  . GLN A 55  ? 0.9847 0.7850 0.6968 0.1292  0.1070  -0.0123 55  GLN A CD  
126 O OE1 . GLN A 55  ? 0.9394 0.7328 0.6215 0.1469  0.0848  -0.0239 55  GLN A OE1 
127 N NE2 . GLN A 55  ? 1.0312 0.8251 0.7647 0.1178  0.1033  -0.0094 55  GLN A NE2 
128 N N   . PHE A 56  ? 0.7707 0.6698 0.5646 0.1310  0.1503  -0.0222 56  PHE A N   
129 C CA  . PHE A 56  ? 0.7397 0.6781 0.5902 0.1200  0.1378  -0.0265 56  PHE A CA  
130 C C   . PHE A 56  ? 0.7169 0.6536 0.5673 0.1126  0.1124  -0.0322 56  PHE A C   
131 O O   . PHE A 56  ? 0.7439 0.6568 0.5576 0.1194  0.1000  -0.0370 56  PHE A O   
132 C CB  . PHE A 56  ? 0.7216 0.6702 0.5801 0.1297  0.1316  -0.0338 56  PHE A CB  
133 C CG  . PHE A 56  ? 0.7464 0.6922 0.5959 0.1456  0.1547  -0.0331 56  PHE A CG  
134 C CD1 . PHE A 56  ? 0.7105 0.6941 0.6080 0.1493  0.1680  -0.0320 56  PHE A CD1 
135 C CD2 . PHE A 56  ? 0.7860 0.6945 0.5789 0.1603  0.1620  -0.0364 56  PHE A CD2 
136 C CE1 . PHE A 56  ? 0.7230 0.7109 0.6157 0.1685  0.1914  -0.0342 56  PHE A CE1 
137 C CE2 . PHE A 56  ? 0.8123 0.7182 0.5915 0.1789  0.1858  -0.0381 56  PHE A CE2 
138 C CZ  . PHE A 56  ? 0.7411 0.6889 0.5725 0.1834  0.2022  -0.0370 56  PHE A CZ  
139 N N   . VAL A 57  ? 0.7672 0.7316 0.6589 0.1013  0.1043  -0.0338 57  VAL A N   
140 C CA  . VAL A 57  ? 0.7302 0.7010 0.6253 0.0971  0.0828  -0.0420 57  VAL A CA  
141 C C   . VAL A 57  ? 0.7165 0.7176 0.6390 0.0931  0.0730  -0.0465 57  VAL A C   
142 O O   . VAL A 57  ? 0.7527 0.7733 0.7056 0.0902  0.0764  -0.0440 57  VAL A O   
143 C CB  . VAL A 57  ? 0.7658 0.7268 0.6685 0.0901  0.0809  -0.0408 57  VAL A CB  
144 C CG1 . VAL A 57  ? 0.7332 0.6989 0.6311 0.0940  0.0592  -0.0532 57  VAL A CG1 
145 C CG2 . VAL A 57  ? 0.7985 0.7176 0.6659 0.0930  0.0956  -0.0299 57  VAL A CG2 
146 N N   . LEU A 58  ? 0.7460 0.7518 0.6571 0.0929  0.0611  -0.0529 58  LEU A N   
147 C CA  . LEU A 58  ? 0.7275 0.7527 0.6497 0.0883  0.0537  -0.0542 58  LEU A CA  
148 C C   . LEU A 58  ? 0.7356 0.7777 0.6612 0.0852  0.0438  -0.0631 58  LEU A C   
149 O O   . LEU A 58  ? 0.7184 0.7613 0.6348 0.0869  0.0400  -0.0709 58  LEU A O   
150 C CB  . LEU A 58  ? 0.7524 0.7667 0.6570 0.0859  0.0534  -0.0531 58  LEU A CB  
151 C CG  . LEU A 58  ? 0.7991 0.8205 0.7014 0.0796  0.0494  -0.0493 58  LEU A CG  
152 C CD1 . LEU A 58  ? 0.8167 0.8082 0.7001 0.0787  0.0518  -0.0432 58  LEU A CD1 
153 C CD2 . LEU A 58  ? 0.7585 0.8016 0.6596 0.0695  0.0470  -0.0556 58  LEU A CD2 
154 N N   . TYR A 59  ? 0.8605 0.9173 0.7986 0.0841  0.0376  -0.0651 59  TYR A N   
155 C CA  . TYR A 59  ? 0.8519 0.9245 0.7866 0.0849  0.0292  -0.0760 59  TYR A CA  
156 C C   . TYR A 59  ? 0.8818 0.9674 0.8031 0.0823  0.0289  -0.0730 59  TYR A C   
157 O O   . TYR A 59  ? 0.9261 1.0070 0.8458 0.0839  0.0259  -0.0649 59  TYR A O   
158 C CB  . TYR A 59  ? 0.8833 0.9541 0.8316 0.0865  0.0194  -0.0838 59  TYR A CB  
159 C CG  . TYR A 59  ? 0.9070 0.9537 0.8639 0.0844  0.0231  -0.0814 59  TYR A CG  
160 C CD1 . TYR A 59  ? 0.9243 0.9680 0.9048 0.0766  0.0297  -0.0736 59  TYR A CD1 
161 C CD2 . TYR A 59  ? 0.9148 0.9414 0.8551 0.0911  0.0208  -0.0867 59  TYR A CD2 
162 C CE1 . TYR A 59  ? 0.9806 0.9989 0.9647 0.0701  0.0398  -0.0676 59  TYR A CE1 
163 C CE2 . TYR A 59  ? 0.9774 0.9685 0.9122 0.0891  0.0258  -0.0801 59  TYR A CE2 
164 C CZ  . TYR A 59  ? 1.0101 0.9955 0.9653 0.0758  0.0380  -0.0690 59  TYR A CZ  
165 O OH  . TYR A 59  ? 1.0405 0.9886 0.9869 0.0691  0.0497  -0.0588 59  TYR A OH  
166 N N   . ALA A 60  ? 0.7358 0.8382 0.6462 0.0797  0.0331  -0.0792 60  ALA A N   
167 C CA  . ALA A 60  ? 0.7543 0.8654 0.6429 0.0751  0.0384  -0.0742 60  ALA A CA  
168 C C   . ALA A 60  ? 0.7581 0.8937 0.6379 0.0821  0.0372  -0.0889 60  ALA A C   
169 O O   . ALA A 60  ? 0.7569 0.9055 0.6510 0.0898  0.0338  -0.1044 60  ALA A O   
170 C CB  . ALA A 60  ? 0.7402 0.8505 0.6229 0.0597  0.0523  -0.0662 60  ALA A CB  
171 N N   . ASP A 61  ? 0.7547 0.8918 0.6041 0.0835  0.0391  -0.0845 61  ASP A N   
172 C CA  . ASP A 61  ? 0.7848 0.9424 0.6133 0.0937  0.0400  -0.0991 61  ASP A CA  
173 C C   . ASP A 61  ? 0.7983 0.9780 0.6065 0.0823  0.0660  -0.0929 61  ASP A C   
174 O O   . ASP A 61  ? 0.8353 1.0001 0.6020 0.0776  0.0744  -0.0775 61  ASP A O   
175 C CB  . ASP A 61  ? 0.8516 0.9929 0.6518 0.1056  0.0219  -0.1003 61  ASP A CB  
176 C CG  . ASP A 61  ? 0.8560 0.9904 0.6812 0.1151  -0.0020 -0.1174 61  ASP A CG  
177 O OD1 . ASP A 61  ? 0.8349 0.9682 0.6922 0.1130  -0.0022 -0.1242 61  ASP A OD1 
178 O OD2 . ASP A 61  ? 0.9339 1.0601 0.7445 0.1240  -0.0220 -0.1237 61  ASP A OD2 
179 N N   . LEU A 62  ? 0.7354 0.9515 0.5730 0.0784  0.0785  -0.1053 62  LEU A N   
180 C CA  . LEU A 62  ? 0.7204 0.9735 0.5583 0.0628  0.1071  -0.1036 62  LEU A CA  
181 C C   . LEU A 62  ? 0.7033 1.0077 0.5526 0.0796  0.1153  -0.1296 62  LEU A C   
182 O O   . LEU A 62  ? 0.6893 1.0328 0.5837 0.0819  0.1167  -0.1459 62  LEU A O   
183 C CB  . LEU A 62  ? 0.6805 0.9418 0.5567 0.0405  0.1140  -0.0982 62  LEU A CB  
184 C CG  . LEU A 62  ? 0.7193 0.9280 0.5890 0.0302  0.1029  -0.0789 62  LEU A CG  
185 C CD1 . LEU A 62  ? 0.7188 0.9340 0.6263 0.0160  0.1009  -0.0830 62  LEU A CD1 
186 C CD2 . LEU A 62  ? 0.7724 0.9457 0.5977 0.0149  0.1157  -0.0540 62  LEU A CD2 
187 N N   . PRO A 63  ? 0.6781 0.9841 0.4856 0.0956  0.1186  -0.1367 63  PRO A N   
188 C CA  . PRO A 63  ? 0.6903 1.0428 0.5046 0.1179  0.1262  -0.1652 63  PRO A CA  
189 C C   . PRO A 63  ? 0.7136 1.1276 0.5380 0.1032  0.1666  -0.1656 63  PRO A C   
190 O O   . PRO A 63  ? 0.7399 1.1486 0.5447 0.0747  0.1914  -0.1408 63  PRO A O   
191 C CB  . PRO A 63  ? 0.7325 1.0554 0.4900 0.1409  0.1121  -0.1737 63  PRO A CB  
192 C CG  . PRO A 63  ? 0.7478 1.0214 0.4686 0.1278  0.1029  -0.1471 63  PRO A CG  
193 C CD  . PRO A 63  ? 0.7201 0.9849 0.4679 0.0990  0.1128  -0.1219 63  PRO A CD  
194 N N   . GLY A 64  ? 0.8892 1.3621 0.7465 0.1234  0.1740  -0.1949 64  GLY A N   
195 C CA  . GLY A 64  ? 0.8693 1.4172 0.7472 0.1108  0.2163  -0.2003 64  GLY A CA  
196 C C   . GLY A 64  ? 0.8640 1.4426 0.7949 0.0700  0.2349  -0.1852 64  GLY A C   
197 O O   . GLY A 64  ? 0.9070 1.5364 0.8484 0.0449  0.2763  -0.1795 64  GLY A O   
198 N N   . ILE A 65  ? 0.8167 1.3642 0.7794 0.0607  0.2066  -0.1793 65  ILE A N   
199 C CA  . ILE A 65  ? 0.8090 1.3796 0.8217 0.0232  0.2172  -0.1701 65  ILE A CA  
200 C C   . ILE A 65  ? 0.8140 1.4034 0.8846 0.0392  0.1845  -0.1923 65  ILE A C   
201 O O   . ILE A 65  ? 0.8368 1.3676 0.8892 0.0568  0.1514  -0.1896 65  ILE A O   
202 C CB  . ILE A 65  ? 0.8511 1.3474 0.8241 -0.0091 0.2183  -0.1342 65  ILE A CB  
203 C CG1 . ILE A 65  ? 0.8379 1.3401 0.8610 -0.0425 0.2159  -0.1303 65  ILE A CG1 
204 C CG2 . ILE A 65  ? 0.8585 1.2787 0.7881 0.0121  0.1855  -0.1243 65  ILE A CG2 
205 C CD1 . ILE A 65  ? 0.9187 1.3434 0.8984 -0.0717 0.2190  -0.0970 65  ILE A CD1 
206 N N   . ASP A 66  ? 0.9142 1.5874 1.0537 0.0338  0.1943  -0.2148 66  ASP A N   
207 C CA  . ASP A 66  ? 0.8773 1.5778 1.0684 0.0581  0.1607  -0.2411 66  ASP A CA  
208 C C   . ASP A 66  ? 0.8822 1.5220 1.0702 0.0424  0.1330  -0.2268 66  ASP A C   
209 O O   . ASP A 66  ? 0.9002 1.5240 1.0910 0.0014  0.1463  -0.2081 66  ASP A O   
210 C CB  . ASP A 66  ? 0.8757 1.6889 1.1500 0.0508  0.1773  -0.2686 66  ASP A CB  
211 C CG  . ASP A 66  ? 0.8664 1.7133 1.1914 0.0850  0.1374  -0.3000 66  ASP A CG  
212 O OD1 . ASP A 66  ? 0.8588 1.7750 1.2191 0.1217  0.1360  -0.3312 66  ASP A OD1 
213 O OD2 . ASP A 66  ? 0.8897 1.6918 1.2148 0.0790  0.1067  -0.2943 66  ASP A OD2 
214 N N   . PRO A 67  ? 0.6743 1.2748 0.8515 0.0748  0.0959  -0.2354 67  PRO A N   
215 C CA  . PRO A 67  ? 0.6700 1.2153 0.8387 0.0645  0.0718  -0.2242 67  PRO A CA  
216 C C   . PRO A 67  ? 0.7046 1.2936 0.9269 0.0341  0.0712  -0.2331 67  PRO A C   
217 O O   . PRO A 67  ? 0.7605 1.3011 0.9669 0.0069  0.0686  -0.2162 67  PRO A O   
218 C CB  . PRO A 67  ? 0.6513 1.1695 0.8068 0.1089  0.0369  -0.2384 67  PRO A CB  
219 C CG  . PRO A 67  ? 0.6330 1.1437 0.7610 0.1349  0.0433  -0.2421 67  PRO A CG  
220 C CD  . PRO A 67  ? 0.6331 1.2215 0.7910 0.1221  0.0765  -0.2519 67  PRO A CD  
221 N N   . ALA A 68  ? 0.7275 1.4095 1.0169 0.0381  0.0727  -0.2619 68  ALA A N   
222 C CA  . ALA A 68  ? 0.7577 1.4925 1.1109 0.0033  0.0719  -0.2745 68  ALA A CA  
223 C C   . ALA A 68  ? 0.7877 1.5079 1.1366 -0.0536 0.1081  -0.2494 68  ALA A C   
224 O O   . ALA A 68  ? 0.8262 1.5566 1.2127 -0.0905 0.1040  -0.2534 68  ALA A O   
225 C CB  . ALA A 68  ? 0.7208 1.5756 1.1583 0.0165  0.0728  -0.3115 68  ALA A CB  
226 N N   . ASP A 69  ? 0.7421 1.4321 1.0414 -0.0610 0.1406  -0.2244 69  ASP A N   
227 C CA  . ASP A 69  ? 0.7824 1.4448 1.0619 -0.1107 0.1754  -0.1965 69  ASP A CA  
228 C C   . ASP A 69  ? 0.8357 1.3836 1.0355 -0.1127 0.1669  -0.1639 69  ASP A C   
229 O O   . ASP A 69  ? 0.9086 1.4160 1.0681 -0.1408 0.1941  -0.1364 69  ASP A O   
230 C CB  . ASP A 69  ? 0.7673 1.4804 1.0428 -0.1185 0.2208  -0.1909 69  ASP A CB  
231 C CG  . ASP A 69  ? 0.7744 1.6091 1.1416 -0.1373 0.2439  -0.2182 69  ASP A CG  
232 O OD1 . ASP A 69  ? 0.7495 1.6537 1.1309 -0.1147 0.2665  -0.2331 69  ASP A OD1 
233 O OD2 . ASP A 69  ? 0.7811 1.6453 1.2098 -0.1746 0.2388  -0.2273 69  ASP A OD2 
234 N N   . ILE A 70  ? 0.6334 1.1291 0.8085 -0.0822 0.1307  -0.1666 70  ILE A N   
235 C CA  . ILE A 70  ? 0.6660 1.0653 0.7780 -0.0796 0.1208  -0.1411 70  ILE A CA  
236 C C   . ILE A 70  ? 0.6975 1.0630 0.8207 -0.0949 0.0992  -0.1457 70  ILE A C   
237 O O   . ILE A 70  ? 0.7236 1.0983 0.8639 -0.0725 0.0704  -0.1655 70  ILE A O   
238 C CB  . ILE A 70  ? 0.6363 1.0013 0.7110 -0.0360 0.1014  -0.1401 70  ILE A CB  
239 C CG1 . ILE A 70  ? 0.5836 0.9857 0.6526 -0.0136 0.1128  -0.1466 70  ILE A CG1 
240 C CG2 . ILE A 70  ? 0.6357 0.9176 0.6542 -0.0344 0.0980  -0.1139 70  ILE A CG2 
241 C CD1 . ILE A 70  ? 0.5614 0.9170 0.5922 0.0200  0.0940  -0.1431 70  ILE A CD1 
242 N N   . GLU A 71  ? 0.9951 1.3113 1.0990 -0.1297 0.1106  -0.1273 71  GLU A N   
243 C CA  . GLU A 71  ? 1.0710 1.3389 1.1727 -0.1421 0.0888  -0.1320 71  GLU A CA  
244 C C   . GLU A 71  ? 1.1187 1.3051 1.1583 -0.1130 0.0749  -0.1161 71  GLU A C   
245 O O   . GLU A 71  ? 1.1616 1.2899 1.1571 -0.1192 0.0871  -0.0915 71  GLU A O   
246 C CB  . GLU A 71  ? 1.1250 1.3735 1.2372 -0.1945 0.1072  -0.1224 71  GLU A CB  
247 C CG  . GLU A 71  ? 1.1717 1.5138 1.3563 -0.2291 0.1283  -0.1380 71  GLU A CG  
248 C CD  . GLU A 71  ? 1.2317 1.5634 1.4037 -0.2749 0.1721  -0.1114 71  GLU A CD  
249 O OE1 . GLU A 71  ? 1.2465 1.5293 1.3528 -0.2631 0.1903  -0.0824 71  GLU A OE1 
250 O OE2 . GLU A 71  ? 1.2395 1.6124 1.4668 -0.3238 0.1889  -0.1193 71  GLU A OE2 
251 N N   . VAL A 72  ? 0.8177 1.0011 0.8530 -0.0792 0.0504  -0.1297 72  VAL A N   
252 C CA  . VAL A 72  ? 0.8561 0.9708 0.8424 -0.0552 0.0393  -0.1188 72  VAL A CA  
253 C C   . VAL A 72  ? 0.8814 0.9648 0.8637 -0.0586 0.0174  -0.1343 72  VAL A C   
254 O O   . VAL A 72  ? 0.8179 0.9219 0.8109 -0.0409 -0.0041 -0.1548 72  VAL A O   
255 C CB  . VAL A 72  ? 0.7438 0.8649 0.7159 -0.0174 0.0335  -0.1180 72  VAL A CB  
256 C CG1 . VAL A 72  ? 0.6758 0.8421 0.6742 0.0003  0.0164  -0.1405 72  VAL A CG1 
257 C CG2 . VAL A 72  ? 0.7740 0.8342 0.7047 0.0032  0.0270  -0.1082 72  VAL A CG2 
258 N N   . GLN A 73  ? 0.9949 1.0209 0.9545 -0.0788 0.0204  -0.1254 73  GLN A N   
259 C CA  . GLN A 73  ? 1.0373 1.0207 0.9847 -0.0834 -0.0008 -0.1415 73  GLN A CA  
260 C C   . GLN A 73  ? 1.0703 0.9818 0.9603 -0.0541 -0.0040 -0.1317 73  GLN A C   
261 O O   . GLN A 73  ? 1.0806 0.9622 0.9457 -0.0463 0.0118  -0.1093 73  GLN A O   
262 C CB  . GLN A 73  ? 1.1129 1.0754 1.0767 -0.1299 0.0036  -0.1426 73  GLN A CB  
263 C CG  . GLN A 73  ? 1.1091 1.1509 1.1384 -0.1638 0.0122  -0.1534 73  GLN A CG  
264 C CD  . GLN A 73  ? 1.1475 1.1849 1.2101 -0.2036 -0.0023 -0.1745 73  GLN A CD  
265 O OE1 . GLN A 73  ? 1.1814 1.1591 1.2147 -0.1969 -0.0272 -0.1877 73  GLN A OE1 
266 N NE2 . GLN A 73  ? 1.1528 1.2542 1.2783 -0.2467 0.0136  -0.1800 73  GLN A NE2 
267 N N   . MET A 74  ? 1.2519 1.1393 1.1210 -0.0364 -0.0254 -0.1507 74  MET A N   
268 C CA  . MET A 74  ? 1.2579 1.0834 1.0731 -0.0062 -0.0270 -0.1472 74  MET A CA  
269 C C   . MET A 74  ? 1.2887 1.0566 1.0817 -0.0181 -0.0456 -0.1655 74  MET A C   
270 O O   . MET A 74  ? 1.3008 1.0802 1.1028 -0.0236 -0.0699 -0.1915 74  MET A O   
271 C CB  . MET A 74  ? 1.2173 1.0583 1.0130 0.0297  -0.0328 -0.1530 74  MET A CB  
272 C CG  . MET A 74  ? 1.2685 1.0540 1.0083 0.0584  -0.0383 -0.1604 74  MET A CG  
273 S SD  . MET A 74  ? 1.2836 1.0405 1.0058 0.0748  -0.0096 -0.1344 74  MET A SD  
274 C CE  . MET A 74  ? 1.1687 0.9868 0.9275 0.0762  0.0083  -0.1139 74  MET A CE  
275 N N   . ASP A 75  ? 1.5565 1.2593 1.3183 -0.0190 -0.0381 -0.1546 75  ASP A N   
276 C CA  . ASP A 75  ? 1.6612 1.2990 1.4024 -0.0363 -0.0562 -0.1721 75  ASP A CA  
277 C C   . ASP A 75  ? 1.6781 1.2379 1.3623 -0.0057 -0.0512 -0.1653 75  ASP A C   
278 O O   . ASP A 75  ? 1.6519 1.2050 1.3294 0.0070  -0.0319 -0.1406 75  ASP A O   
279 C CB  . ASP A 75  ? 1.6894 1.3294 1.4689 -0.0900 -0.0517 -0.1661 75  ASP A CB  
280 C CG  . ASP A 75  ? 1.7633 1.3174 1.5184 -0.1150 -0.0667 -0.1779 75  ASP A CG  
281 O OD1 . ASP A 75  ? 1.7862 1.2603 1.4893 -0.0951 -0.0638 -0.1680 75  ASP A OD1 
282 O OD2 . ASP A 75  ? 1.8131 1.3795 1.6046 -0.1553 -0.0825 -0.1986 75  ASP A OD2 
283 N N   . LYS A 76  ? 1.4603 0.9645 1.1031 0.0105  -0.0708 -0.1898 76  LYS A N   
284 C CA  . LYS A 76  ? 1.4743 0.9021 1.0625 0.0430  -0.0674 -0.1891 76  LYS A CA  
285 C C   . LYS A 76  ? 1.4261 0.8840 1.0099 0.0821  -0.0412 -0.1672 76  LYS A C   
286 O O   . LYS A 76  ? 1.4590 0.8812 1.0279 0.0982  -0.0311 -0.1528 76  LYS A O   
287 C CB  . LYS A 76  ? 1.5615 0.9146 1.1397 0.0152  -0.0712 -0.1814 76  LYS A CB  
288 C CG  . LYS A 76  ? 1.6922 0.9546 1.2305 0.0083  -0.0982 -0.2105 76  LYS A CG  
289 C CD  . LYS A 76  ? 1.6861 0.9729 1.2491 -0.0233 -0.1255 -0.2420 76  LYS A CD  
290 C CE  . LYS A 76  ? 1.6613 1.0005 1.2938 -0.0845 -0.1232 -0.2338 76  LYS A CE  
291 N NZ  . LYS A 76  ? 1.6315 1.0199 1.3046 -0.1099 -0.1516 -0.2674 76  LYS A NZ  
292 N N   . GLY A 77  ? 1.3379 0.8616 0.9373 0.0964  -0.0319 -0.1649 77  GLY A N   
293 C CA  . GLY A 77  ? 1.2968 0.8541 0.9000 0.1274  -0.0072 -0.1470 77  GLY A CA  
294 C C   . GLY A 77  ? 1.3213 0.9181 0.9658 0.1140  0.0066  -0.1209 77  GLY A C   
295 O O   . GLY A 77  ? 1.2636 0.8833 0.9161 0.1382  0.0233  -0.1082 77  GLY A O   
296 N N   . ILE A 78  ? 1.5339 1.1435 1.2059 0.0761  0.0009  -0.1138 78  ILE A N   
297 C CA  . ILE A 78  ? 1.5604 1.1966 1.2573 0.0657  0.0130  -0.0899 78  ILE A CA  
298 C C   . ILE A 78  ? 1.5067 1.2091 1.2444 0.0387  0.0157  -0.0872 78  ILE A C   
299 O O   . ILE A 78  ? 1.5124 1.2218 1.2652 0.0089  0.0066  -0.0984 78  ILE A O   
300 C CB  . ILE A 78  ? 1.6181 1.1890 1.2928 0.0515  0.0098  -0.0783 78  ILE A CB  
301 C CG1 . ILE A 78  ? 1.6196 1.1987 1.2946 0.0689  0.0196  -0.0553 78  ILE A CG1 
302 C CG2 . ILE A 78  ? 1.6772 1.2398 1.3654 0.0008  0.0064  -0.0768 78  ILE A CG2 
303 C CD1 . ILE A 78  ? 1.6141 1.2025 1.2860 0.1129  0.0235  -0.0576 78  ILE A CD1 
304 N N   . LEU A 79  ? 1.0363 0.7895 0.7952 0.0501  0.0270  -0.0754 79  LEU A N   
305 C CA  . LEU A 79  ? 0.9229 0.7380 0.7166 0.0339  0.0296  -0.0754 79  LEU A CA  
306 C C   . LEU A 79  ? 1.0023 0.8265 0.8055 0.0122  0.0382  -0.0593 79  LEU A C   
307 O O   . LEU A 79  ? 1.0176 0.8307 0.8089 0.0252  0.0439  -0.0434 79  LEU A O   
308 C CB  . LEU A 79  ? 0.8652 0.7200 0.6705 0.0569  0.0359  -0.0729 79  LEU A CB  
309 C CG  . LEU A 79  ? 0.7937 0.7043 0.6288 0.0496  0.0367  -0.0744 79  LEU A CG  
310 C CD1 . LEU A 79  ? 0.7789 0.7092 0.6236 0.0430  0.0237  -0.0930 79  LEU A CD1 
311 C CD2 . LEU A 79  ? 0.7351 0.6640 0.5754 0.0699  0.0438  -0.0680 79  LEU A CD2 
312 N N   . SER A 80  ? 1.1414 0.9891 0.9659 -0.0195 0.0392  -0.0644 80  SER A N   
313 C CA  . SER A 80  ? 1.1871 1.0376 1.0122 -0.0454 0.0528  -0.0485 80  SER A CA  
314 C C   . SER A 80  ? 1.1263 1.0519 0.9872 -0.0533 0.0616  -0.0531 80  SER A C   
315 O O   . SER A 80  ? 1.0937 1.0635 0.9880 -0.0572 0.0544  -0.0728 80  SER A O   
316 C CB  . SER A 80  ? 1.2169 1.0269 1.0377 -0.0824 0.0530  -0.0499 80  SER A CB  
317 O OG  . SER A 80  ? 1.3061 1.1391 1.1385 -0.1155 0.0721  -0.0377 80  SER A OG  
318 N N   . ILE A 81  ? 0.9194 0.8579 0.7695 -0.0512 0.0745  -0.0372 81  ILE A N   
319 C CA  . ILE A 81  ? 0.8382 0.8434 0.7142 -0.0537 0.0841  -0.0428 81  ILE A CA  
320 C C   . ILE A 81  ? 0.8785 0.8866 0.7445 -0.0843 0.1064  -0.0288 81  ILE A C   
321 O O   . ILE A 81  ? 0.8936 0.8562 0.7145 -0.0835 0.1135  -0.0066 81  ILE A O   
322 C CB  . ILE A 81  ? 0.7746 0.7935 0.6416 -0.0224 0.0797  -0.0398 81  ILE A CB  
323 C CG1 . ILE A 81  ? 0.6941 0.7294 0.5811 -0.0001 0.0656  -0.0554 81  ILE A CG1 
324 C CG2 . ILE A 81  ? 0.7377 0.8043 0.6110 -0.0249 0.0918  -0.0413 81  ILE A CG2 
325 C CD1 . ILE A 81  ? 0.6596 0.6930 0.5390 0.0248  0.0608  -0.0506 81  ILE A CD1 
326 N N   . LYS A 82  ? 0.9231 0.9851 0.8296 -0.1103 0.1181  -0.0415 82  LYS A N   
327 C CA  . LYS A 82  ? 0.9839 1.0443 0.8841 -0.1493 0.1452  -0.0271 82  LYS A CA  
328 C C   . LYS A 82  ? 0.8966 1.0466 0.8383 -0.1583 0.1657  -0.0400 82  LYS A C   
329 O O   . LYS A 82  ? 0.8051 1.0167 0.7907 -0.1391 0.1535  -0.0651 82  LYS A O   
330 C CB  . LYS A 82  ? 1.0185 1.0414 0.9321 -0.1875 0.1435  -0.0287 82  LYS A CB  
331 C CG  . LYS A 82  ? 1.1281 1.1125 1.0147 -0.2310 0.1727  -0.0037 82  LYS A CG  
332 C CD  . LYS A 82  ? 1.1951 1.1408 1.1016 -0.2774 0.1716  -0.0076 82  LYS A CD  
333 C CE  . LYS A 82  ? 1.1866 1.2251 1.1794 -0.3138 0.1798  -0.0344 82  LYS A CE  
334 N NZ  . LYS A 82  ? 1.2235 1.3019 1.2364 -0.3628 0.2241  -0.0206 82  LYS A NZ  
335 N N   . GLY A 83  ? 0.9992 1.1519 0.9206 -0.1850 0.1981  -0.0220 83  GLY A N   
336 C CA  . GLY A 83  ? 0.9610 1.2021 0.9215 -0.1967 0.2253  -0.0340 83  GLY A CA  
337 C C   . GLY A 83  ? 1.0041 1.2265 0.9047 -0.2060 0.2598  -0.0070 83  GLY A C   
338 O O   . GLY A 83  ? 1.0602 1.1968 0.8913 -0.2099 0.2615  0.0225  83  GLY A O   
339 N N   . GLU A 84  ? 1.1795 1.4820 1.1032 -0.2052 0.2863  -0.0188 84  GLU A N   
340 C CA  . GLU A 84  ? 1.2239 1.5108 1.0794 -0.2069 0.3194  0.0046  84  GLU A CA  
341 C C   . GLU A 84  ? 1.1786 1.5486 1.0507 -0.1752 0.3289  -0.0197 84  GLU A C   
342 O O   . GLU A 84  ? 1.1284 1.5825 1.0780 -0.1687 0.3249  -0.0518 84  GLU A O   
343 C CB  . GLU A 84  ? 1.2854 1.5602 1.1313 -0.2643 0.3647  0.0294  84  GLU A CB  
344 C CG  . GLU A 84  ? 1.3052 1.6881 1.2181 -0.2947 0.4079  0.0134  84  GLU A CG  
345 C CD  . GLU A 84  ? 1.4294 1.7828 1.3105 -0.3534 0.4600  0.0471  84  GLU A CD  
346 O OE1 . GLU A 84  ? 1.4855 1.9257 1.4349 -0.3941 0.5007  0.0370  84  GLU A OE1 
347 O OE2 . GLU A 84  ? 1.4662 1.7068 1.2526 -0.3587 0.4606  0.0846  84  GLU A OE2 
348 N N   . ARG A 85  ? 1.2029 1.5428 0.9970 -0.1499 0.3357  -0.0066 85  ARG A N   
349 C CA  . ARG A 85  ? 1.1774 1.5779 0.9661 -0.1156 0.3438  -0.0290 85  ARG A CA  
350 C C   . ARG A 85  ? 1.2404 1.6532 0.9718 -0.1320 0.3954  -0.0109 85  ARG A C   
351 O O   . ARG A 85  ? 1.3313 1.6659 0.9776 -0.1438 0.4069  0.0244  85  ARG A O   
352 C CB  . ARG A 85  ? 1.1569 1.5107 0.8985 -0.0677 0.3025  -0.0349 85  ARG A CB  
353 C CG  . ARG A 85  ? 1.1456 1.5238 0.8381 -0.0359 0.3139  -0.0469 85  ARG A CG  
354 C CD  . ARG A 85  ? 1.1661 1.5165 0.8451 0.0075  0.2670  -0.0647 85  ARG A CD  
355 N NE  . ARG A 85  ? 1.1652 1.5146 0.7787 0.0388  0.2692  -0.0746 85  ARG A NE  
356 C CZ  . ARG A 85  ? 1.1165 1.4494 0.7183 0.0754  0.2314  -0.0960 85  ARG A CZ  
357 N NH1 . ARG A 85  ? 1.1108 1.4297 0.7632 0.0827  0.1946  -0.1063 85  ARG A NH1 
358 N NH2 . ARG A 85  ? 1.1570 1.4866 0.6958 0.1033  0.2315  -0.1082 85  ARG A NH2 
359 N N   . LYS A 86  ? 1.6865 1.3295 1.1955 0.0040  0.0675  -0.3184 86  LYS A N   
360 C CA  . LYS A 86  ? 1.6891 1.3258 1.2482 -0.0390 0.0877  -0.3127 86  LYS A CA  
361 C C   . LYS A 86  ? 1.6407 1.3335 1.2318 -0.0392 0.1003  -0.2842 86  LYS A C   
362 O O   . LYS A 86  ? 1.6206 1.3717 1.2423 -0.0359 0.0823  -0.2933 86  LYS A O   
363 C CB  . LYS A 86  ? 1.7437 1.3860 1.3554 -0.0769 0.0705  -0.3518 86  LYS A CB  
364 C CG  . LYS A 86  ? 1.8411 1.4286 1.4205 -0.0721 0.0450  -0.3876 86  LYS A CG  
365 C CD  . LYS A 86  ? 1.9027 1.4204 1.4942 -0.1125 0.0574  -0.3957 86  LYS A CD  
366 C CE  . LYS A 86  ? 1.9198 1.4694 1.5981 -0.1648 0.0490  -0.4221 86  LYS A CE  
367 N NZ  . LYS A 86  ? 1.9374 1.4438 1.6465 -0.2139 0.0806  -0.4078 86  LYS A NZ  
368 N N   . THR A 87  ? 1.7745 1.4457 1.3540 -0.0392 0.1273  -0.2513 87  THR A N   
369 C CA  . THR A 87  ? 1.7064 1.4186 1.3160 -0.0422 0.1381  -0.2275 87  THR A CA  
370 C C   . THR A 87  ? 1.7461 1.4536 1.3961 -0.0802 0.1581  -0.2319 87  THR A C   
371 O O   . THR A 87  ? 1.7708 1.4232 1.4101 -0.1014 0.1736  -0.2362 87  THR A O   
372 C CB  . THR A 87  ? 1.6669 1.3635 1.2422 -0.0161 0.1512  -0.1901 87  THR A CB  
373 O OG1 . THR A 87  ? 1.7272 1.3698 1.2847 -0.0259 0.1756  -0.1763 87  THR A OG1 
374 C CG2 . THR A 87  ? 1.6375 1.3257 1.1689 0.0170  0.1419  -0.1848 87  THR A CG2 
375 N N   . GLU A 88  ? 2.0133 1.7778 1.7076 -0.0874 0.1582  -0.2302 88  GLU A N   
376 C CA  . GLU A 88  ? 2.0532 1.8342 1.7941 -0.1209 0.1789  -0.2354 88  GLU A CA  
377 C C   . GLU A 88  ? 2.0995 1.8237 1.8103 -0.1285 0.2129  -0.2079 88  GLU A C   
378 O O   . GLU A 88  ? 2.1476 1.8826 1.8841 -0.1492 0.2376  -0.2014 88  GLU A O   
379 C CB  . GLU A 88  ? 1.9879 1.8435 1.7709 -0.1135 0.1702  -0.2371 88  GLU A CB  
380 C CG  . GLU A 88  ? 2.0289 1.9242 1.8705 -0.1445 0.1908  -0.2474 88  GLU A CG  
381 C CD  . GLU A 88  ? 2.0051 1.9804 1.8901 -0.1317 0.1748  -0.2586 88  GLU A CD  
382 O OE1 . GLU A 88  ? 2.0157 2.0444 1.9554 -0.1458 0.1587  -0.2901 88  GLU A OE1 
383 O OE2 . GLU A 88  ? 1.9741 1.9569 1.8385 -0.1054 0.1749  -0.2381 88  GLU A OE2 
384 N N   . SER A 89  ? 1.6655 1.3291 1.3191 -0.1091 0.2153  -0.1921 89  SER A N   
385 C CA  . SER A 89  ? 1.6719 1.2819 1.2848 -0.1014 0.2396  -0.1635 89  SER A CA  
386 C C   . SER A 89  ? 1.8058 1.3398 1.3945 -0.1260 0.2612  -0.1640 89  SER A C   
387 O O   . SER A 89  ? 1.8321 1.3021 1.3670 -0.1096 0.2718  -0.1451 89  SER A O   
388 C CB  . SER A 89  ? 1.5909 1.1878 1.1615 -0.0617 0.2270  -0.1449 89  SER A CB  
389 O OG  . SER A 89  ? 1.6127 1.1467 1.1381 -0.0514 0.2447  -0.1237 89  SER A OG  
390 N N   . SER A 90  ? 2.2170 1.7540 1.8453 -0.1650 0.2660  -0.1851 90  SER A N   
391 C CA  . SER A 90  ? 2.3000 1.7632 1.9130 -0.1966 0.2905  -0.1807 90  SER A CA  
392 C C   . SER A 90  ? 2.3356 1.8362 2.0195 -0.2457 0.3047  -0.1949 90  SER A C   
393 O O   . SER A 90  ? 2.3702 1.8262 2.0532 -0.2774 0.3364  -0.1808 90  SER A O   
394 C CB  . SER A 90  ? 2.3023 1.6916 1.8719 -0.1911 0.2736  -0.1950 90  SER A CB  
395 O OG  . SER A 90  ? 2.2680 1.6053 1.7682 -0.1517 0.2748  -0.1744 90  SER A OG  
396 N N   . SER A 91  ? 2.0446 1.6287 1.7912 -0.2519 0.2824  -0.2214 91  SER A N   
397 C CA  . SER A 91  ? 2.0798 1.7200 1.9073 -0.2957 0.2959  -0.2353 91  SER A CA  
398 C C   . SER A 91  ? 2.0439 1.7319 1.8890 -0.2941 0.3294  -0.2112 91  SER A C   
399 O O   . SER A 91  ? 2.0363 1.7486 1.9315 -0.3323 0.3598  -0.2083 91  SER A O   
400 C CB  . SER A 91  ? 2.0097 1.7253 1.8973 -0.2969 0.2571  -0.2745 91  SER A CB  
401 O OG  . SER A 91  ? 1.8972 1.6554 1.7632 -0.2509 0.2314  -0.2752 91  SER A OG  
402 N N   . GLN A 92  ? 2.2239 1.9255 2.0289 -0.2500 0.3242  -0.1938 92  GLN A N   
403 C CA  . GLN A 92  ? 2.1466 1.8778 1.9487 -0.2377 0.3515  -0.1709 92  GLN A CA  
404 C C   . GLN A 92  ? 2.0749 1.7469 1.7961 -0.1969 0.3514  -0.1429 92  GLN A C   
405 O O   . GLN A 92  ? 2.0105 1.7149 1.7205 -0.1621 0.3373  -0.1361 92  GLN A O   
406 C CB  . GLN A 92  ? 2.0752 1.9084 1.9324 -0.2234 0.3340  -0.1880 92  GLN A CB  
407 C CG  . GLN A 92  ? 2.0746 1.9694 2.0006 -0.2417 0.3046  -0.2258 92  GLN A CG  
408 C CD  . GLN A 92  ? 2.0232 2.0194 2.0068 -0.2288 0.2925  -0.2425 92  GLN A CD  
409 O OE1 . GLN A 92  ? 1.9888 2.0175 1.9785 -0.2197 0.3169  -0.2285 92  GLN A OE1 
410 N NE2 . GLN A 92  ? 2.0039 2.0474 2.0235 -0.2231 0.2527  -0.2739 92  GLN A NE2 
411 N N   . THR A 93  ? 1.6502 1.2313 1.3153 -0.2007 0.3651  -0.1271 93  THR A N   
412 C CA  . THR A 93  ? 1.5975 1.1231 1.1908 -0.1602 0.3577  -0.1060 93  THR A CA  
413 C C   . THR A 93  ? 1.5531 1.0744 1.1149 -0.1383 0.3785  -0.0806 93  THR A C   
414 O O   . THR A 93  ? 1.4548 0.9726 0.9841 -0.0992 0.3597  -0.0703 93  THR A O   
415 C CB  . THR A 93  ? 1.6634 1.0914 1.2033 -0.1659 0.3634  -0.0997 93  THR A CB  
416 O OG1 . THR A 93  ? 1.6089 0.9737 1.0805 -0.1389 0.3777  -0.0719 93  THR A OG1 
417 C CG2 . THR A 93  ? 1.7412 1.1370 1.3062 -0.2172 0.3866  -0.1071 93  THR A CG2 
418 N N   . GLU A 94  ? 2.0502 1.5724 1.6210 -0.1616 0.4165  -0.0704 94  GLU A N   
419 C CA  . GLU A 94  ? 2.0069 1.5145 1.5329 -0.1356 0.4383  -0.0462 94  GLU A CA  
420 C C   . GLU A 94  ? 1.9157 1.4971 1.4624 -0.1024 0.4162  -0.0530 94  GLU A C   
421 O O   . GLU A 94  ? 1.8601 1.4218 1.3594 -0.0677 0.4181  -0.0371 94  GLU A O   
422 C CB  . GLU A 94  ? 2.0322 1.5304 1.5634 -0.1685 0.4895  -0.0315 94  GLU A CB  
423 C CG  . GLU A 94  ? 2.0597 1.6526 1.6820 -0.2044 0.5034  -0.0497 94  GLU A CG  
424 C CD  . GLU A 94  ? 2.1192 1.7203 1.8009 -0.2493 0.4911  -0.0732 94  GLU A CD  
425 O OE1 . GLU A 94  ? 2.1560 1.6793 1.8012 -0.2554 0.4785  -0.0729 94  GLU A OE1 
426 O OE2 . GLU A 94  ? 2.1201 1.8063 1.8851 -0.2753 0.4911  -0.0946 94  GLU A OE2 
427 N N   . HIS A 95  ? 1.4944 1.1532 1.1057 -0.1093 0.3915  -0.0773 95  HIS A N   
428 C CA  . HIS A 95  ? 1.4026 1.1238 1.0318 -0.0775 0.3655  -0.0851 95  HIS A CA  
429 C C   . HIS A 95  ? 1.3850 1.0856 0.9857 -0.0436 0.3241  -0.0813 95  HIS A C   
430 O O   . HIS A 95  ? 1.3237 1.0608 0.9322 -0.0160 0.2981  -0.0845 95  HIS A O   
431 C CB  . HIS A 95  ? 1.3916 1.2012 1.0991 -0.0969 0.3544  -0.1128 95  HIS A CB  
432 C CG  . HIS A 95  ? 1.4727 1.3206 1.2261 -0.1321 0.3943  -0.1176 95  HIS A CG  
433 N ND1 . HIS A 95  ? 1.5158 1.4074 1.3382 -0.1713 0.3939  -0.1409 95  HIS A ND1 
434 C CD2 . HIS A 95  ? 1.5097 1.3615 1.2521 -0.1345 0.4368  -0.1015 95  HIS A CD2 
435 C CE1 . HIS A 95  ? 1.5541 1.4788 1.4154 -0.2006 0.4351  -0.1380 95  HIS A CE1 
436 N NE2 . HIS A 95  ? 1.5502 1.4523 1.3616 -0.1785 0.4646  -0.1124 95  HIS A NE2 
437 N N   . PHE A 96  ? 1.3509 0.9945 0.9210 -0.0446 0.3173  -0.0744 96  PHE A N   
438 C CA  . PHE A 96  ? 1.2878 0.9237 0.8438 -0.0176 0.2816  -0.0703 96  PHE A CA  
439 C C   . PHE A 96  ? 1.2866 0.8702 0.7883 0.0140  0.2792  -0.0488 96  PHE A C   
440 O O   . PHE A 96  ? 1.3346 0.8535 0.7919 0.0144  0.2963  -0.0372 96  PHE A O   
441 C CB  . PHE A 96  ? 1.2989 0.9118 0.8537 -0.0304 0.2751  -0.0771 96  PHE A CB  
442 C CG  . PHE A 96  ? 1.3122 0.9820 0.9149 -0.0434 0.2560  -0.0991 96  PHE A CG  
443 C CD1 . PHE A 96  ? 1.3308 1.0215 0.9699 -0.0768 0.2685  -0.1194 96  PHE A CD1 
444 C CD2 . PHE A 96  ? 1.2775 0.9792 0.8895 -0.0223 0.2242  -0.0990 96  PHE A CD2 
445 C CE1 . PHE A 96  ? 1.3313 1.0733 1.0116 -0.0845 0.2459  -0.1431 96  PHE A CE1 
446 C CE2 . PHE A 96  ? 1.2631 1.0113 0.9087 -0.0297 0.2054  -0.1185 96  PHE A CE2 
447 C CZ  . PHE A 96  ? 1.2972 1.0657 0.9754 -0.0586 0.2143  -0.1425 96  PHE A CZ  
448 N N   . SER A 97  ? 1.4031 1.0103 0.9072 0.0421  0.2534  -0.0451 97  SER A N   
449 C CA  . SER A 97  ? 1.4080 0.9691 0.8666 0.0745  0.2419  -0.0286 97  SER A CA  
450 C C   . SER A 97  ? 1.4004 0.9342 0.8494 0.0841  0.2240  -0.0202 97  SER A C   
451 O O   . SER A 97  ? 1.4422 0.9311 0.8534 0.1085  0.2172  -0.0080 97  SER A O   
452 C CB  . SER A 97  ? 1.3855 0.9774 0.8555 0.1011  0.2109  -0.0301 97  SER A CB  
453 O OG  . SER A 97  ? 1.3786 1.0152 0.8933 0.0984  0.1790  -0.0356 97  SER A OG  
454 N N   . ARG A 98  ? 1.3807 0.9442 0.8624 0.0695  0.2151  -0.0272 98  ARG A N   
455 C CA  . ARG A 98  ? 1.3519 0.9081 0.8328 0.0835  0.1968  -0.0182 98  ARG A CA  
456 C C   . ARG A 98  ? 1.3693 0.9444 0.8679 0.0652  0.2015  -0.0288 98  ARG A C   
457 O O   . ARG A 98  ? 1.3607 0.9843 0.8943 0.0528  0.1924  -0.0398 98  ARG A O   
458 C CB  . ARG A 98  ? 1.3575 0.9487 0.8662 0.1019  0.1621  -0.0097 98  ARG A CB  
459 C CG  . ARG A 98  ? 1.3139 0.9327 0.8486 0.1050  0.1453  -0.0014 98  ARG A CG  
460 C CD  . ARG A 98  ? 1.3405 0.9338 0.8622 0.1264  0.1375  0.0135  98  ARG A CD  
461 N NE  . ARG A 98  ? 1.3621 0.9456 0.8852 0.1451  0.1136  0.0213  98  ARG A NE  
462 C CZ  . ARG A 98  ? 1.3110 0.9179 0.8684 0.1558  0.0829  0.0339  98  ARG A CZ  
463 N NH1 . ARG A 98  ? 1.2562 0.9025 0.8491 0.1490  0.0785  0.0444  98  ARG A NH1 
464 N NH2 . ARG A 98  ? 1.3076 0.8968 0.8624 0.1735  0.0570  0.0362  98  ARG A NH2 
465 N N   . ILE A 99  ? 1.2843 0.8187 0.7544 0.0682  0.2123  -0.0272 99  ILE A N   
466 C CA  . ILE A 99  ? 1.2944 0.8378 0.7702 0.0581  0.2140  -0.0392 99  ILE A CA  
467 C C   . ILE A 99  ? 1.2749 0.8260 0.7464 0.0835  0.2012  -0.0275 99  ILE A C   
468 O O   . ILE A 99  ? 1.2855 0.8016 0.7312 0.1038  0.2024  -0.0162 99  ILE A O   
469 C CB  . ILE A 99  ? 1.3573 0.8434 0.8015 0.0410  0.2369  -0.0507 99  ILE A CB  
470 C CG1 . ILE A 99  ? 1.3809 0.8684 0.8399 0.0109  0.2547  -0.0596 99  ILE A CG1 
471 C CG2 . ILE A 99  ? 1.3775 0.8678 0.8215 0.0382  0.2317  -0.0659 99  ILE A CG2 
472 C CD1 . ILE A 99  ? 1.3645 0.9050 0.8690 -0.0127 0.2481  -0.0811 99  ILE A CD1 
473 N N   . GLU A 100 ? 1.2389 0.8364 0.7340 0.0844  0.1902  -0.0299 100 GLU A N   
474 C CA  . GLU A 100 ? 1.2316 0.8400 0.7211 0.1074  0.1862  -0.0188 100 GLU A CA  
475 C C   . GLU A 100 ? 1.2453 0.8731 0.7290 0.1078  0.1876  -0.0315 100 GLU A C   
476 O O   . GLU A 100 ? 1.2610 0.8801 0.7225 0.1286  0.1930  -0.0294 100 GLU A O   
477 C CB  . GLU A 100 ? 1.1896 0.8433 0.7147 0.1198  0.1682  0.0043  100 GLU A CB  
478 C CG  . GLU A 100 ? 1.1855 0.8210 0.7151 0.1292  0.1585  0.0170  100 GLU A CG  
479 C CD  . GLU A 100 ? 1.1520 0.8336 0.7265 0.1357  0.1351  0.0376  100 GLU A CD  
480 O OE1 . GLU A 100 ? 1.1354 0.8609 0.7343 0.1294  0.1302  0.0442  100 GLU A OE1 
481 O OE2 . GLU A 100 ? 1.1475 0.8176 0.7311 0.1471  0.1198  0.0476  100 GLU A OE2 
482 N N   . ARG A 101 ? 1.1974 0.8521 0.6977 0.0902  0.1813  -0.0461 101 ARG A N   
483 C CA  . ARG A 101 ? 1.2098 0.8854 0.7008 0.0962  0.1771  -0.0583 101 ARG A CA  
484 C C   . ARG A 101 ? 1.2683 0.8943 0.7212 0.0965  0.1861  -0.0816 101 ARG A C   
485 O O   . ARG A 101 ? 1.2955 0.8781 0.7424 0.0756  0.1935  -0.0958 101 ARG A O   
486 C CB  . ARG A 101 ? 1.1861 0.8989 0.7029 0.0798  0.1630  -0.0716 101 ARG A CB  
487 C CG  . ARG A 101 ? 1.1382 0.8901 0.6881 0.0796  0.1498  -0.0517 101 ARG A CG  
488 C CD  . ARG A 101 ? 1.1234 0.8965 0.6970 0.0615  0.1383  -0.0711 101 ARG A CD  
489 N NE  . ARG A 101 ? 1.1296 0.9311 0.7000 0.0664  0.1246  -0.0836 101 ARG A NE  
490 C CZ  . ARG A 101 ? 1.1387 0.9524 0.7204 0.0533  0.1153  -0.1135 101 ARG A CZ  
491 N NH1 . ARG A 101 ? 1.1406 0.9451 0.7436 0.0303  0.1231  -0.1312 101 ARG A NH1 
492 N NH2 . ARG A 101 ? 1.1506 0.9872 0.7221 0.0643  0.0988  -0.1244 101 ARG A NH2 
493 N N   . ARG A 102 ? 1.7292 1.3596 1.1550 0.1211  0.1856  -0.0848 102 ARG A N   
494 C CA  . ARG A 102 ? 1.8020 1.3796 1.1849 0.1280  0.1888  -0.1091 102 ARG A CA  
495 C C   . ARG A 102 ? 1.8396 1.4145 1.2254 0.1079  0.1756  -0.1412 102 ARG A C   
496 O O   . ARG A 102 ? 1.8458 1.4702 1.2510 0.1070  0.1631  -0.1440 102 ARG A O   
497 C CB  . ARG A 102 ? 1.7926 1.3799 1.1414 0.1690  0.1927  -0.1022 102 ARG A CB  
498 C CG  . ARG A 102 ? 1.7279 1.3635 1.0989 0.1904  0.2006  -0.0658 102 ARG A CG  
499 C CD  . ARG A 102 ? 1.7516 1.3891 1.0868 0.2321  0.2103  -0.0631 102 ARG A CD  
500 N NE  . ARG A 102 ? 1.7039 1.4064 1.0651 0.2553  0.2195  -0.0303 102 ARG A NE  
501 C CZ  . ARG A 102 ? 1.6860 1.4460 1.0503 0.2702  0.2242  -0.0166 102 ARG A CZ  
502 N NH1 . ARG A 102 ? 1.7067 1.4656 1.0449 0.2683  0.2167  -0.0350 102 ARG A NH1 
503 N NH2 . ARG A 102 ? 1.6573 1.4764 1.0516 0.2873  0.2363  0.0164  102 ARG A NH2 
504 N N   . TYR A 103 ? 1.5226 1.0369 0.8901 0.0913  0.1761  -0.1657 103 TYR A N   
505 C CA  . TYR A 103 ? 1.5648 1.0744 0.9464 0.0664  0.1607  -0.1991 103 TYR A CA  
506 C C   . TYR A 103 ? 1.6438 1.0852 0.9804 0.0735  0.1529  -0.2272 103 TYR A C   
507 O O   . TYR A 103 ? 1.6700 1.0581 0.9651 0.0918  0.1627  -0.2203 103 TYR A O   
508 C CB  . TYR A 103 ? 1.5631 1.0723 0.9918 0.0219  0.1675  -0.2023 103 TYR A CB  
509 C CG  . TYR A 103 ? 1.6042 1.0431 1.0182 0.0025  0.1868  -0.1965 103 TYR A CG  
510 C CD1 . TYR A 103 ? 1.6847 1.0657 1.0934 -0.0245 0.1846  -0.2212 103 TYR A CD1 
511 C CD2 . TYR A 103 ? 1.5867 1.0134 0.9920 0.0102  0.2054  -0.1660 103 TYR A CD2 
512 C CE1 . TYR A 103 ? 1.7660 1.0753 1.1562 -0.0437 0.2039  -0.2120 103 TYR A CE1 
513 C CE2 . TYR A 103 ? 1.6639 1.0207 1.0461 -0.0043 0.2233  -0.1589 103 TYR A CE2 
514 C CZ  . TYR A 103 ? 1.7493 1.0459 1.1223 -0.0320 0.2245  -0.1800 103 TYR A CZ  
515 O OH  . TYR A 103 ? 1.7935 1.0115 1.1382 -0.0481 0.2439  -0.1693 103 TYR A OH  
516 N N   . GLY A 104 ? 1.5018 1.0973 0.8418 -0.3441 0.5420  -0.1492 104 GLY A N   
517 C CA  . GLY A 104 ? 1.5429 1.1214 0.8896 -0.3581 0.5444  -0.1350 104 GLY A CA  
518 C C   . GLY A 104 ? 1.4216 1.0515 0.8483 -0.3372 0.5280  -0.1380 104 GLY A C   
519 O O   . GLY A 104 ? 1.3515 1.0495 0.8528 -0.3123 0.5207  -0.1579 104 GLY A O   
520 N N   . SER A 105 ? 1.4999 1.0928 0.9078 -0.3465 0.5230  -0.1188 105 SER A N   
521 C CA  . SER A 105 ? 1.4363 1.0687 0.9097 -0.3327 0.5128  -0.1236 105 SER A CA  
522 C C   . SER A 105 ? 1.3957 1.0048 0.8328 -0.2980 0.4725  -0.0912 105 SER A C   
523 O O   . SER A 105 ? 1.4561 1.0012 0.8088 -0.2919 0.4510  -0.0578 105 SER A O   
524 C CB  . SER A 105 ? 1.5113 1.1074 0.9795 -0.3651 0.5336  -0.1237 105 SER A CB  
525 O OG  . SER A 105 ? 1.6388 1.1330 1.0015 -0.3759 0.5271  -0.0877 105 SER A OG  
526 N N   . PHE A 106 ? 1.2444 0.9143 0.7619 -0.2673 0.4463  -0.1003 106 PHE A N   
527 C CA  . PHE A 106 ? 1.2183 0.8818 0.7282 -0.2259 0.3956  -0.0706 106 PHE A CA  
528 C C   . PHE A 106 ? 1.1906 0.8862 0.7630 -0.2058 0.3763  -0.0766 106 PHE A C   
529 O O   . PHE A 106 ? 1.1786 0.9242 0.8188 -0.2172 0.3915  -0.1085 106 PHE A O   
530 C CB  . PHE A 106 ? 1.1726 0.8810 0.7071 -0.1985 0.3710  -0.0708 106 PHE A CB  
531 C CG  . PHE A 106 ? 1.0825 0.8745 0.7141 -0.1867 0.3759  -0.1052 106 PHE A CG  
532 C CD1 . PHE A 106 ? 1.0627 0.8815 0.7179 -0.2060 0.4133  -0.1375 106 PHE A CD1 
533 C CD2 . PHE A 106 ? 0.9933 0.8365 0.6906 -0.1540 0.3439  -0.1044 106 PHE A CD2 
534 C CE1 . PHE A 106 ? 0.9978 0.8940 0.7475 -0.1893 0.4143  -0.1672 106 PHE A CE1 
535 C CE2 . PHE A 106 ? 0.9498 0.8654 0.7308 -0.1406 0.3434  -0.1319 106 PHE A CE2 
536 C CZ  . PHE A 106 ? 0.9519 0.8948 0.7630 -0.1564 0.3767  -0.1628 106 PHE A CZ  
537 N N   . HIS A 107 ? 1.3846 1.0549 0.9343 -0.1748 0.3415  -0.0468 107 HIS A N   
538 C CA  . HIS A 107 ? 1.3609 1.0480 0.9510 -0.1538 0.3247  -0.0512 107 HIS A CA  
539 C C   . HIS A 107 ? 1.3467 1.0259 0.9217 -0.1115 0.2875  -0.0184 107 HIS A C   
540 O O   . HIS A 107 ? 1.4398 1.0534 0.9587 -0.1046 0.2810  0.0088  107 HIS A O   
541 C CB  . HIS A 107 ? 1.4344 1.0595 0.9947 -0.1828 0.3482  -0.0579 107 HIS A CB  
542 C CG  . HIS A 107 ? 1.4909 1.1279 1.0885 -0.1684 0.3358  -0.0727 107 HIS A CG  
543 N ND1 . HIS A 107 ? 1.4441 1.1614 1.1188 -0.1643 0.3293  -0.1046 107 HIS A ND1 
544 C CD2 . HIS A 107 ? 1.5534 1.1274 1.1162 -0.1567 0.3284  -0.0616 107 HIS A CD2 
545 C CE1 . HIS A 107 ? 1.4590 1.1629 1.1391 -0.1538 0.3178  -0.1135 107 HIS A CE1 
546 N NE2 . HIS A 107 ? 1.5265 1.1422 1.1404 -0.1485 0.3193  -0.0895 107 HIS A NE2 
547 N N   . ARG A 108 ? 1.1021 0.8481 0.7287 -0.0826 0.2638  -0.0188 108 ARG A N   
548 C CA  . ARG A 108 ? 1.0821 0.8380 0.7095 -0.0441 0.2326  0.0099  108 ARG A CA  
549 C C   . ARG A 108 ? 1.0739 0.8627 0.7430 -0.0217 0.2253  -0.0033 108 ARG A C   
550 O O   . ARG A 108 ? 1.0750 0.9134 0.7918 -0.0268 0.2287  -0.0309 108 ARG A O   
551 C CB  . ARG A 108 ? 1.0349 0.8381 0.6839 -0.0312 0.2121  0.0222  108 ARG A CB  
552 C CG  . ARG A 108 ? 1.0610 0.8308 0.6593 -0.0487 0.2103  0.0380  108 ARG A CG  
553 C CD  . ARG A 108 ? 1.1335 0.8544 0.6782 -0.0375 0.1925  0.0746  108 ARG A CD  
554 N NE  . ARG A 108 ? 1.0900 0.8486 0.6601 -0.0059 0.1589  0.1023  108 ARG A NE  
555 C CZ  . ARG A 108 ? 1.0492 0.8333 0.6221 -0.0077 0.1373  0.1156  108 ARG A CZ  
556 N NH1 . ARG A 108 ? 0.9976 0.8208 0.6001 0.0169  0.1088  0.1417  108 ARG A NH1 
557 N NH2 . ARG A 108 ? 1.0695 0.8404 0.6165 -0.0359 0.1462  0.1005  108 ARG A NH2 
558 N N   . ARG A 109 ? 1.0552 0.8181 0.7056 0.0058  0.2142  0.0160  109 ARG A N   
559 C CA  . ARG A 109 ? 1.0460 0.8325 0.7222 0.0299  0.2089  0.0035  109 ARG A CA  
560 C C   . ARG A 109 ? 1.0150 0.8325 0.7026 0.0709  0.1887  0.0320  109 ARG A C   
561 O O   . ARG A 109 ? 1.0527 0.8415 0.7158 0.0859  0.1808  0.0617  109 ARG A O   
562 C CB  . ARG A 109 ? 1.1463 0.8636 0.7884 0.0227  0.2241  -0.0098 109 ARG A CB  
563 C CG  . ARG A 109 ? 1.2154 0.9004 0.8477 -0.0241 0.2476  -0.0360 109 ARG A CG  
564 C CD  . ARG A 109 ? 1.2697 0.9219 0.8980 -0.0346 0.2576  -0.0654 109 ARG A CD  
565 N NE  . ARG A 109 ? 1.3484 0.9079 0.9212 -0.0232 0.2631  -0.0506 109 ARG A NE  
566 C CZ  . ARG A 109 ? 1.4559 0.9778 1.0163 -0.0128 0.2650  -0.0696 109 ARG A CZ  
567 N NH1 . ARG A 109 ? 1.3870 0.9611 0.9825 -0.0149 0.2592  -0.1035 109 ARG A NH1 
568 N NH2 . ARG A 109 ? 1.5975 1.0252 1.1063 0.0014  0.2710  -0.0551 109 ARG A NH2 
569 N N   . PHE A 110 ? 0.9920 0.8695 0.7168 0.0888  0.1804  0.0241  110 PHE A N   
570 C CA  . PHE A 110 ? 0.9712 0.8911 0.7142 0.1221  0.1663  0.0507  110 PHE A CA  
571 C C   . PHE A 110 ? 0.9913 0.9274 0.7385 0.1482  0.1704  0.0383  110 PHE A C   
572 O O   . PHE A 110 ? 0.9979 0.9516 0.7527 0.1392  0.1722  0.0104  110 PHE A O   
573 C CB  . PHE A 110 ? 0.9055 0.8833 0.6826 0.1163  0.1529  0.0603  110 PHE A CB  
574 C CG  . PHE A 110 ? 0.9256 0.8854 0.6918 0.0923  0.1491  0.0696  110 PHE A CG  
575 C CD1 . PHE A 110 ? 0.9395 0.8868 0.7040 0.0629  0.1603  0.0446  110 PHE A CD1 
576 C CD2 . PHE A 110 ? 0.9211 0.8777 0.6779 0.0983  0.1350  0.1014  110 PHE A CD2 
577 C CE1 . PHE A 110 ? 0.9316 0.8575 0.6764 0.0404  0.1616  0.0492  110 PHE A CE1 
578 C CE2 . PHE A 110 ? 0.9524 0.8859 0.6862 0.0731  0.1299  0.1071  110 PHE A CE2 
579 C CZ  . PHE A 110 ? 0.9711 0.8854 0.6941 0.0444  0.1456  0.0799  110 PHE A CZ  
580 N N   . ALA A 111 ? 1.0459 0.9827 0.7899 0.1819  0.1709  0.0594  111 ALA A N   
581 C CA  . ALA A 111 ? 1.0564 1.0007 0.7943 0.2103  0.1806  0.0464  111 ALA A CA  
582 C C   . ALA A 111 ? 0.9915 1.0107 0.7566 0.2216  0.1748  0.0542  111 ALA A C   
583 O O   . ALA A 111 ? 0.9921 1.0565 0.7857 0.2306  0.1672  0.0857  111 ALA A O   
584 C CB  . ALA A 111 ? 1.0867 1.0027 0.8145 0.2461  0.1882  0.0641  111 ALA A CB  
585 N N   . LEU A 112 ? 0.9758 1.0068 0.7299 0.2199  0.1770  0.0280  112 LEU A N   
586 C CA  . LEU A 112 ? 0.9417 1.0378 0.7145 0.2296  0.1705  0.0434  112 LEU A CA  
587 C C   . LEU A 112 ? 0.9215 1.0386 0.6843 0.2648  0.1861  0.0528  112 LEU A C   
588 O O   . LEU A 112 ? 0.9756 1.0582 0.7045 0.2801  0.2000  0.0281  112 LEU A O   
589 C CB  . LEU A 112 ? 0.9593 1.0728 0.7262 0.2147  0.1601  0.0188  112 LEU A CB  
590 C CG  . LEU A 112 ? 0.9776 1.0879 0.7625 0.1838  0.1471  0.0016  112 LEU A CG  
591 C CD1 . LEU A 112 ? 0.9893 1.1212 0.7630 0.1826  0.1362  -0.0245 112 LEU A CD1 
592 C CD2 . LEU A 112 ? 0.9408 1.0812 0.7601 0.1754  0.1360  0.0300  112 LEU A CD2 
593 N N   . PRO A 113 ? 0.9204 1.0946 0.7102 0.2751  0.1857  0.0849  113 PRO A N   
594 C CA  . PRO A 113 ? 0.8951 1.1026 0.6787 0.3064  0.2060  0.0940  113 PRO A CA  
595 C C   . PRO A 113 ? 0.9379 1.1397 0.6739 0.3101  0.2119  0.0647  113 PRO A C   
596 O O   . PRO A 113 ? 0.9711 1.1691 0.6946 0.2875  0.1934  0.0494  113 PRO A O   
597 C CB  . PRO A 113 ? 0.8357 1.1084 0.6594 0.3010  0.2009  0.1334  113 PRO A CB  
598 C CG  . PRO A 113 ? 0.8383 1.1011 0.6899 0.2728  0.1776  0.1455  113 PRO A CG  
599 C CD  . PRO A 113 ? 0.8589 1.0689 0.6834 0.2544  0.1684  0.1115  113 PRO A CD  
600 N N   . ASP A 114 ? 1.1149 1.3174 0.8238 0.3405  0.2373  0.0561  114 ASP A N   
601 C CA  . ASP A 114 ? 1.1487 1.3434 0.7997 0.3447  0.2430  0.0270  114 ASP A CA  
602 C C   . ASP A 114 ? 1.1179 1.3659 0.7609 0.3367  0.2355  0.0477  114 ASP A C   
603 O O   . ASP A 114 ? 1.2358 1.4791 0.8231 0.3376  0.2340  0.0269  114 ASP A O   
604 C CB  . ASP A 114 ? 1.2279 1.4044 0.8443 0.3809  0.2764  0.0096  114 ASP A CB  
605 C CG  . ASP A 114 ? 1.3436 1.4663 0.9739 0.3970  0.2858  -0.0001 114 ASP A CG  
606 O OD1 . ASP A 114 ? 1.3326 1.4804 1.0146 0.4129  0.2917  0.0317  114 ASP A OD1 
607 O OD2 . ASP A 114 ? 1.4433 1.4957 1.0326 0.3914  0.2844  -0.0384 114 ASP A OD2 
608 N N   . SER A 115 ? 1.0011 1.2934 0.6916 0.3270  0.2286  0.0879  115 SER A N   
609 C CA  . SER A 115 ? 0.9950 1.3219 0.6748 0.3143  0.2164  0.1091  115 SER A CA  
610 C C   . SER A 115 ? 0.9421 1.2530 0.6309 0.2878  0.1805  0.1015  115 SER A C   
611 O O   . SER A 115 ? 0.9644 1.2919 0.6359 0.2808  0.1648  0.1135  115 SER A O   
612 C CB  . SER A 115 ? 0.9644 1.3435 0.6885 0.3135  0.2279  0.1564  115 SER A CB  
613 O OG  . SER A 115 ? 0.9230 1.3015 0.7051 0.2969  0.2116  0.1725  115 SER A OG  
614 N N   . ALA A 116 ? 0.8162 1.0951 0.5303 0.2747  0.1686  0.0824  116 ALA A N   
615 C CA  . ALA A 116 ? 0.7904 1.0599 0.5185 0.2521  0.1400  0.0696  116 ALA A CA  
616 C C   . ALA A 116 ? 0.8346 1.0944 0.5210 0.2509  0.1263  0.0345  116 ALA A C   
617 O O   . ALA A 116 ? 0.9161 1.1509 0.5643 0.2590  0.1383  0.0055  116 ALA A O   
618 C CB  . ALA A 116 ? 0.7591 0.9982 0.5204 0.2362  0.1373  0.0573  116 ALA A CB  
619 N N   . ASP A 117 ? 0.9618 1.2392 0.6557 0.2412  0.0987  0.0359  117 ASP A N   
620 C CA  . ASP A 117 ? 1.0429 1.3230 0.7025 0.2394  0.0766  0.0064  117 ASP A CA  
621 C C   . ASP A 117 ? 1.0477 1.3234 0.7514 0.2182  0.0566  -0.0228 117 ASP A C   
622 O O   . ASP A 117 ? 1.0411 1.3401 0.7799 0.2132  0.0329  -0.0154 117 ASP A O   
623 C CB  . ASP A 117 ? 1.0597 1.3681 0.6941 0.2486  0.0576  0.0332  117 ASP A CB  
624 C CG  . ASP A 117 ? 1.1132 1.4319 0.7224 0.2460  0.0225  0.0073  117 ASP A CG  
625 O OD1 . ASP A 117 ? 1.1582 1.4645 0.7616 0.2354  0.0164  -0.0357 117 ASP A OD1 
626 O OD2 . ASP A 117 ? 1.1459 1.4837 0.7401 0.2536  -0.0010 0.0318  117 ASP A OD2 
627 N N   . ALA A 118 ? 1.0386 1.2830 0.7386 0.2064  0.0681  -0.0573 118 ALA A N   
628 C CA  . ALA A 118 ? 1.0333 1.2700 0.7811 0.1812  0.0623  -0.0809 118 ALA A CA  
629 C C   . ALA A 118 ? 1.0669 1.3420 0.8425 0.1709  0.0290  -0.1002 118 ALA A C   
630 O O   . ALA A 118 ? 1.0185 1.3086 0.8513 0.1558  0.0233  -0.1072 118 ALA A O   
631 C CB  . ALA A 118 ? 1.0640 1.2520 0.7907 0.1683  0.0810  -0.1134 118 ALA A CB  
632 N N   . ASP A 119 ? 1.1436 1.4372 0.8793 0.1801  0.0066  -0.1096 119 ASP A N   
633 C CA  . ASP A 119 ? 1.1818 1.5182 0.9449 0.1737  -0.0320 -0.1270 119 ASP A CA  
634 C C   . ASP A 119 ? 1.1491 1.5194 0.9503 0.1896  -0.0518 -0.0928 119 ASP A C   
635 O O   . ASP A 119 ? 1.2048 1.6150 1.0422 0.1902  -0.0857 -0.1032 119 ASP A O   
636 C CB  . ASP A 119 ? 1.2469 1.5881 0.9431 0.1785  -0.0546 -0.1470 119 ASP A CB  
637 C CG  . ASP A 119 ? 1.2709 1.5731 0.9336 0.1586  -0.0406 -0.1911 119 ASP A CG  
638 O OD1 . ASP A 119 ? 1.2517 1.5246 0.9481 0.1406  -0.0153 -0.2031 119 ASP A OD1 
639 O OD2 . ASP A 119 ? 1.3236 1.6189 0.9217 0.1593  -0.0558 -0.2142 119 ASP A OD2 
640 N N   . GLY A 120 ? 0.8266 1.1819 0.6240 0.2023  -0.0332 -0.0530 120 GLY A N   
641 C CA  . GLY A 120 ? 0.8194 1.1918 0.6495 0.2150  -0.0494 -0.0207 120 GLY A CA  
642 C C   . GLY A 120 ? 0.7991 1.1601 0.6866 0.2062  -0.0320 -0.0126 120 GLY A C   
643 O O   . GLY A 120 ? 0.7239 1.0864 0.6333 0.2168  -0.0413 0.0149  120 GLY A O   
644 N N   . ILE A 121 ? 0.7834 1.1259 0.6892 0.1866  -0.0074 -0.0352 121 ILE A N   
645 C CA  . ILE A 121 ? 0.7225 1.0493 0.6691 0.1757  0.0104  -0.0295 121 ILE A CA  
646 C C   . ILE A 121 ? 0.7473 1.1013 0.7552 0.1761  -0.0056 -0.0421 121 ILE A C   
647 O O   . ILE A 121 ? 0.7728 1.1604 0.8120 0.1717  -0.0209 -0.0723 121 ILE A O   
648 C CB  . ILE A 121 ? 0.7194 1.0163 0.6604 0.1541  0.0383  -0.0507 121 ILE A CB  
649 C CG1 . ILE A 121 ? 0.7207 0.9933 0.6057 0.1627  0.0517  -0.0387 121 ILE A CG1 
650 C CG2 . ILE A 121 ? 0.6462 0.9215 0.6138 0.1408  0.0570  -0.0440 121 ILE A CG2 
651 C CD1 . ILE A 121 ? 0.6574 0.8891 0.5304 0.1504  0.0782  -0.0440 121 ILE A CD1 
652 N N   . THR A 122 ? 0.9101 1.2506 0.9385 0.1817  -0.0017 -0.0203 122 THR A N   
653 C CA  . THR A 122 ? 0.8904 1.2465 0.9783 0.1856  -0.0084 -0.0326 122 THR A CA  
654 C C   . THR A 122 ? 0.8608 1.1823 0.9580 0.1698  0.0198  -0.0323 122 THR A C   
655 O O   . THR A 122 ? 0.8664 1.1538 0.9255 0.1620  0.0335  -0.0098 122 THR A O   
656 C CB  . THR A 122 ? 0.8677 1.2317 0.9632 0.2139  -0.0381 -0.0059 122 THR A CB  
657 O OG1 . THR A 122 ? 0.9372 1.2709 0.9784 0.2189  -0.0372 0.0346  122 THR A OG1 
658 C CG2 . THR A 122 ? 0.8483 1.2568 0.9536 0.2293  -0.0717 -0.0172 122 THR A CG2 
659 N N   . ALA A 123 ? 0.8339 1.1689 0.9829 0.1650  0.0282  -0.0584 123 ALA A N   
660 C CA  . ALA A 123 ? 0.8279 1.1289 0.9789 0.1483  0.0563  -0.0641 123 ALA A CA  
661 C C   . ALA A 123 ? 0.8407 1.1538 1.0465 0.1623  0.0556  -0.0788 123 ALA A C   
662 O O   . ALA A 123 ? 0.8531 1.2139 1.1122 0.1788  0.0395  -0.0959 123 ALA A O   
663 C CB  . ALA A 123 ? 0.7786 1.0734 0.9222 0.1183  0.0847  -0.0898 123 ALA A CB  
664 N N   . SER A 124 ? 0.7329 1.0023 0.9259 0.1572  0.0711  -0.0726 124 SER A N   
665 C CA  . SER A 124 ? 0.7559 1.0232 0.9940 0.1713  0.0775  -0.0902 124 SER A CA  
666 C C   . SER A 124 ? 0.7995 1.0158 1.0052 0.1480  0.1084  -0.0981 124 SER A C   
667 O O   . SER A 124 ? 0.7911 0.9738 0.9404 0.1254  0.1152  -0.0817 124 SER A O   
668 C CB  . SER A 124 ? 0.7541 1.0089 1.0025 0.2043  0.0471  -0.0649 124 SER A CB  
669 O OG  . SER A 124 ? 0.8593 1.0570 1.0539 0.1962  0.0436  -0.0321 124 SER A OG  
670 N N   . GLY A 125 ? 0.7630 0.9757 1.0044 0.1551  0.1267  -0.1252 125 GLY A N   
671 C CA  . GLY A 125 ? 0.7563 0.9233 0.9631 0.1313  0.1599  -0.1416 125 GLY A CA  
672 C C   . GLY A 125 ? 0.7875 0.9251 1.0158 0.1509  0.1680  -0.1576 125 GLY A C   
673 O O   . GLY A 125 ? 0.7786 0.9517 1.0749 0.1825  0.1629  -0.1734 125 GLY A O   
674 N N   . SER A 126 ? 0.7770 0.8476 0.9473 0.1338  0.1782  -0.1543 126 SER A N   
675 C CA  . SER A 126 ? 0.8063 0.8316 0.9838 0.1506  0.1863  -0.1712 126 SER A CA  
676 C C   . SER A 126 ? 0.8735 0.8331 0.9745 0.1167  0.2078  -0.1801 126 SER A C   
677 O O   . SER A 126 ? 0.8900 0.8239 0.9319 0.0902  0.1929  -0.1524 126 SER A O   
678 C CB  . SER A 126 ? 0.8815 0.8779 1.0673 0.1779  0.1483  -0.1402 126 SER A CB  
679 O OG  . SER A 126 ? 0.9600 0.8923 1.0792 0.1546  0.1341  -0.1129 126 SER A OG  
680 N N   . HIS A 127 ? 1.0236 0.9612 1.1262 0.1179  0.2430  -0.2198 127 HIS A N   
681 C CA  . HIS A 127 ? 1.0768 0.9455 1.0977 0.0866  0.2634  -0.2335 127 HIS A CA  
682 C C   . HIS A 127 ? 1.0419 0.9143 1.0013 0.0462  0.2717  -0.2217 127 HIS A C   
683 O O   . HIS A 127 ? 1.1137 0.9323 0.9946 0.0178  0.2631  -0.2091 127 HIS A O   
684 C CB  . HIS A 127 ? 1.1807 0.9774 1.1598 0.0851  0.2331  -0.2130 127 HIS A CB  
685 C CG  . HIS A 127 ? 1.2708 1.0401 1.2959 0.1234  0.2298  -0.2277 127 HIS A CG  
686 N ND1 . HIS A 127 ? 1.2607 1.0481 1.3385 0.1523  0.2640  -0.2702 127 HIS A ND1 
687 C CD2 . HIS A 127 ? 1.3424 1.0658 1.3707 0.1392  0.1973  -0.2041 127 HIS A CD2 
688 C CE1 . HIS A 127 ? 1.3068 1.0570 1.4180 0.1886  0.2506  -0.2728 127 HIS A CE1 
689 N NE2 . HIS A 127 ? 1.3630 1.0688 1.4406 0.1796  0.2100  -0.2320 127 HIS A NE2 
690 N N   . GLY A 128 ? 0.8713 0.8052 0.8666 0.0434  0.2863  -0.2258 128 GLY A N   
691 C CA  . GLY A 128 ? 0.8683 0.7981 0.8065 0.0081  0.2971  -0.2153 128 GLY A CA  
692 C C   . GLY A 128 ? 0.8501 0.7791 0.7602 0.0005  0.2588  -0.1708 128 GLY A C   
693 O O   . GLY A 128 ? 0.8547 0.7654 0.7075 -0.0260 0.2632  -0.1582 128 GLY A O   
694 N N   . VAL A 129 ? 0.8363 0.7837 0.7832 0.0242  0.2229  -0.1454 129 VAL A N   
695 C CA  . VAL A 129 ? 0.8148 0.7706 0.7429 0.0202  0.1921  -0.1053 129 VAL A CA  
696 C C   . VAL A 129 ? 0.7406 0.7568 0.7257 0.0410  0.1826  -0.0995 129 VAL A C   
697 O O   . VAL A 129 ? 0.7444 0.7905 0.7868 0.0671  0.1761  -0.1092 129 VAL A O   
698 C CB  . VAL A 129 ? 0.8727 0.7979 0.7841 0.0232  0.1599  -0.0767 129 VAL A CB  
699 C CG1 . VAL A 129 ? 0.7982 0.7510 0.7100 0.0257  0.1334  -0.0370 129 VAL A CG1 
700 C CG2 . VAL A 129 ? 0.9292 0.7959 0.7745 -0.0046 0.1624  -0.0804 129 VAL A CG2 
701 N N   . LEU A 130 ? 0.8194 0.8497 0.7856 0.0306  0.1797  -0.0844 130 LEU A N   
702 C CA  . LEU A 130 ? 0.7931 0.8726 0.7987 0.0464  0.1686  -0.0797 130 LEU A CA  
703 C C   . LEU A 130 ? 0.8040 0.8870 0.7989 0.0598  0.1375  -0.0417 130 LEU A C   
704 O O   . LEU A 130 ? 0.7987 0.8609 0.7521 0.0481  0.1317  -0.0183 130 LEU A O   
705 C CB  . LEU A 130 ? 0.7642 0.8492 0.7535 0.0270  0.1877  -0.0897 130 LEU A CB  
706 C CG  . LEU A 130 ? 0.7275 0.8500 0.7390 0.0376  0.1745  -0.0850 130 LEU A CG  
707 C CD1 . LEU A 130 ? 0.7190 0.8955 0.7979 0.0565  0.1664  -0.1055 130 LEU A CD1 
708 C CD2 . LEU A 130 ? 0.7196 0.8261 0.7034 0.0132  0.1958  -0.0947 130 LEU A CD2 
709 N N   . SER A 131 ? 0.8397 0.9510 0.8728 0.0848  0.1181  -0.0344 131 SER A N   
710 C CA  . SER A 131 ? 0.8393 0.9626 0.8631 0.0974  0.0942  0.0002  131 SER A CA  
711 C C   . SER A 131 ? 0.8097 0.9751 0.8479 0.1089  0.0896  -0.0055 131 SER A C   
712 O O   . SER A 131 ? 0.8202 1.0167 0.8979 0.1203  0.0871  -0.0280 131 SER A O   
713 C CB  . SER A 131 ? 0.8992 1.0137 0.9395 0.1148  0.0745  0.0175  131 SER A CB  
714 O OG  . SER A 131 ? 0.9845 1.0542 1.0148 0.1037  0.0801  0.0119  131 SER A OG  
715 N N   . ILE A 132 ? 0.6916 0.8589 0.6995 0.1063  0.0881  0.0127  132 ILE A N   
716 C CA  . ILE A 132 ? 0.6350 0.8326 0.6435 0.1173  0.0826  0.0082  132 ILE A CA  
717 C C   . ILE A 132 ? 0.6457 0.8540 0.6370 0.1338  0.0663  0.0425  132 ILE A C   
718 O O   . ILE A 132 ? 0.6044 0.7998 0.5739 0.1295  0.0690  0.0688  132 ILE A O   
719 C CB  . ILE A 132 ? 0.6080 0.7916 0.5914 0.1022  0.1003  -0.0043 132 ILE A CB  
720 C CG1 . ILE A 132 ? 0.6062 0.7802 0.6043 0.0811  0.1205  -0.0372 132 ILE A CG1 
721 C CG2 . ILE A 132 ? 0.5939 0.7985 0.5692 0.1128  0.0944  -0.0111 132 ILE A CG2 
722 C CD1 . ILE A 132 ? 0.6196 0.7609 0.5820 0.0620  0.1396  -0.0429 132 ILE A CD1 
723 N N   . PHE A 133 ? 0.7491 0.9837 0.7511 0.1521  0.0490  0.0437  133 PHE A N   
724 C CA  . PHE A 133 ? 0.7434 0.9871 0.7220 0.1663  0.0372  0.0770  133 PHE A CA  
725 C C   . PHE A 133 ? 0.7293 0.9929 0.6802 0.1742  0.0389  0.0697  133 PHE A C   
726 O O   . PHE A 133 ? 0.7731 1.0552 0.7314 0.1783  0.0299  0.0430  133 PHE A O   
727 C CB  . PHE A 133 ? 0.7582 1.0062 0.7523 0.1823  0.0149  0.0896  133 PHE A CB  
728 C CG  . PHE A 133 ? 0.7671 0.9865 0.7867 0.1770  0.0148  0.0901  133 PHE A CG  
729 C CD1 . PHE A 133 ? 0.7612 0.9511 0.7674 0.1673  0.0158  0.1202  133 PHE A CD1 
730 C CD2 . PHE A 133 ? 0.7810 1.0033 0.8390 0.1792  0.0163  0.0577  133 PHE A CD2 
731 C CE1 . PHE A 133 ? 0.7809 0.9348 0.8030 0.1603  0.0157  0.1162  133 PHE A CE1 
732 C CE2 . PHE A 133 ? 0.7932 0.9837 0.8694 0.1764  0.0203  0.0536  133 PHE A CE2 
733 C CZ  . PHE A 133 ? 0.8158 0.9669 0.8695 0.1668  0.0190  0.0818  133 PHE A CZ  
734 N N   . ILE A 134 ? 0.5642 0.8260 0.4862 0.1761  0.0504  0.0915  134 ILE A N   
735 C CA  . ILE A 134 ? 0.5815 0.8513 0.4710 0.1844  0.0598  0.0826  134 ILE A CA  
736 C C   . ILE A 134 ? 0.6064 0.8947 0.4663 0.1997  0.0579  0.1126  134 ILE A C   
737 O O   . ILE A 134 ? 0.6041 0.8967 0.4600 0.2002  0.0715  0.1411  134 ILE A O   
738 C CB  . ILE A 134 ? 0.5738 0.8239 0.4569 0.1774  0.0811  0.0804  134 ILE A CB  
739 C CG1 . ILE A 134 ? 0.5604 0.7864 0.4632 0.1584  0.0851  0.0559  134 ILE A CG1 
740 C CG2 . ILE A 134 ? 0.6021 0.8503 0.4518 0.1894  0.0927  0.0667  134 ILE A CG2 
741 C CD1 . ILE A 134 ? 0.5592 0.7586 0.4537 0.1500  0.0997  0.0638  134 ILE A CD1 
742 N N   . PRO A 135 ? 0.6363 0.9389 0.4752 0.2112  0.0408  0.1083  135 PRO A N   
743 C CA  . PRO A 135 ? 0.6759 0.9923 0.4714 0.2244  0.0421  0.1365  135 PRO A CA  
744 C C   . PRO A 135 ? 0.6922 1.0140 0.4560 0.2314  0.0702  0.1375  135 PRO A C   
745 O O   . PRO A 135 ? 0.6892 0.9994 0.4501 0.2314  0.0821  0.1082  135 PRO A O   
746 C CB  . PRO A 135 ? 0.7138 1.0405 0.4840 0.2344  0.0157  0.1190  135 PRO A CB  
747 C CG  . PRO A 135 ? 0.6852 1.0116 0.5068 0.2279  -0.0039 0.0956  135 PRO A CG  
748 C CD  . PRO A 135 ? 0.6409 0.9513 0.4967 0.2115  0.0178  0.0789  135 PRO A CD  
749 N N   . LYS A 136 ? 0.8365 0.8876 0.9561 0.1834  0.1730  0.0776  136 LYS A N   
750 C CA  . LYS A 136 ? 0.8589 0.8605 0.9590 0.1628  0.1685  0.0844  136 LYS A CA  
751 C C   . LYS A 136 ? 0.8886 0.8964 0.9732 0.1712  0.1579  0.0909  136 LYS A C   
752 O O   . LYS A 136 ? 0.9115 0.9336 0.9967 0.2003  0.1563  0.0949  136 LYS A O   
753 C CB  . LYS A 136 ? 0.8222 0.7531 0.9156 0.1716  0.1800  0.0902  136 LYS A CB  
754 C CG  . LYS A 136 ? 0.7949 0.7050 0.8971 0.1551  0.1868  0.0858  136 LYS A CG  
755 C CD  . LYS A 136 ? 0.7904 0.6320 0.8878 0.1492  0.1920  0.0937  136 LYS A CD  
756 C CE  . LYS A 136 ? 0.7284 0.5367 0.8300 0.1564  0.2010  0.0951  136 LYS A CE  
757 N NZ  . LYS A 136 ? 0.7511 0.4986 0.8517 0.1559  0.2060  0.1063  136 LYS A NZ  
758 N N   . ARG A 137 ? 0.8353 0.8298 0.9033 0.1453  0.1481  0.0914  137 ARG A N   
759 C CA  . ARG A 137 ? 0.8627 0.8523 0.9072 0.1509  0.1384  0.0967  137 ARG A CA  
760 C C   . ARG A 137 ? 0.8374 0.7796 0.8677 0.1790  0.1498  0.1047  137 ARG A C   
761 O O   . ARG A 137 ? 0.8316 0.7306 0.8655 0.1840  0.1640  0.1065  137 ARG A O   
762 C CB  . ARG A 137 ? 0.8662 0.8309 0.8885 0.1213  0.1275  0.0939  137 ARG A CB  
763 C CG  . ARG A 137 ? 0.9534 0.9520 0.9813 0.0862  0.1125  0.0884  137 ARG A CG  
764 C CD  . ARG A 137 ? 1.0282 1.0052 1.0251 0.0624  0.0938  0.0870  137 ARG A CD  
765 N NE  . ARG A 137 ? 1.1743 1.1890 1.1572 0.0653  0.0795  0.0917  137 ARG A NE  
766 C CZ  . ARG A 137 ? 1.2448 1.3174 1.2329 0.0423  0.0614  0.0929  137 ARG A CZ  
767 N NH1 . ARG A 137 ? 1.2989 1.4048 1.2762 0.0462  0.0468  0.0989  137 ARG A NH1 
768 N NH2 . ARG A 137 ? 1.2114 1.3095 1.2144 0.0127  0.0567  0.0893  137 ARG A NH2 
769 N N   . ALA A 138 ? 0.7199 0.6704 0.7325 0.1945  0.1420  0.1111  138 ALA A N   
770 C CA  . ALA A 138 ? 0.7322 0.6352 0.7220 0.2145  0.1508  0.1202  138 ALA A CA  
771 C C   . ALA A 138 ? 0.7421 0.5984 0.7085 0.1991  0.1591  0.1187  138 ALA A C   
772 O O   . ALA A 138 ? 0.7570 0.6170 0.7121 0.1782  0.1501  0.1118  138 ALA A O   
773 C CB  . ALA A 138 ? 0.7731 0.6927 0.7441 0.2316  0.1370  0.1285  138 ALA A CB  
774 N N   . ALA A 139 ? 0.8460 0.6586 0.8050 0.2101  0.1755  0.1248  139 ALA A N   
775 C CA  . ALA A 139 ? 0.8755 0.6492 0.8186 0.1998  0.1875  0.1220  139 ALA A CA  
776 C C   . ALA A 139 ? 0.9309 0.6959 0.8318 0.1993  0.1829  0.1222  139 ALA A C   
777 O O   . ALA A 139 ? 0.9980 0.7641 0.8761 0.2128  0.1787  0.1320  139 ALA A O   
778 C CB  . ALA A 139 ? 0.8967 0.6346 0.8460 0.2099  0.2071  0.1304  139 ALA A CB  
779 N N   . THR A 140 ? 0.9029 0.6540 0.7901 0.1839  0.1820  0.1112  140 THR A N   
780 C CA  . THR A 140 ? 0.9745 0.7137 0.8156 0.1809  0.1760  0.1084  140 THR A CA  
781 C C   . THR A 140 ? 0.9842 0.6935 0.7948 0.1939  0.1947  0.1159  140 THR A C   
782 O O   . THR A 140 ? 0.9992 0.6837 0.8159 0.1960  0.2167  0.1135  140 THR A O   
783 C CB  . THR A 140 ? 1.0079 0.7289 0.8390 0.1639  0.1716  0.0926  140 THR A CB  
784 O OG1 . THR A 140 ? 1.0435 0.7895 0.9006 0.1471  0.1532  0.0881  140 THR A OG1 
785 C CG2 . THR A 140 ? 1.0986 0.8074 0.8777 0.1594  0.1609  0.0886  140 THR A CG2 
786 N N   . THR A 141 ? 1.0095 0.7225 0.7865 0.2002  0.1848  0.1253  141 THR A N   
787 C CA  . THR A 141 ? 1.0766 0.7613 0.8174 0.2088  0.1993  0.1353  141 THR A CA  
788 C C   . THR A 141 ? 1.1406 0.7963 0.8397 0.2003  0.2133  0.1237  141 THR A C   
789 O O   . THR A 141 ? 1.1679 0.8225 0.8388 0.1908  0.1986  0.1137  141 THR A O   
790 C CB  . THR A 141 ? 1.0846 0.7797 0.8011 0.2174  0.1788  0.1501  141 THR A CB  
791 O OG1 . THR A 141 ? 1.1382 0.8011 0.8041 0.2190  0.1877  0.1597  141 THR A OG1 
792 C CG2 . THR A 141 ? 1.0694 0.7920 0.7765 0.2084  0.1516  0.1451  141 THR A CG2 
793 N N   . PRO A 142 ? 1.2162 0.8492 0.9101 0.2033  0.2417  0.1240  142 PRO A N   
794 C CA  . PRO A 142 ? 1.2404 0.8512 0.9047 0.1987  0.2607  0.1081  142 PRO A CA  
795 C C   . PRO A 142 ? 1.3018 0.8929 0.8954 0.1958  0.2615  0.1108  142 PRO A C   
796 O O   . PRO A 142 ? 1.3359 0.9167 0.9031 0.1978  0.2727  0.1260  142 PRO A O   
797 C CB  . PRO A 142 ? 1.2127 0.8184 0.9087 0.2031  0.2913  0.1102  142 PRO A CB  
798 C CG  . PRO A 142 ? 1.1899 0.8002 0.8971 0.2078  0.2888  0.1332  142 PRO A CG  
799 C CD  . PRO A 142 ? 1.1696 0.7997 0.8923 0.2106  0.2576  0.1376  142 PRO A CD  
800 N N   . ARG A 143 ? 1.4631 1.0438 1.0205 0.1888  0.2486  0.0963  143 ARG A N   
801 C CA  . ARG A 143 ? 1.5537 1.1132 1.0383 0.1831  0.2424  0.0987  143 ARG A CA  
802 C C   . ARG A 143 ? 1.6139 1.1447 1.0575 0.1820  0.2697  0.0786  143 ARG A C   
803 O O   . ARG A 143 ? 1.6041 1.1345 1.0810 0.1874  0.2893  0.0614  143 ARG A O   
804 C CB  . ARG A 143 ? 1.6057 1.1724 1.0714 0.1739  0.2044  0.0979  143 ARG A CB  
805 C CG  . ARG A 143 ? 1.5838 1.1883 1.1128 0.1736  0.1823  0.1016  143 ARG A CG  
806 C CD  . ARG A 143 ? 1.6272 1.2473 1.1408 0.1612  0.1456  0.1026  143 ARG A CD  
807 N NE  . ARG A 143 ? 1.6740 1.2634 1.1399 0.1480  0.1380  0.0849  143 ARG A NE  
808 C CZ  . ARG A 143 ? 1.7503 1.3246 1.1573 0.1362  0.1151  0.0865  143 ARG A CZ  
809 N NH1 . ARG A 143 ? 1.7704 1.3604 1.1613 0.1361  0.0971  0.1063  143 ARG A NH1 
810 N NH2 . ARG A 143 ? 1.8409 1.3811 1.2054 0.1250  0.1084  0.0683  143 ARG A NH2 
811 N N   . ARG A 144 ? 1.4929 0.9994 0.8628 0.1755  0.2702  0.0803  144 ARG A N   
812 C CA  . ARG A 144 ? 1.5417 1.0176 0.8564 0.1732  0.2872  0.0567  144 ARG A CA  
813 C C   . ARG A 144 ? 1.6059 1.0598 0.8555 0.1611  0.2545  0.0567  144 ARG A C   
814 O O   . ARG A 144 ? 1.6457 1.0953 0.8556 0.1537  0.2400  0.0770  144 ARG A O   
815 C CB  . ARG A 144 ? 1.5928 1.0571 0.8690 0.1735  0.3260  0.0576  144 ARG A CB  
816 C CG  . ARG A 144 ? 1.7237 1.1516 0.9169 0.1684  0.3367  0.0362  144 ARG A CG  
817 C CD  . ARG A 144 ? 1.7530 1.1714 0.8948 0.1639  0.3752  0.0378  144 ARG A CD  
818 N NE  . ARG A 144 ? 1.8121 1.1928 0.8657 0.1580  0.3822  0.0171  144 ARG A NE  
819 C CZ  . ARG A 144 ? 1.8097 1.1813 0.8174 0.1572  0.4236  0.0027  144 ARG A CZ  
820 N NH1 . ARG A 144 ? 1.7759 1.1783 0.8231 0.1604  0.4609  0.0090  144 ARG A NH1 
821 N NH2 . ARG A 144 ? 1.8851 1.2182 0.8075 0.1522  0.4274  -0.0179 144 ARG A NH2 
822 N N   . ILE A 145 ? 1.4410 0.8779 0.6782 0.1578  0.2396  0.0354  145 ILE A N   
823 C CA  . ILE A 145 ? 1.4863 0.9039 0.6675 0.1429  0.2023  0.0367  145 ILE A CA  
824 C C   . ILE A 145 ? 1.5845 0.9566 0.6709 0.1372  0.2153  0.0260  145 ILE A C   
825 O O   . ILE A 145 ? 1.6228 0.9681 0.6847 0.1443  0.2419  -0.0007 145 ILE A O   
826 C CB  . ILE A 145 ? 1.4661 0.8794 0.6683 0.1374  0.1769  0.0203  145 ILE A CB  
827 C CG1 . ILE A 145 ? 1.3729 0.8326 0.6646 0.1395  0.1653  0.0313  145 ILE A CG1 
828 C CG2 . ILE A 145 ? 1.5198 0.9119 0.6600 0.1180  0.1365  0.0231  145 ILE A CG2 
829 C CD1 . ILE A 145 ? 1.3269 0.7907 0.6777 0.1519  0.1896  0.0157  145 ILE A CD1 
830 N N   . GLN A 146 ? 1.9186 1.2813 0.9507 0.1250  0.1971  0.0461  146 GLN A N   
831 C CA  . GLN A 146 ? 1.9896 1.3046 0.9220 0.1155  0.2059  0.0363  146 GLN A CA  
832 C C   . GLN A 146 ? 2.0491 1.3300 0.9314 0.1031  0.1723  0.0216  146 GLN A C   
833 O O   . GLN A 146 ? 2.0547 1.3549 0.9712 0.0956  0.1341  0.0301  146 GLN A O   
834 C CB  . GLN A 146 ? 2.0200 1.3302 0.9060 0.1048  0.1986  0.0646  146 GLN A CB  
835 C CG  . GLN A 146 ? 1.9732 1.3131 0.9083 0.1145  0.2256  0.0826  146 GLN A CG  
836 C CD  . GLN A 146 ? 2.0205 1.3362 0.8932 0.1090  0.2649  0.0814  146 GLN A CD  
837 O OE1 . GLN A 146 ? 2.0940 1.3707 0.8824 0.0990  0.2748  0.0658  146 GLN A OE1 
838 N NE2 . GLN A 146 ? 1.9806 1.3190 0.8918 0.1137  0.2880  0.0978  146 GLN A NE2 
839 N N   . VAL A 147 ? 1.8678 1.0981 0.6681 0.1002  0.1877  -0.0019 147 VAL A N   
840 C CA  . VAL A 147 ? 1.9206 1.1071 0.6712 0.0919  0.1623  -0.0239 147 VAL A CA  
841 C C   . VAL A 147 ? 2.0104 1.1577 0.6628 0.0689  0.1325  -0.0123 147 VAL A C   
842 O O   . VAL A 147 ? 2.0822 1.2025 0.6638 0.0649  0.1547  -0.0125 147 VAL A O   
843 C CB  . VAL A 147 ? 1.9634 1.1153 0.6919 0.1089  0.1995  -0.0634 147 VAL A CB  
844 C CG1 . VAL A 147 ? 2.0168 1.1178 0.6988 0.1024  0.1690  -0.0869 147 VAL A CG1 
845 C CG2 . VAL A 147 ? 1.8770 1.0709 0.7048 0.1312  0.2300  -0.0710 147 VAL A CG2 
846 N N   . GLY A 148 ? 2.1738 1.3182 0.8193 0.0509  0.0813  -0.0013 148 GLY A N   
847 C CA  . GLY A 148 ? 2.2535 1.3593 0.8079 0.0264  0.0458  0.0104  148 GLY A CA  
848 C C   . GLY A 148 ? 2.3471 1.3772 0.8026 0.0185  0.0431  -0.0205 148 GLY A C   
849 O O   . GLY A 148 ? 2.3500 1.3573 0.8111 0.0338  0.0647  -0.0528 148 GLY A O   
850 N N   . ASN A 149 ? 2.5652 1.5527 0.9271 -0.0056 0.0127  -0.0104 149 ASN A N   
851 C CA  . ASN A 149 ? 2.6684 1.5740 0.9180 -0.0141 0.0115  -0.0395 149 ASN A CA  
852 C C   . ASN A 149 ? 2.7325 1.6007 0.9268 -0.0436 -0.0499 -0.0318 149 ASN A C   
853 O O   . ASN A 149 ? 2.8101 1.6291 0.9042 -0.0652 -0.0696 -0.0251 149 ASN A O   
854 C CB  . ASN A 149 ? 2.7302 1.5991 0.8871 -0.0182 0.0415  -0.0413 149 ASN A CB  
855 C CG  . ASN A 149 ? 2.6911 1.5908 0.8895 0.0072  0.1049  -0.0524 149 ASN A CG  
856 O OD1 . ASN A 149 ? 2.7492 1.6183 0.9120 0.0229  0.1468  -0.0879 149 ASN A OD1 
857 N ND2 . ASN A 149 ? 2.6058 1.5676 0.8821 0.0119  0.1114  -0.0227 149 ASN A ND2 
# 
loop_
_pdbx_poly_seq_scheme.asym_id 
_pdbx_poly_seq_scheme.entity_id 
_pdbx_poly_seq_scheme.seq_id 
_pdbx_poly_seq_scheme.mon_id 
_pdbx_poly_seq_scheme.ndb_seq_num 
_pdbx_poly_seq_scheme.pdb_seq_num 
_pdbx_poly_seq_scheme.auth_seq_num 
_pdbx_poly_seq_scheme.pdb_mon_id 
_pdbx_poly_seq_scheme.auth_mon_id 
_pdbx_poly_seq_scheme.pdb_strand_id 
_pdbx_poly_seq_scheme.pdb_ins_code 
_pdbx_poly_seq_scheme.hetero 
A 1 1   MET 1   1   ?   ?   ?   A . n 
A 1 2   ASN 2   2   ?   ?   ?   A . n 
A 1 3   VAL 3   3   ?   ?   ?   A . n 
A 1 4   VAL 4   4   ?   ?   ?   A . n 
A 1 5   ARG 5   5   ?   ?   ?   A . n 
A 1 6   TYR 6   6   ?   ?   ?   A . n 
A 1 7   THR 7   7   ?   ?   ?   A . n 
A 1 8   PRO 8   8   ?   ?   ?   A . n 
A 1 9   TRP 9   9   ?   ?   ?   A . n 
A 1 10  PRO 10  10  ?   ?   ?   A . n 
A 1 11  GLY 11  11  ?   ?   ?   A . n 
A 1 12  GLN 12  12  ?   ?   ?   A . n 
A 1 13  ALA 13  13  ?   ?   ?   A . n 
A 1 14  ALA 14  14  ?   ?   ?   A . n 
A 1 15  LEU 15  15  ?   ?   ?   A . n 
A 1 16  GLN 16  16  ?   ?   ?   A . n 
A 1 17  ASN 17  17  ?   ?   ?   A . n 
A 1 18  GLU 18  18  ?   ?   ?   A . n 
A 1 19  ILE 19  19  ?   ?   ?   A . n 
A 1 20  LYS 20  20  ?   ?   ?   A . n 
A 1 21  GLN 21  21  ?   ?   ?   A . n 
A 1 22  VAL 22  22  ?   ?   ?   A . n 
A 1 23  PHE 23  23  ?   ?   ?   A . n 
A 1 24  ASP 24  24  ?   ?   ?   A . n 
A 1 25  ARG 25  25  ?   ?   ?   A . n 
A 1 26  PHE 26  26  ?   ?   ?   A . n 
A 1 27  PHE 27  27  ?   ?   ?   A . n 
A 1 28  GLU 28  28  ?   ?   ?   A . n 
A 1 29  HIS 29  29  ?   ?   ?   A . n 
A 1 30  ASN 30  30  ?   ?   ?   A . n 
A 1 31  GLY 31  31  ?   ?   ?   A . n 
A 1 32  ASP 32  32  ?   ?   ?   A . n 
A 1 33  THR 33  33  ?   ?   ?   A . n 
A 1 34  ASP 34  34  ?   ?   ?   A . n 
A 1 35  GLU 35  35  ?   ?   ?   A . n 
A 1 36  SER 36  36  ?   ?   ?   A . n 
A 1 37  ALA 37  37  ?   ?   ?   A . n 
A 1 38  VAL 38  38  ?   ?   ?   A . n 
A 1 39  VAL 39  39  ?   ?   ?   A . n 
A 1 40  THR 40  40  ?   ?   ?   A . n 
A 1 41  ALA 41  41  41  ALA ALA A . n 
A 1 42  GLN 42  42  42  GLN GLN A . n 
A 1 43  TRP 43  43  43  TRP TRP A . n 
A 1 44  VAL 44  44  44  VAL VAL A . n 
A 1 45  PRO 45  45  45  PRO PRO A . n 
A 1 46  ARG 46  46  46  ARG ARG A . n 
A 1 47  VAL 47  47  47  VAL VAL A . n 
A 1 48  ASP 48  48  48  ASP ASP A . n 
A 1 49  ILE 49  49  49  ILE ILE A . n 
A 1 50  LYS 50  50  50  LYS LYS A . n 
A 1 51  GLU 51  51  51  GLU GLU A . n 
A 1 52  GLU 52  52  52  GLU GLU A . n 
A 1 53  PRO 53  53  53  PRO PRO A . n 
A 1 54  ASN 54  54  54  ASN ASN A . n 
A 1 55  GLN 55  55  55  GLN GLN A . n 
A 1 56  PHE 56  56  56  PHE PHE A . n 
A 1 57  VAL 57  57  57  VAL VAL A . n 
A 1 58  LEU 58  58  58  LEU LEU A . n 
A 1 59  TYR 59  59  59  TYR TYR A . n 
A 1 60  ALA 60  60  60  ALA ALA A . n 
A 1 61  ASP 61  61  61  ASP ASP A . n 
A 1 62  LEU 62  62  62  LEU LEU A . n 
A 1 63  PRO 63  63  63  PRO PRO A . n 
A 1 64  GLY 64  64  64  GLY GLY A . n 
A 1 65  ILE 65  65  65  ILE ILE A . n 
A 1 66  ASP 66  66  66  ASP ASP A . n 
A 1 67  PRO 67  67  67  PRO PRO A . n 
A 1 68  ALA 68  68  68  ALA ALA A . n 
A 1 69  ASP 69  69  69  ASP ASP A . n 
A 1 70  ILE 70  70  70  ILE ILE A . n 
A 1 71  GLU 71  71  71  GLU GLU A . n 
A 1 72  VAL 72  72  72  VAL VAL A . n 
A 1 73  GLN 73  73  73  GLN GLN A . n 
A 1 74  MET 74  74  74  MET MET A . n 
A 1 75  ASP 75  75  75  ASP ASP A . n 
A 1 76  LYS 76  76  76  LYS LYS A . n 
A 1 77  GLY 77  77  77  GLY GLY A . n 
A 1 78  ILE 78  78  78  ILE ILE A . n 
A 1 79  LEU 79  79  79  LEU LEU A . n 
A 1 80  SER 80  80  80  SER SER A . n 
A 1 81  ILE 81  81  81  ILE ILE A . n 
A 1 82  LYS 82  82  82  LYS LYS A . n 
A 1 83  GLY 83  83  83  GLY GLY A . n 
A 1 84  GLU 84  84  84  GLU GLU A . n 
A 1 85  ARG 85  85  85  ARG ARG A . n 
A 1 86  LYS 86  86  86  LYS LYS A . n 
A 1 87  THR 87  87  87  THR THR A . n 
A 1 88  GLU 88  88  88  GLU GLU A . n 
A 1 89  SER 89  89  89  SER SER A . n 
A 1 90  SER 90  90  90  SER SER A . n 
A 1 91  SER 91  91  91  SER SER A . n 
A 1 92  GLN 92  92  92  GLN GLN A . n 
A 1 93  THR 93  93  93  THR THR A . n 
A 1 94  GLU 94  94  94  GLU GLU A . n 
A 1 95  HIS 95  95  95  HIS HIS A . n 
A 1 96  PHE 96  96  96  PHE PHE A . n 
A 1 97  SER 97  97  97  SER SER A . n 
A 1 98  ARG 98  98  98  ARG ARG A . n 
A 1 99  ILE 99  99  99  ILE ILE A . n 
A 1 100 GLU 100 100 100 GLU GLU A . n 
A 1 101 ARG 101 101 101 ARG ARG A . n 
A 1 102 ARG 102 102 102 ARG ARG A . n 
A 1 103 TYR 103 103 103 TYR TYR A . n 
A 1 104 GLY 104 104 104 GLY GLY A . n 
A 1 105 SER 105 105 105 SER SER A . n 
A 1 106 PHE 106 106 106 PHE PHE A . n 
A 1 107 HIS 107 107 107 HIS HIS A . n 
A 1 108 ARG 108 108 108 ARG ARG A . n 
A 1 109 ARG 109 109 109 ARG ARG A . n 
A 1 110 PHE 110 110 110 PHE PHE A . n 
A 1 111 ALA 111 111 111 ALA ALA A . n 
A 1 112 LEU 112 112 112 LEU LEU A . n 
A 1 113 PRO 113 113 113 PRO PRO A . n 
A 1 114 ASP 114 114 114 ASP ASP A . n 
A 1 115 SER 115 115 115 SER SER A . n 
A 1 116 ALA 116 116 116 ALA ALA A . n 
A 1 117 ASP 117 117 117 ASP ASP A . n 
A 1 118 ALA 118 118 118 ALA ALA A . n 
A 1 119 ASP 119 119 119 ASP ASP A . n 
A 1 120 GLY 120 120 120 GLY GLY A . n 
A 1 121 ILE 121 121 121 ILE ILE A . n 
A 1 122 THR 122 122 122 THR THR A . n 
A 1 123 ALA 123 123 123 ALA ALA A . n 
A 1 124 SER 124 124 124 SER SER A . n 
A 1 125 GLY 125 125 125 GLY GLY A . n 
A 1 126 SER 126 126 126 SER SER A . n 
A 1 127 HIS 127 127 127 HIS HIS A . n 
A 1 128 GLY 128 128 128 GLY GLY A . n 
A 1 129 VAL 129 129 129 VAL VAL A . n 
A 1 130 LEU 130 130 130 LEU LEU A . n 
A 1 131 SER 131 131 131 SER SER A . n 
A 1 132 ILE 132 132 132 ILE ILE A . n 
A 1 133 PHE 133 133 133 PHE PHE A . n 
A 1 134 ILE 134 134 134 ILE ILE A . n 
A 1 135 PRO 135 135 135 PRO PRO A . n 
A 1 136 LYS 136 136 136 LYS LYS A . n 
A 1 137 ARG 137 137 137 ARG ARG A . n 
A 1 138 ALA 138 138 138 ALA ALA A . n 
A 1 139 ALA 139 139 139 ALA ALA A . n 
A 1 140 THR 140 140 140 THR THR A . n 
A 1 141 THR 141 141 141 THR THR A . n 
A 1 142 PRO 142 142 142 PRO PRO A . n 
A 1 143 ARG 143 143 143 ARG ARG A . n 
A 1 144 ARG 144 144 144 ARG ARG A . n 
A 1 145 ILE 145 145 145 ILE ILE A . n 
A 1 146 GLN 146 146 146 GLN GLN A . n 
A 1 147 VAL 147 147 147 VAL VAL A . n 
A 1 148 GLY 148 148 148 GLY GLY A . n 
A 1 149 ASN 149 149 149 ASN ASN A . n 
A 1 150 ALA 150 150 ?   ?   ?   A . n 
A 1 151 VAL 151 151 ?   ?   ?   A . n 
A 1 152 SER 152 152 ?   ?   ?   A . n 
A 1 153 ASN 153 153 ?   ?   ?   A . n 
A 1 154 ASP 154 154 ?   ?   ?   A . n 
A 1 155 VAL 155 155 ?   ?   ?   A . n 
A 1 156 ALA 156 156 ?   ?   ?   A . n 
A 1 157 LEU 157 157 ?   ?   ?   A . n 
A 1 158 GLN 158 158 ?   ?   ?   A . n 
A 1 159 SER 159 159 ?   ?   ?   A . n 
A 1 160 MET 160 160 ?   ?   ?   A . n 
# 
loop_
_pdbx_struct_assembly.id 
_pdbx_struct_assembly.details 
_pdbx_struct_assembly.method_details 
_pdbx_struct_assembly.oligomeric_details 
_pdbx_struct_assembly.oligomeric_count 
1 author_defined_assembly   ?    monomeric 1 
2 software_defined_assembly PISA dimeric   2 
3 software_defined_assembly PISA dimeric   2 
# 
loop_
_pdbx_struct_assembly_gen.assembly_id 
_pdbx_struct_assembly_gen.oper_expression 
_pdbx_struct_assembly_gen.asym_id_list 
1 1   A 
2 1,2 A 
3 1,3 A 
# 
loop_
_pdbx_struct_assembly_prop.biol_id 
_pdbx_struct_assembly_prop.type 
_pdbx_struct_assembly_prop.value 
_pdbx_struct_assembly_prop.details 
1 'ABSA (A^2)' 0     ? 
1 MORE         0     ? 
1 'SSA (A^2)'  8220  ? 
2 'ABSA (A^2)' 2920  ? 
2 MORE         -3    ? 
2 'SSA (A^2)'  13530 ? 
3 'ABSA (A^2)' 2560  ? 
3 MORE         -6    ? 
3 'SSA (A^2)'  13890 ? 
# 
loop_
_pdbx_struct_oper_list.id 
_pdbx_struct_oper_list.type 
_pdbx_struct_oper_list.name 
_pdbx_struct_oper_list.symmetry_operation 
_pdbx_struct_oper_list.matrix[1][1] 
_pdbx_struct_oper_list.matrix[1][2] 
_pdbx_struct_oper_list.matrix[1][3] 
_pdbx_struct_oper_list.vector[1] 
_pdbx_struct_oper_list.matrix[2][1] 
_pdbx_struct_oper_list.matrix[2][2] 
_pdbx_struct_oper_list.matrix[2][3] 
_pdbx_struct_oper_list.vector[2] 
_pdbx_struct_oper_list.matrix[3][1] 
_pdbx_struct_oper_list.matrix[3][2] 
_pdbx_struct_oper_list.matrix[3][3] 
_pdbx_struct_oper_list.vector[3] 
1 'identity operation'         1_555 x,y,z     1.0000000000  0.0000000000  0.0000000000 0.0000000000   0.0000000000  1.0000000000  0.0000000000  0.0000000000   0.0000000000 0.0000000000  1.0000000000  0.0000000000   
2 'crystal symmetry operation' 5_555 -x,y,-z   -0.0578399766 -0.7137161523 0.6980428290 4.1900947806   -0.7137161523 -0.4593373383 -0.5287896214 -16.6485459466 0.6980428290 -0.5287896214 -0.4828226851 -22.6778004048 
3 'crystal symmetry operation' 5_455 -x-1,y,-z -0.0578399766 -0.7137161523 0.6980428290 -15.4355301585 -0.7137161523 -0.4593373383 -0.5287896214 14.4676359142  0.6980428290 -0.5287896214 -0.4828226851 35.6260731556 
# 
loop_
_pdbx_audit_revision_history.ordinal 
_pdbx_audit_revision_history.data_content_type 
_pdbx_audit_revision_history.major_revision 
_pdbx_audit_revision_history.minor_revision 
_pdbx_audit_revision_history.revision_date 
1 'Structure model' 1 0 2017-04-12 
2 'Structure model' 1 1 2018-04-18 
3 'Structure model' 1 2 2023-09-27 
# 
_pdbx_audit_revision_details.ordinal             1 
_pdbx_audit_revision_details.revision_ordinal    1 
_pdbx_audit_revision_details.data_content_type   'Structure model' 
_pdbx_audit_revision_details.provider            repository 
_pdbx_audit_revision_details.type                'Initial release' 
_pdbx_audit_revision_details.description         ? 
_pdbx_audit_revision_details.details             ? 
# 
loop_
_pdbx_audit_revision_group.ordinal 
_pdbx_audit_revision_group.revision_ordinal 
_pdbx_audit_revision_group.data_content_type 
_pdbx_audit_revision_group.group 
1 2 'Structure model' 'Data collection'        
2 2 'Structure model' 'Database references'    
3 3 'Structure model' 'Data collection'        
4 3 'Structure model' 'Database references'    
5 3 'Structure model' 'Refinement description' 
# 
loop_
_pdbx_audit_revision_category.ordinal 
_pdbx_audit_revision_category.revision_ordinal 
_pdbx_audit_revision_category.data_content_type 
_pdbx_audit_revision_category.category 
1 2 'Structure model' citation                      
2 2 'Structure model' citation_author               
3 3 'Structure model' chem_comp_atom                
4 3 'Structure model' chem_comp_bond                
5 3 'Structure model' database_2                    
6 3 'Structure model' pdbx_initial_refinement_model 
# 
loop_
_pdbx_audit_revision_item.ordinal 
_pdbx_audit_revision_item.revision_ordinal 
_pdbx_audit_revision_item.data_content_type 
_pdbx_audit_revision_item.item 
1 2 'Structure model' '_citation.journal_abbrev'            
2 2 'Structure model' '_citation.pdbx_database_id_PubMed'   
3 2 'Structure model' '_citation.title'                     
4 2 'Structure model' '_citation_author.name'               
5 3 'Structure model' '_database_2.pdbx_DOI'                
6 3 'Structure model' '_database_2.pdbx_database_accession' 
# 
loop_
_pdbx_refine_tls.pdbx_refine_id 
_pdbx_refine_tls.id 
_pdbx_refine_tls.details 
_pdbx_refine_tls.method 
_pdbx_refine_tls.origin_x 
_pdbx_refine_tls.origin_y 
_pdbx_refine_tls.origin_z 
_pdbx_refine_tls.T[1][1] 
_pdbx_refine_tls.T[2][2] 
_pdbx_refine_tls.T[3][3] 
_pdbx_refine_tls.T[1][2] 
_pdbx_refine_tls.T[1][3] 
_pdbx_refine_tls.T[2][3] 
_pdbx_refine_tls.L[1][1] 
_pdbx_refine_tls.L[2][2] 
_pdbx_refine_tls.L[3][3] 
_pdbx_refine_tls.L[1][2] 
_pdbx_refine_tls.L[1][3] 
_pdbx_refine_tls.L[2][3] 
_pdbx_refine_tls.S[1][1] 
_pdbx_refine_tls.S[1][2] 
_pdbx_refine_tls.S[1][3] 
_pdbx_refine_tls.S[2][1] 
_pdbx_refine_tls.S[2][2] 
_pdbx_refine_tls.S[2][3] 
_pdbx_refine_tls.S[3][1] 
_pdbx_refine_tls.S[3][2] 
_pdbx_refine_tls.S[3][3] 
'X-RAY DIFFRACTION' 1 ? refined 0.0129   -0.1355 -1.9606  0.5586 0.6238 0.4516 0.0300  0.0600 -0.0589 3.9938 6.6271 6.9683 -1.6781 0.9061  1.7380  0.0516  0.5034  0.2895  -0.1459 0.2643  -0.3274 -0.6351 0.5941 -0.2099 
'X-RAY DIFFRACTION' 2 ? refined 8.2551   -1.7571 -24.5576 1.2763 0.8844 0.8469 -0.0513 0.2344 -0.1246 3.5517 5.3597 5.4030 -2.8739 1.8527  0.5539  0.1806  -0.2555 0.7229  -0.2055 0.3098  -0.8769 -1.2280 0.6739 -0.4798 
'X-RAY DIFFRACTION' 3 ? refined -0.7517  -0.2535 2.7628   0.5626 0.7143 0.4994 0.0882  0.1220 -0.0161 4.6844 6.7734 6.6816 0.6934  -0.1025 0.2299  -0.0461 -0.4360 -0.0763 -0.1013 0.7747  -0.6125 -0.4445 0.3071 -0.6144 
'X-RAY DIFFRACTION' 4 ? refined -10.7372 3.5236  31.8680  1.1385 0.7408 0.6569 0.1633  0.1657 0.0904  1.8984 3.4844 4.3929 1.4841  2.1401  -0.2354 -0.0269 -0.7020 -0.0543 1.4780  -0.0774 0.1103  -0.3555 0.4591 0.2757 
# 
loop_
_pdbx_refine_tls_group.pdbx_refine_id 
_pdbx_refine_tls_group.id 
_pdbx_refine_tls_group.refine_tls_id 
_pdbx_refine_tls_group.beg_auth_asym_id 
_pdbx_refine_tls_group.beg_auth_seq_id 
_pdbx_refine_tls_group.beg_label_asym_id 
_pdbx_refine_tls_group.beg_label_seq_id 
_pdbx_refine_tls_group.end_auth_asym_id 
_pdbx_refine_tls_group.end_auth_seq_id 
_pdbx_refine_tls_group.end_label_asym_id 
_pdbx_refine_tls_group.end_label_seq_id 
_pdbx_refine_tls_group.selection 
_pdbx_refine_tls_group.selection_details 
'X-RAY DIFFRACTION' 1 1 ? ? ? ? ? ? ? ? ? 
;chain 'A' and (resid 41 through 85 )
;
'X-RAY DIFFRACTION' 2 2 ? ? ? ? ? ? ? ? ? 
;chain 'A' and (resid 86 through 103 )
;
'X-RAY DIFFRACTION' 3 3 ? ? ? ? ? ? ? ? ? 
;chain 'A' and (resid 104 through 135 )
;
'X-RAY DIFFRACTION' 4 4 ? ? ? ? ? ? ? ? ? 
;chain 'A' and (resid 136 through 149 )
;
# 
loop_
_software.citation_id 
_software.classification 
_software.compiler_name 
_software.compiler_version 
_software.contact_author 
_software.contact_author_email 
_software.date 
_software.description 
_software.dependencies 
_software.hardware 
_software.language 
_software.location 
_software.mods 
_software.name 
_software.os 
_software.os_version 
_software.type 
_software.version 
_software.pdbx_ordinal 
? refinement       ? ? ? ? ? ? ? ? ? ? ? PHENIX ? ? ? '(1.10.1_2155: ???)' 1 
? 'data scaling'   ? ? ? ? ? ? ? ? ? ? ? SCALA  ? ? ? .                    2 
? 'data reduction' ? ? ? ? ? ? ? ? ? ? ? MOSFLM ? ? ? .                    3 
? phasing          ? ? ? ? ? ? ? ? ? ? ? BALBES ? ? ? .                    4 
# 
loop_
_pdbx_validate_torsion.id 
_pdbx_validate_torsion.PDB_model_num 
_pdbx_validate_torsion.auth_comp_id 
_pdbx_validate_torsion.auth_asym_id 
_pdbx_validate_torsion.auth_seq_id 
_pdbx_validate_torsion.PDB_ins_code 
_pdbx_validate_torsion.label_alt_id 
_pdbx_validate_torsion.phi 
_pdbx_validate_torsion.psi 
1 1 GLU A 88  ? ? -61.43  15.27  
2 1 SER A 89  ? ? -97.08  31.92  
3 1 SER A 90  ? ? -152.05 -23.88 
4 1 HIS A 107 ? ? -165.20 94.94  
# 
loop_
_pdbx_unobs_or_zero_occ_residues.id 
_pdbx_unobs_or_zero_occ_residues.PDB_model_num 
_pdbx_unobs_or_zero_occ_residues.polymer_flag 
_pdbx_unobs_or_zero_occ_residues.occupancy_flag 
_pdbx_unobs_or_zero_occ_residues.auth_asym_id 
_pdbx_unobs_or_zero_occ_residues.auth_comp_id 
_pdbx_unobs_or_zero_occ_residues.auth_seq_id 
_pdbx_unobs_or_zero_occ_residues.PDB_ins_code 
_pdbx_unobs_or_zero_occ_residues.label_asym_id 
_pdbx_unobs_or_zero_occ_residues.label_comp_id 
_pdbx_unobs_or_zero_occ_residues.label_seq_id 
1  1 Y 1 A MET 1   ? A MET 1   
2  1 Y 1 A ASN 2   ? A ASN 2   
3  1 Y 1 A VAL 3   ? A VAL 3   
4  1 Y 1 A VAL 4   ? A VAL 4   
5  1 Y 1 A ARG 5   ? A ARG 5   
6  1 Y 1 A TYR 6   ? A TYR 6   
7  1 Y 1 A THR 7   ? A THR 7   
8  1 Y 1 A PRO 8   ? A PRO 8   
9  1 Y 1 A TRP 9   ? A TRP 9   
10 1 Y 1 A PRO 10  ? A PRO 10  
11 1 Y 1 A GLY 11  ? A GLY 11  
12 1 Y 1 A GLN 12  ? A GLN 12  
13 1 Y 1 A ALA 13  ? A ALA 13  
14 1 Y 1 A ALA 14  ? A ALA 14  
15 1 Y 1 A LEU 15  ? A LEU 15  
16 1 Y 1 A GLN 16  ? A GLN 16  
17 1 Y 1 A ASN 17  ? A ASN 17  
18 1 Y 1 A GLU 18  ? A GLU 18  
19 1 Y 1 A ILE 19  ? A ILE 19  
20 1 Y 1 A LYS 20  ? A LYS 20  
21 1 Y 1 A GLN 21  ? A GLN 21  
22 1 Y 1 A VAL 22  ? A VAL 22  
23 1 Y 1 A PHE 23  ? A PHE 23  
24 1 Y 1 A ASP 24  ? A ASP 24  
25 1 Y 1 A ARG 25  ? A ARG 25  
26 1 Y 1 A PHE 26  ? A PHE 26  
27 1 Y 1 A PHE 27  ? A PHE 27  
28 1 Y 1 A GLU 28  ? A GLU 28  
29 1 Y 1 A HIS 29  ? A HIS 29  
30 1 Y 1 A ASN 30  ? A ASN 30  
31 1 Y 1 A GLY 31  ? A GLY 31  
32 1 Y 1 A ASP 32  ? A ASP 32  
33 1 Y 1 A THR 33  ? A THR 33  
34 1 Y 1 A ASP 34  ? A ASP 34  
35 1 Y 1 A GLU 35  ? A GLU 35  
36 1 Y 1 A SER 36  ? A SER 36  
37 1 Y 1 A ALA 37  ? A ALA 37  
38 1 Y 1 A VAL 38  ? A VAL 38  
39 1 Y 1 A VAL 39  ? A VAL 39  
40 1 Y 1 A THR 40  ? A THR 40  
41 1 Y 1 A ALA 150 ? A ALA 150 
42 1 Y 1 A VAL 151 ? A VAL 151 
43 1 Y 1 A SER 152 ? A SER 152 
44 1 Y 1 A ASN 153 ? A ASN 153 
45 1 Y 1 A ASP 154 ? A ASP 154 
46 1 Y 1 A VAL 155 ? A VAL 155 
47 1 Y 1 A ALA 156 ? A ALA 156 
48 1 Y 1 A LEU 157 ? A LEU 157 
49 1 Y 1 A GLN 158 ? A GLN 158 
50 1 Y 1 A SER 159 ? A SER 159 
51 1 Y 1 A MET 160 ? A MET 160 
# 
loop_
_chem_comp_atom.comp_id 
_chem_comp_atom.atom_id 
_chem_comp_atom.type_symbol 
_chem_comp_atom.pdbx_aromatic_flag 
_chem_comp_atom.pdbx_stereo_config 
_chem_comp_atom.pdbx_ordinal 
ALA N    N N N 1   
ALA CA   C N S 2   
ALA C    C N N 3   
ALA O    O N N 4   
ALA CB   C N N 5   
ALA OXT  O N N 6   
ALA H    H N N 7   
ALA H2   H N N 8   
ALA HA   H N N 9   
ALA HB1  H N N 10  
ALA HB2  H N N 11  
ALA HB3  H N N 12  
ALA HXT  H N N 13  
ARG N    N N N 14  
ARG CA   C N S 15  
ARG C    C N N 16  
ARG O    O N N 17  
ARG CB   C N N 18  
ARG CG   C N N 19  
ARG CD   C N N 20  
ARG NE   N N N 21  
ARG CZ   C N N 22  
ARG NH1  N N N 23  
ARG NH2  N N N 24  
ARG OXT  O N N 25  
ARG H    H N N 26  
ARG H2   H N N 27  
ARG HA   H N N 28  
ARG HB2  H N N 29  
ARG HB3  H N N 30  
ARG HG2  H N N 31  
ARG HG3  H N N 32  
ARG HD2  H N N 33  
ARG HD3  H N N 34  
ARG HE   H N N 35  
ARG HH11 H N N 36  
ARG HH12 H N N 37  
ARG HH21 H N N 38  
ARG HH22 H N N 39  
ARG HXT  H N N 40  
ASN N    N N N 41  
ASN CA   C N S 42  
ASN C    C N N 43  
ASN O    O N N 44  
ASN CB   C N N 45  
ASN CG   C N N 46  
ASN OD1  O N N 47  
ASN ND2  N N N 48  
ASN OXT  O N N 49  
ASN H    H N N 50  
ASN H2   H N N 51  
ASN HA   H N N 52  
ASN HB2  H N N 53  
ASN HB3  H N N 54  
ASN HD21 H N N 55  
ASN HD22 H N N 56  
ASN HXT  H N N 57  
ASP N    N N N 58  
ASP CA   C N S 59  
ASP C    C N N 60  
ASP O    O N N 61  
ASP CB   C N N 62  
ASP CG   C N N 63  
ASP OD1  O N N 64  
ASP OD2  O N N 65  
ASP OXT  O N N 66  
ASP H    H N N 67  
ASP H2   H N N 68  
ASP HA   H N N 69  
ASP HB2  H N N 70  
ASP HB3  H N N 71  
ASP HD2  H N N 72  
ASP HXT  H N N 73  
GLN N    N N N 74  
GLN CA   C N S 75  
GLN C    C N N 76  
GLN O    O N N 77  
GLN CB   C N N 78  
GLN CG   C N N 79  
GLN CD   C N N 80  
GLN OE1  O N N 81  
GLN NE2  N N N 82  
GLN OXT  O N N 83  
GLN H    H N N 84  
GLN H2   H N N 85  
GLN HA   H N N 86  
GLN HB2  H N N 87  
GLN HB3  H N N 88  
GLN HG2  H N N 89  
GLN HG3  H N N 90  
GLN HE21 H N N 91  
GLN HE22 H N N 92  
GLN HXT  H N N 93  
GLU N    N N N 94  
GLU CA   C N S 95  
GLU C    C N N 96  
GLU O    O N N 97  
GLU CB   C N N 98  
GLU CG   C N N 99  
GLU CD   C N N 100 
GLU OE1  O N N 101 
GLU OE2  O N N 102 
GLU OXT  O N N 103 
GLU H    H N N 104 
GLU H2   H N N 105 
GLU HA   H N N 106 
GLU HB2  H N N 107 
GLU HB3  H N N 108 
GLU HG2  H N N 109 
GLU HG3  H N N 110 
GLU HE2  H N N 111 
GLU HXT  H N N 112 
GLY N    N N N 113 
GLY CA   C N N 114 
GLY C    C N N 115 
GLY O    O N N 116 
GLY OXT  O N N 117 
GLY H    H N N 118 
GLY H2   H N N 119 
GLY HA2  H N N 120 
GLY HA3  H N N 121 
GLY HXT  H N N 122 
HIS N    N N N 123 
HIS CA   C N S 124 
HIS C    C N N 125 
HIS O    O N N 126 
HIS CB   C N N 127 
HIS CG   C Y N 128 
HIS ND1  N Y N 129 
HIS CD2  C Y N 130 
HIS CE1  C Y N 131 
HIS NE2  N Y N 132 
HIS OXT  O N N 133 
HIS H    H N N 134 
HIS H2   H N N 135 
HIS HA   H N N 136 
HIS HB2  H N N 137 
HIS HB3  H N N 138 
HIS HD1  H N N 139 
HIS HD2  H N N 140 
HIS HE1  H N N 141 
HIS HE2  H N N 142 
HIS HXT  H N N 143 
ILE N    N N N 144 
ILE CA   C N S 145 
ILE C    C N N 146 
ILE O    O N N 147 
ILE CB   C N S 148 
ILE CG1  C N N 149 
ILE CG2  C N N 150 
ILE CD1  C N N 151 
ILE OXT  O N N 152 
ILE H    H N N 153 
ILE H2   H N N 154 
ILE HA   H N N 155 
ILE HB   H N N 156 
ILE HG12 H N N 157 
ILE HG13 H N N 158 
ILE HG21 H N N 159 
ILE HG22 H N N 160 
ILE HG23 H N N 161 
ILE HD11 H N N 162 
ILE HD12 H N N 163 
ILE HD13 H N N 164 
ILE HXT  H N N 165 
LEU N    N N N 166 
LEU CA   C N S 167 
LEU C    C N N 168 
LEU O    O N N 169 
LEU CB   C N N 170 
LEU CG   C N N 171 
LEU CD1  C N N 172 
LEU CD2  C N N 173 
LEU OXT  O N N 174 
LEU H    H N N 175 
LEU H2   H N N 176 
LEU HA   H N N 177 
LEU HB2  H N N 178 
LEU HB3  H N N 179 
LEU HG   H N N 180 
LEU HD11 H N N 181 
LEU HD12 H N N 182 
LEU HD13 H N N 183 
LEU HD21 H N N 184 
LEU HD22 H N N 185 
LEU HD23 H N N 186 
LEU HXT  H N N 187 
LYS N    N N N 188 
LYS CA   C N S 189 
LYS C    C N N 190 
LYS O    O N N 191 
LYS CB   C N N 192 
LYS CG   C N N 193 
LYS CD   C N N 194 
LYS CE   C N N 195 
LYS NZ   N N N 196 
LYS OXT  O N N 197 
LYS H    H N N 198 
LYS H2   H N N 199 
LYS HA   H N N 200 
LYS HB2  H N N 201 
LYS HB3  H N N 202 
LYS HG2  H N N 203 
LYS HG3  H N N 204 
LYS HD2  H N N 205 
LYS HD3  H N N 206 
LYS HE2  H N N 207 
LYS HE3  H N N 208 
LYS HZ1  H N N 209 
LYS HZ2  H N N 210 
LYS HZ3  H N N 211 
LYS HXT  H N N 212 
MET N    N N N 213 
MET CA   C N S 214 
MET C    C N N 215 
MET O    O N N 216 
MET CB   C N N 217 
MET CG   C N N 218 
MET SD   S N N 219 
MET CE   C N N 220 
MET OXT  O N N 221 
MET H    H N N 222 
MET H2   H N N 223 
MET HA   H N N 224 
MET HB2  H N N 225 
MET HB3  H N N 226 
MET HG2  H N N 227 
MET HG3  H N N 228 
MET HE1  H N N 229 
MET HE2  H N N 230 
MET HE3  H N N 231 
MET HXT  H N N 232 
PHE N    N N N 233 
PHE CA   C N S 234 
PHE C    C N N 235 
PHE O    O N N 236 
PHE CB   C N N 237 
PHE CG   C Y N 238 
PHE CD1  C Y N 239 
PHE CD2  C Y N 240 
PHE CE1  C Y N 241 
PHE CE2  C Y N 242 
PHE CZ   C Y N 243 
PHE OXT  O N N 244 
PHE H    H N N 245 
PHE H2   H N N 246 
PHE HA   H N N 247 
PHE HB2  H N N 248 
PHE HB3  H N N 249 
PHE HD1  H N N 250 
PHE HD2  H N N 251 
PHE HE1  H N N 252 
PHE HE2  H N N 253 
PHE HZ   H N N 254 
PHE HXT  H N N 255 
PRO N    N N N 256 
PRO CA   C N S 257 
PRO C    C N N 258 
PRO O    O N N 259 
PRO CB   C N N 260 
PRO CG   C N N 261 
PRO CD   C N N 262 
PRO OXT  O N N 263 
PRO H    H N N 264 
PRO HA   H N N 265 
PRO HB2  H N N 266 
PRO HB3  H N N 267 
PRO HG2  H N N 268 
PRO HG3  H N N 269 
PRO HD2  H N N 270 
PRO HD3  H N N 271 
PRO HXT  H N N 272 
SER N    N N N 273 
SER CA   C N S 274 
SER C    C N N 275 
SER O    O N N 276 
SER CB   C N N 277 
SER OG   O N N 278 
SER OXT  O N N 279 
SER H    H N N 280 
SER H2   H N N 281 
SER HA   H N N 282 
SER HB2  H N N 283 
SER HB3  H N N 284 
SER HG   H N N 285 
SER HXT  H N N 286 
THR N    N N N 287 
THR CA   C N S 288 
THR C    C N N 289 
THR O    O N N 290 
THR CB   C N R 291 
THR OG1  O N N 292 
THR CG2  C N N 293 
THR OXT  O N N 294 
THR H    H N N 295 
THR H2   H N N 296 
THR HA   H N N 297 
THR HB   H N N 298 
THR HG1  H N N 299 
THR HG21 H N N 300 
THR HG22 H N N 301 
THR HG23 H N N 302 
THR HXT  H N N 303 
TRP N    N N N 304 
TRP CA   C N S 305 
TRP C    C N N 306 
TRP O    O N N 307 
TRP CB   C N N 308 
TRP CG   C Y N 309 
TRP CD1  C Y N 310 
TRP CD2  C Y N 311 
TRP NE1  N Y N 312 
TRP CE2  C Y N 313 
TRP CE3  C Y N 314 
TRP CZ2  C Y N 315 
TRP CZ3  C Y N 316 
TRP CH2  C Y N 317 
TRP OXT  O N N 318 
TRP H    H N N 319 
TRP H2   H N N 320 
TRP HA   H N N 321 
TRP HB2  H N N 322 
TRP HB3  H N N 323 
TRP HD1  H N N 324 
TRP HE1  H N N 325 
TRP HE3  H N N 326 
TRP HZ2  H N N 327 
TRP HZ3  H N N 328 
TRP HH2  H N N 329 
TRP HXT  H N N 330 
TYR N    N N N 331 
TYR CA   C N S 332 
TYR C    C N N 333 
TYR O    O N N 334 
TYR CB   C N N 335 
TYR CG   C Y N 336 
TYR CD1  C Y N 337 
TYR CD2  C Y N 338 
TYR CE1  C Y N 339 
TYR CE2  C Y N 340 
TYR CZ   C Y N 341 
TYR OH   O N N 342 
TYR OXT  O N N 343 
TYR H    H N N 344 
TYR H2   H N N 345 
TYR HA   H N N 346 
TYR HB2  H N N 347 
TYR HB3  H N N 348 
TYR HD1  H N N 349 
TYR HD2  H N N 350 
TYR HE1  H N N 351 
TYR HE2  H N N 352 
TYR HH   H N N 353 
TYR HXT  H N N 354 
VAL N    N N N 355 
VAL CA   C N S 356 
VAL C    C N N 357 
VAL O    O N N 358 
VAL CB   C N N 359 
VAL CG1  C N N 360 
VAL CG2  C N N 361 
VAL OXT  O N N 362 
VAL H    H N N 363 
VAL H2   H N N 364 
VAL HA   H N N 365 
VAL HB   H N N 366 
VAL HG11 H N N 367 
VAL HG12 H N N 368 
VAL HG13 H N N 369 
VAL HG21 H N N 370 
VAL HG22 H N N 371 
VAL HG23 H N N 372 
VAL HXT  H N N 373 
# 
loop_
_chem_comp_bond.comp_id 
_chem_comp_bond.atom_id_1 
_chem_comp_bond.atom_id_2 
_chem_comp_bond.value_order 
_chem_comp_bond.pdbx_aromatic_flag 
_chem_comp_bond.pdbx_stereo_config 
_chem_comp_bond.pdbx_ordinal 
ALA N   CA   sing N N 1   
ALA N   H    sing N N 2   
ALA N   H2   sing N N 3   
ALA CA  C    sing N N 4   
ALA CA  CB   sing N N 5   
ALA CA  HA   sing N N 6   
ALA C   O    doub N N 7   
ALA C   OXT  sing N N 8   
ALA CB  HB1  sing N N 9   
ALA CB  HB2  sing N N 10  
ALA CB  HB3  sing N N 11  
ALA OXT HXT  sing N N 12  
ARG N   CA   sing N N 13  
ARG N   H    sing N N 14  
ARG N   H2   sing N N 15  
ARG CA  C    sing N N 16  
ARG CA  CB   sing N N 17  
ARG CA  HA   sing N N 18  
ARG C   O    doub N N 19  
ARG C   OXT  sing N N 20  
ARG CB  CG   sing N N 21  
ARG CB  HB2  sing N N 22  
ARG CB  HB3  sing N N 23  
ARG CG  CD   sing N N 24  
ARG CG  HG2  sing N N 25  
ARG CG  HG3  sing N N 26  
ARG CD  NE   sing N N 27  
ARG CD  HD2  sing N N 28  
ARG CD  HD3  sing N N 29  
ARG NE  CZ   sing N N 30  
ARG NE  HE   sing N N 31  
ARG CZ  NH1  sing N N 32  
ARG CZ  NH2  doub N N 33  
ARG NH1 HH11 sing N N 34  
ARG NH1 HH12 sing N N 35  
ARG NH2 HH21 sing N N 36  
ARG NH2 HH22 sing N N 37  
ARG OXT HXT  sing N N 38  
ASN N   CA   sing N N 39  
ASN N   H    sing N N 40  
ASN N   H2   sing N N 41  
ASN CA  C    sing N N 42  
ASN CA  CB   sing N N 43  
ASN CA  HA   sing N N 44  
ASN C   O    doub N N 45  
ASN C   OXT  sing N N 46  
ASN CB  CG   sing N N 47  
ASN CB  HB2  sing N N 48  
ASN CB  HB3  sing N N 49  
ASN CG  OD1  doub N N 50  
ASN CG  ND2  sing N N 51  
ASN ND2 HD21 sing N N 52  
ASN ND2 HD22 sing N N 53  
ASN OXT HXT  sing N N 54  
ASP N   CA   sing N N 55  
ASP N   H    sing N N 56  
ASP N   H2   sing N N 57  
ASP CA  C    sing N N 58  
ASP CA  CB   sing N N 59  
ASP CA  HA   sing N N 60  
ASP C   O    doub N N 61  
ASP C   OXT  sing N N 62  
ASP CB  CG   sing N N 63  
ASP CB  HB2  sing N N 64  
ASP CB  HB3  sing N N 65  
ASP CG  OD1  doub N N 66  
ASP CG  OD2  sing N N 67  
ASP OD2 HD2  sing N N 68  
ASP OXT HXT  sing N N 69  
GLN N   CA   sing N N 70  
GLN N   H    sing N N 71  
GLN N   H2   sing N N 72  
GLN CA  C    sing N N 73  
GLN CA  CB   sing N N 74  
GLN CA  HA   sing N N 75  
GLN C   O    doub N N 76  
GLN C   OXT  sing N N 77  
GLN CB  CG   sing N N 78  
GLN CB  HB2  sing N N 79  
GLN CB  HB3  sing N N 80  
GLN CG  CD   sing N N 81  
GLN CG  HG2  sing N N 82  
GLN CG  HG3  sing N N 83  
GLN CD  OE1  doub N N 84  
GLN CD  NE2  sing N N 85  
GLN NE2 HE21 sing N N 86  
GLN NE2 HE22 sing N N 87  
GLN OXT HXT  sing N N 88  
GLU N   CA   sing N N 89  
GLU N   H    sing N N 90  
GLU N   H2   sing N N 91  
GLU CA  C    sing N N 92  
GLU CA  CB   sing N N 93  
GLU CA  HA   sing N N 94  
GLU C   O    doub N N 95  
GLU C   OXT  sing N N 96  
GLU CB  CG   sing N N 97  
GLU CB  HB2  sing N N 98  
GLU CB  HB3  sing N N 99  
GLU CG  CD   sing N N 100 
GLU CG  HG2  sing N N 101 
GLU CG  HG3  sing N N 102 
GLU CD  OE1  doub N N 103 
GLU CD  OE2  sing N N 104 
GLU OE2 HE2  sing N N 105 
GLU OXT HXT  sing N N 106 
GLY N   CA   sing N N 107 
GLY N   H    sing N N 108 
GLY N   H2   sing N N 109 
GLY CA  C    sing N N 110 
GLY CA  HA2  sing N N 111 
GLY CA  HA3  sing N N 112 
GLY C   O    doub N N 113 
GLY C   OXT  sing N N 114 
GLY OXT HXT  sing N N 115 
HIS N   CA   sing N N 116 
HIS N   H    sing N N 117 
HIS N   H2   sing N N 118 
HIS CA  C    sing N N 119 
HIS CA  CB   sing N N 120 
HIS CA  HA   sing N N 121 
HIS C   O    doub N N 122 
HIS C   OXT  sing N N 123 
HIS CB  CG   sing N N 124 
HIS CB  HB2  sing N N 125 
HIS CB  HB3  sing N N 126 
HIS CG  ND1  sing Y N 127 
HIS CG  CD2  doub Y N 128 
HIS ND1 CE1  doub Y N 129 
HIS ND1 HD1  sing N N 130 
HIS CD2 NE2  sing Y N 131 
HIS CD2 HD2  sing N N 132 
HIS CE1 NE2  sing Y N 133 
HIS CE1 HE1  sing N N 134 
HIS NE2 HE2  sing N N 135 
HIS OXT HXT  sing N N 136 
ILE N   CA   sing N N 137 
ILE N   H    sing N N 138 
ILE N   H2   sing N N 139 
ILE CA  C    sing N N 140 
ILE CA  CB   sing N N 141 
ILE CA  HA   sing N N 142 
ILE C   O    doub N N 143 
ILE C   OXT  sing N N 144 
ILE CB  CG1  sing N N 145 
ILE CB  CG2  sing N N 146 
ILE CB  HB   sing N N 147 
ILE CG1 CD1  sing N N 148 
ILE CG1 HG12 sing N N 149 
ILE CG1 HG13 sing N N 150 
ILE CG2 HG21 sing N N 151 
ILE CG2 HG22 sing N N 152 
ILE CG2 HG23 sing N N 153 
ILE CD1 HD11 sing N N 154 
ILE CD1 HD12 sing N N 155 
ILE CD1 HD13 sing N N 156 
ILE OXT HXT  sing N N 157 
LEU N   CA   sing N N 158 
LEU N   H    sing N N 159 
LEU N   H2   sing N N 160 
LEU CA  C    sing N N 161 
LEU CA  CB   sing N N 162 
LEU CA  HA   sing N N 163 
LEU C   O    doub N N 164 
LEU C   OXT  sing N N 165 
LEU CB  CG   sing N N 166 
LEU CB  HB2  sing N N 167 
LEU CB  HB3  sing N N 168 
LEU CG  CD1  sing N N 169 
LEU CG  CD2  sing N N 170 
LEU CG  HG   sing N N 171 
LEU CD1 HD11 sing N N 172 
LEU CD1 HD12 sing N N 173 
LEU CD1 HD13 sing N N 174 
LEU CD2 HD21 sing N N 175 
LEU CD2 HD22 sing N N 176 
LEU CD2 HD23 sing N N 177 
LEU OXT HXT  sing N N 178 
LYS N   CA   sing N N 179 
LYS N   H    sing N N 180 
LYS N   H2   sing N N 181 
LYS CA  C    sing N N 182 
LYS CA  CB   sing N N 183 
LYS CA  HA   sing N N 184 
LYS C   O    doub N N 185 
LYS C   OXT  sing N N 186 
LYS CB  CG   sing N N 187 
LYS CB  HB2  sing N N 188 
LYS CB  HB3  sing N N 189 
LYS CG  CD   sing N N 190 
LYS CG  HG2  sing N N 191 
LYS CG  HG3  sing N N 192 
LYS CD  CE   sing N N 193 
LYS CD  HD2  sing N N 194 
LYS CD  HD3  sing N N 195 
LYS CE  NZ   sing N N 196 
LYS CE  HE2  sing N N 197 
LYS CE  HE3  sing N N 198 
LYS NZ  HZ1  sing N N 199 
LYS NZ  HZ2  sing N N 200 
LYS NZ  HZ3  sing N N 201 
LYS OXT HXT  sing N N 202 
MET N   CA   sing N N 203 
MET N   H    sing N N 204 
MET N   H2   sing N N 205 
MET CA  C    sing N N 206 
MET CA  CB   sing N N 207 
MET CA  HA   sing N N 208 
MET C   O    doub N N 209 
MET C   OXT  sing N N 210 
MET CB  CG   sing N N 211 
MET CB  HB2  sing N N 212 
MET CB  HB3  sing N N 213 
MET CG  SD   sing N N 214 
MET CG  HG2  sing N N 215 
MET CG  HG3  sing N N 216 
MET SD  CE   sing N N 217 
MET CE  HE1  sing N N 218 
MET CE  HE2  sing N N 219 
MET CE  HE3  sing N N 220 
MET OXT HXT  sing N N 221 
PHE N   CA   sing N N 222 
PHE N   H    sing N N 223 
PHE N   H2   sing N N 224 
PHE CA  C    sing N N 225 
PHE CA  CB   sing N N 226 
PHE CA  HA   sing N N 227 
PHE C   O    doub N N 228 
PHE C   OXT  sing N N 229 
PHE CB  CG   sing N N 230 
PHE CB  HB2  sing N N 231 
PHE CB  HB3  sing N N 232 
PHE CG  CD1  doub Y N 233 
PHE CG  CD2  sing Y N 234 
PHE CD1 CE1  sing Y N 235 
PHE CD1 HD1  sing N N 236 
PHE CD2 CE2  doub Y N 237 
PHE CD2 HD2  sing N N 238 
PHE CE1 CZ   doub Y N 239 
PHE CE1 HE1  sing N N 240 
PHE CE2 CZ   sing Y N 241 
PHE CE2 HE2  sing N N 242 
PHE CZ  HZ   sing N N 243 
PHE OXT HXT  sing N N 244 
PRO N   CA   sing N N 245 
PRO N   CD   sing N N 246 
PRO N   H    sing N N 247 
PRO CA  C    sing N N 248 
PRO CA  CB   sing N N 249 
PRO CA  HA   sing N N 250 
PRO C   O    doub N N 251 
PRO C   OXT  sing N N 252 
PRO CB  CG   sing N N 253 
PRO CB  HB2  sing N N 254 
PRO CB  HB3  sing N N 255 
PRO CG  CD   sing N N 256 
PRO CG  HG2  sing N N 257 
PRO CG  HG3  sing N N 258 
PRO CD  HD2  sing N N 259 
PRO CD  HD3  sing N N 260 
PRO OXT HXT  sing N N 261 
SER N   CA   sing N N 262 
SER N   H    sing N N 263 
SER N   H2   sing N N 264 
SER CA  C    sing N N 265 
SER CA  CB   sing N N 266 
SER CA  HA   sing N N 267 
SER C   O    doub N N 268 
SER C   OXT  sing N N 269 
SER CB  OG   sing N N 270 
SER CB  HB2  sing N N 271 
SER CB  HB3  sing N N 272 
SER OG  HG   sing N N 273 
SER OXT HXT  sing N N 274 
THR N   CA   sing N N 275 
THR N   H    sing N N 276 
THR N   H2   sing N N 277 
THR CA  C    sing N N 278 
THR CA  CB   sing N N 279 
THR CA  HA   sing N N 280 
THR C   O    doub N N 281 
THR C   OXT  sing N N 282 
THR CB  OG1  sing N N 283 
THR CB  CG2  sing N N 284 
THR CB  HB   sing N N 285 
THR OG1 HG1  sing N N 286 
THR CG2 HG21 sing N N 287 
THR CG2 HG22 sing N N 288 
THR CG2 HG23 sing N N 289 
THR OXT HXT  sing N N 290 
TRP N   CA   sing N N 291 
TRP N   H    sing N N 292 
TRP N   H2   sing N N 293 
TRP CA  C    sing N N 294 
TRP CA  CB   sing N N 295 
TRP CA  HA   sing N N 296 
TRP C   O    doub N N 297 
TRP C   OXT  sing N N 298 
TRP CB  CG   sing N N 299 
TRP CB  HB2  sing N N 300 
TRP CB  HB3  sing N N 301 
TRP CG  CD1  doub Y N 302 
TRP CG  CD2  sing Y N 303 
TRP CD1 NE1  sing Y N 304 
TRP CD1 HD1  sing N N 305 
TRP CD2 CE2  doub Y N 306 
TRP CD2 CE3  sing Y N 307 
TRP NE1 CE2  sing Y N 308 
TRP NE1 HE1  sing N N 309 
TRP CE2 CZ2  sing Y N 310 
TRP CE3 CZ3  doub Y N 311 
TRP CE3 HE3  sing N N 312 
TRP CZ2 CH2  doub Y N 313 
TRP CZ2 HZ2  sing N N 314 
TRP CZ3 CH2  sing Y N 315 
TRP CZ3 HZ3  sing N N 316 
TRP CH2 HH2  sing N N 317 
TRP OXT HXT  sing N N 318 
TYR N   CA   sing N N 319 
TYR N   H    sing N N 320 
TYR N   H2   sing N N 321 
TYR CA  C    sing N N 322 
TYR CA  CB   sing N N 323 
TYR CA  HA   sing N N 324 
TYR C   O    doub N N 325 
TYR C   OXT  sing N N 326 
TYR CB  CG   sing N N 327 
TYR CB  HB2  sing N N 328 
TYR CB  HB3  sing N N 329 
TYR CG  CD1  doub Y N 330 
TYR CG  CD2  sing Y N 331 
TYR CD1 CE1  sing Y N 332 
TYR CD1 HD1  sing N N 333 
TYR CD2 CE2  doub Y N 334 
TYR CD2 HD2  sing N N 335 
TYR CE1 CZ   doub Y N 336 
TYR CE1 HE1  sing N N 337 
TYR CE2 CZ   sing Y N 338 
TYR CE2 HE2  sing N N 339 
TYR CZ  OH   sing N N 340 
TYR OH  HH   sing N N 341 
TYR OXT HXT  sing N N 342 
VAL N   CA   sing N N 343 
VAL N   H    sing N N 344 
VAL N   H2   sing N N 345 
VAL CA  C    sing N N 346 
VAL CA  CB   sing N N 347 
VAL CA  HA   sing N N 348 
VAL C   O    doub N N 349 
VAL C   OXT  sing N N 350 
VAL CB  CG1  sing N N 351 
VAL CB  CG2  sing N N 352 
VAL CB  HB   sing N N 353 
VAL CG1 HG11 sing N N 354 
VAL CG1 HG12 sing N N 355 
VAL CG1 HG13 sing N N 356 
VAL CG2 HG21 sing N N 357 
VAL CG2 HG22 sing N N 358 
VAL CG2 HG23 sing N N 359 
VAL OXT HXT  sing N N 360 
# 
_pdbx_initial_refinement_model.id               1 
_pdbx_initial_refinement_model.entity_id_list   ? 
_pdbx_initial_refinement_model.type             'experimental model' 
_pdbx_initial_refinement_model.source_name      PDB 
_pdbx_initial_refinement_model.accession_code   3GLA 
_pdbx_initial_refinement_model.details          ? 
# 
